data_7JH9
# 
_entry.id   7JH9 
# 
_audit_conform.dict_name       mmcif_pdbx.dic 
_audit_conform.dict_version    5.380 
_audit_conform.dict_location   http://mmcif.pdb.org/dictionaries/ascii/mmcif_pdbx.dic 
# 
loop_
_database_2.database_id 
_database_2.database_code 
_database_2.pdbx_database_accession 
_database_2.pdbx_DOI 
PDB   7JH9         pdb_00007jh9 10.2210/pdb7jh9/pdb 
WWPDB D_1000250246 ?            ?                   
# 
_pdbx_database_status.status_code                     REL 
_pdbx_database_status.status_code_sf                  REL 
_pdbx_database_status.status_code_mr                  ? 
_pdbx_database_status.entry_id                        7JH9 
_pdbx_database_status.recvd_initial_deposition_date   2020-07-20 
_pdbx_database_status.SG_entry                        N 
_pdbx_database_status.deposit_site                    RCSB 
_pdbx_database_status.process_site                    RCSB 
_pdbx_database_status.status_code_cs                  ? 
_pdbx_database_status.status_code_nmr_data            ? 
_pdbx_database_status.methods_development_category    ? 
_pdbx_database_status.pdb_format_compatible           Y 
# 
loop_
_audit_author.name 
_audit_author.pdbx_ordinal 
_audit_author.identifier_ORCID 
'Simmons, C.R.'      1 0000-0002-2290-6132 
'MacCulloch, T.'     2 0000-0001-5875-3361 
'Stephanopoulos, N.' 3 0000-0001-7859-410X 
'Yan, H.'            4 0000-0001-7397-9852 
# 
_citation.abstract                  ? 
_citation.abstract_id_CAS           ? 
_citation.book_id_ISBN              ? 
_citation.book_publisher            ? 
_citation.book_publisher_city       ? 
_citation.book_title                ? 
_citation.coordinate_linkage        ? 
_citation.country                   UK 
_citation.database_id_Medline       ? 
_citation.details                   ? 
_citation.id                        primary 
_citation.journal_abbrev            'Nat Commun' 
_citation.journal_id_ASTM           ? 
_citation.journal_id_CSD            ? 
_citation.journal_id_ISSN           2041-1723 
_citation.journal_full              ? 
_citation.journal_issue             ? 
_citation.journal_volume            13 
_citation.language                  ? 
_citation.page_first                3112 
_citation.page_last                 3112 
_citation.title                     'The influence of Holliday junction sequence and dynamics on DNA crystal self-assembly.' 
_citation.year                      2022 
_citation.database_id_CSD           ? 
_citation.pdbx_database_id_DOI      10.1038/s41467-022-30779-6 
_citation.pdbx_database_id_PubMed   35662248 
_citation.unpublished_flag          ? 
# 
loop_
_citation_author.citation_id 
_citation_author.name 
_citation_author.ordinal 
_citation_author.identifier_ORCID 
primary 'Simmons, C.R.'      1  ?                   
primary 'MacCulloch, T.'     2  ?                   
primary 'Krepl, M.'          3  0000-0002-9833-4281 
primary 'Matthies, M.'       4  ?                   
primary 'Buchberger, A.'     5  ?                   
primary 'Crawford, I.'       6  ?                   
primary 'Sponer, J.'         7  0000-0001-6558-6186 
primary 'Sulc, P.'           8  0000-0003-1565-6769 
primary 'Stephanopoulos, N.' 9  0000-0001-7859-410X 
primary 'Yan, H.'            10 0000-0001-7397-9852 
# 
_cell.angle_alpha                  90.000 
_cell.angle_alpha_esd              ? 
_cell.angle_beta                   90.000 
_cell.angle_beta_esd               ? 
_cell.angle_gamma                  120.000 
_cell.angle_gamma_esd              ? 
_cell.entry_id                     7JH9 
_cell.details                      ? 
_cell.formula_units_Z              ? 
_cell.length_a                     68.554 
_cell.length_a_esd                 ? 
_cell.length_b                     68.554 
_cell.length_b_esd                 ? 
_cell.length_c                     55.361 
_cell.length_c_esd                 ? 
_cell.volume                       ? 
_cell.volume_esd                   ? 
_cell.Z_PDB                        3 
_cell.reciprocal_angle_alpha       ? 
_cell.reciprocal_angle_beta        ? 
_cell.reciprocal_angle_gamma       ? 
_cell.reciprocal_angle_alpha_esd   ? 
_cell.reciprocal_angle_beta_esd    ? 
_cell.reciprocal_angle_gamma_esd   ? 
_cell.reciprocal_length_a          ? 
_cell.reciprocal_length_b          ? 
_cell.reciprocal_length_c          ? 
_cell.reciprocal_length_a_esd      ? 
_cell.reciprocal_length_b_esd      ? 
_cell.reciprocal_length_c_esd      ? 
_cell.pdbx_unique_axis             ? 
# 
_symmetry.entry_id                         7JH9 
_symmetry.cell_setting                     ? 
_symmetry.Int_Tables_number                145 
_symmetry.space_group_name_Hall            ? 
_symmetry.space_group_name_H-M             'P 32' 
_symmetry.pdbx_full_space_group_name_H-M   ? 
# 
loop_
_entity.id 
_entity.type 
_entity.src_method 
_entity.pdbx_description 
_entity.formula_weight 
_entity.pdbx_number_of_molecules 
_entity.pdbx_ec 
_entity.pdbx_mutation 
_entity.pdbx_fragment 
_entity.details 
1 polymer     syn 
;DNA (5'-D(*GP*AP*GP*CP*AP*GP*AP*CP*CP*TP*GP*A)-3')
;
3696.431 1 ? ? ? ? 
2 polymer     syn 
;DNA (5'-D(P*CP*GP*GP*CP*AP*CP*TP*CP*A)-3')
;
2700.788 1 ? ? ? ? 
3 polymer     syn 
;DNA (5'-D(P*TP*CP*AP*CP*CP*G)-3')
;
1769.193 1 ? ? ? ? 
4 polymer     syn 
;DNA (5'-D(*TP*CP*TP*GP*AP*GP*TP*GP*GP*GP*TP*CP*TP*GP*C)-3')
;
4631.993 1 ? ? ? ? 
5 non-polymer syn 'MAGNESIUM ION'                                               24.305   2 ? ? ? ? 
# 
loop_
_entity_poly.entity_id 
_entity_poly.type 
_entity_poly.nstd_linkage 
_entity_poly.nstd_monomer 
_entity_poly.pdbx_seq_one_letter_code 
_entity_poly.pdbx_seq_one_letter_code_can 
_entity_poly.pdbx_strand_id 
_entity_poly.pdbx_target_identifier 
1 polydeoxyribonucleotide no no '(DG)(DA)(DG)(DC)(DA)(DG)(DA)(DC)(DC)(DT)(DG)(DA)'             GAGCAGACCTGA    A ? 
2 polydeoxyribonucleotide no no '(DC)(DG)(DG)(DC)(DA)(DC)(DT)(DC)(DA)'                         CGGCACTCA       B ? 
3 polydeoxyribonucleotide no no '(DT)(DC)(DA)(DC)(DC)(DG)'                                     TCACCG          C ? 
4 polydeoxyribonucleotide no no '(DT)(DC)(DT)(DG)(DA)(DG)(DT)(DG)(DG)(DG)(DT)(DC)(DT)(DG)(DC)' TCTGAGTGGGTCTGC D ? 
# 
loop_
_entity_poly_seq.entity_id 
_entity_poly_seq.num 
_entity_poly_seq.mon_id 
_entity_poly_seq.hetero 
1 1  DG n 
1 2  DA n 
1 3  DG n 
1 4  DC n 
1 5  DA n 
1 6  DG n 
1 7  DA n 
1 8  DC n 
1 9  DC n 
1 10 DT n 
1 11 DG n 
1 12 DA n 
2 1  DC n 
2 2  DG n 
2 3  DG n 
2 4  DC n 
2 5  DA n 
2 6  DC n 
2 7  DT n 
2 8  DC n 
2 9  DA n 
3 1  DT n 
3 2  DC n 
3 3  DA n 
3 4  DC n 
3 5  DC n 
3 6  DG n 
4 1  DT n 
4 2  DC n 
4 3  DT n 
4 4  DG n 
4 5  DA n 
4 6  DG n 
4 7  DT n 
4 8  DG n 
4 9  DG n 
4 10 DG n 
4 11 DT n 
4 12 DC n 
4 13 DT n 
4 14 DG n 
4 15 DC n 
# 
loop_
_pdbx_entity_src_syn.entity_id 
_pdbx_entity_src_syn.pdbx_src_id 
_pdbx_entity_src_syn.pdbx_alt_source_flag 
_pdbx_entity_src_syn.pdbx_beg_seq_num 
_pdbx_entity_src_syn.pdbx_end_seq_num 
_pdbx_entity_src_syn.organism_scientific 
_pdbx_entity_src_syn.organism_common_name 
_pdbx_entity_src_syn.ncbi_taxonomy_id 
_pdbx_entity_src_syn.details 
1 1 sample 1 12 'synthetic construct' ? 32630 ? 
2 1 sample 1 9  'synthetic construct' ? 32630 ? 
3 1 sample 1 6  'synthetic construct' ? 32630 ? 
4 1 sample 1 15 'synthetic construct' ? 32630 ? 
# 
loop_
_struct_ref.id 
_struct_ref.db_name 
_struct_ref.db_code 
_struct_ref.pdbx_db_accession 
_struct_ref.pdbx_db_isoform 
_struct_ref.entity_id 
_struct_ref.pdbx_seq_one_letter_code 
_struct_ref.pdbx_align_begin 
1 PDB 7JH9 7JH9 ? 1 ? 1 
2 PDB 7JH9 7JH9 ? 2 ? 1 
3 PDB 7JH9 7JH9 ? 3 ? 1 
4 PDB 7JH9 7JH9 ? 4 ? 1 
# 
loop_
_struct_ref_seq.align_id 
_struct_ref_seq.ref_id 
_struct_ref_seq.pdbx_PDB_id_code 
_struct_ref_seq.pdbx_strand_id 
_struct_ref_seq.seq_align_beg 
_struct_ref_seq.pdbx_seq_align_beg_ins_code 
_struct_ref_seq.seq_align_end 
_struct_ref_seq.pdbx_seq_align_end_ins_code 
_struct_ref_seq.pdbx_db_accession 
_struct_ref_seq.db_align_beg 
_struct_ref_seq.pdbx_db_align_beg_ins_code 
_struct_ref_seq.db_align_end 
_struct_ref_seq.pdbx_db_align_end_ins_code 
_struct_ref_seq.pdbx_auth_seq_align_beg 
_struct_ref_seq.pdbx_auth_seq_align_end 
1 1 7JH9 A 1 ? 12 ? 7JH9 1  ? 12 ? 1  12 
2 2 7JH9 B 1 ? 9  ? 7JH9 12 ? 20 ? 12 20 
3 3 7JH9 C 1 ? 6  ? 7JH9 0  ? 5  ? 0  5  
4 4 7JH9 D 1 ? 15 ? 7JH9 2  ? 16 ? 2  16 
# 
loop_
_chem_comp.id 
_chem_comp.type 
_chem_comp.mon_nstd_flag 
_chem_comp.name 
_chem_comp.pdbx_synonyms 
_chem_comp.formula 
_chem_comp.formula_weight 
DA 'DNA linking' y "2'-DEOXYADENOSINE-5'-MONOPHOSPHATE" ? 'C10 H14 N5 O6 P' 331.222 
DC 'DNA linking' y "2'-DEOXYCYTIDINE-5'-MONOPHOSPHATE"  ? 'C9 H14 N3 O7 P'  307.197 
DG 'DNA linking' y "2'-DEOXYGUANOSINE-5'-MONOPHOSPHATE" ? 'C10 H14 N5 O7 P' 347.221 
DT 'DNA linking' y "THYMIDINE-5'-MONOPHOSPHATE"         ? 'C10 H15 N2 O8 P' 322.208 
MG non-polymer   . 'MAGNESIUM ION'                      ? 'Mg 2'            24.305  
# 
_exptl.absorpt_coefficient_mu     ? 
_exptl.absorpt_correction_T_max   ? 
_exptl.absorpt_correction_T_min   ? 
_exptl.absorpt_correction_type    ? 
_exptl.absorpt_process_details    ? 
_exptl.entry_id                   7JH9 
_exptl.crystals_number            1 
_exptl.details                    ? 
_exptl.method                     'X-RAY DIFFRACTION' 
_exptl.method_details             ? 
# 
_exptl_crystal.colour                      ? 
_exptl_crystal.density_diffrn              ? 
_exptl_crystal.density_Matthews            5.87 
_exptl_crystal.density_method              ? 
_exptl_crystal.density_percent_sol         79.04 
_exptl_crystal.description                 ? 
_exptl_crystal.F_000                       ? 
_exptl_crystal.id                          1 
_exptl_crystal.preparation                 ? 
_exptl_crystal.size_max                    ? 
_exptl_crystal.size_mid                    ? 
_exptl_crystal.size_min                    ? 
_exptl_crystal.size_rad                    ? 
_exptl_crystal.colour_lustre               ? 
_exptl_crystal.colour_modifier             ? 
_exptl_crystal.colour_primary              ? 
_exptl_crystal.density_meas                ? 
_exptl_crystal.density_meas_esd            ? 
_exptl_crystal.density_meas_gt             ? 
_exptl_crystal.density_meas_lt             ? 
_exptl_crystal.density_meas_temp           ? 
_exptl_crystal.density_meas_temp_esd       ? 
_exptl_crystal.density_meas_temp_gt        ? 
_exptl_crystal.density_meas_temp_lt        ? 
_exptl_crystal.pdbx_crystal_image_url      ? 
_exptl_crystal.pdbx_crystal_image_format   ? 
_exptl_crystal.pdbx_mosaicity              ? 
_exptl_crystal.pdbx_mosaicity_esd          ? 
# 
_exptl_crystal_grow.apparatus       ? 
_exptl_crystal_grow.atmosphere      ? 
_exptl_crystal_grow.crystal_id      1 
_exptl_crystal_grow.details         ? 
_exptl_crystal_grow.method          'VAPOR DIFFUSION, SITTING DROP' 
_exptl_crystal_grow.method_ref      ? 
_exptl_crystal_grow.pH              ? 
_exptl_crystal_grow.pressure        ? 
_exptl_crystal_grow.pressure_esd    ? 
_exptl_crystal_grow.seeding         ? 
_exptl_crystal_grow.seeding_ref     ? 
_exptl_crystal_grow.temp            298 
_exptl_crystal_grow.temp_details    'temperature gradient generated from 60 to 25 C at 0.3 degrees per hour' 
_exptl_crystal_grow.temp_esd        ? 
_exptl_crystal_grow.time            ? 
_exptl_crystal_grow.pdbx_details    
;0.5 mL of 0.05 M TRIS pH 8.0 with 200 mM MgCl2 and 15% Ethanol was added to the reservoir with 2 uL added to the drop containing 4 uL of DNA stock
;
_exptl_crystal_grow.pdbx_pH_range   ? 
# 
_diffrn.ambient_environment              ? 
_diffrn.ambient_temp                     100 
_diffrn.ambient_temp_details             ? 
_diffrn.ambient_temp_esd                 ? 
_diffrn.crystal_id                       1 
_diffrn.crystal_support                  ? 
_diffrn.crystal_treatment                ? 
_diffrn.details                          ? 
_diffrn.id                               1 
_diffrn.ambient_pressure                 ? 
_diffrn.ambient_pressure_esd             ? 
_diffrn.ambient_pressure_gt              ? 
_diffrn.ambient_pressure_lt              ? 
_diffrn.ambient_temp_gt                  ? 
_diffrn.ambient_temp_lt                  ? 
_diffrn.pdbx_serial_crystal_experiment   N 
# 
_diffrn_detector.details                      ? 
_diffrn_detector.detector                     CCD 
_diffrn_detector.diffrn_id                    1 
_diffrn_detector.type                         'ADSC QUANTUM 210r' 
_diffrn_detector.area_resol_mean              ? 
_diffrn_detector.dtime                        ? 
_diffrn_detector.pdbx_frames_total            ? 
_diffrn_detector.pdbx_collection_time_total   ? 
_diffrn_detector.pdbx_collection_date         2017-08-15 
_diffrn_detector.pdbx_frequency               ? 
# 
_diffrn_radiation.collimation                      ? 
_diffrn_radiation.diffrn_id                        1 
_diffrn_radiation.filter_edge                      ? 
_diffrn_radiation.inhomogeneity                    ? 
_diffrn_radiation.monochromator                    ? 
_diffrn_radiation.polarisn_norm                    ? 
_diffrn_radiation.polarisn_ratio                   ? 
_diffrn_radiation.probe                            ? 
_diffrn_radiation.type                             ? 
_diffrn_radiation.xray_symbol                      ? 
_diffrn_radiation.wavelength_id                    1 
_diffrn_radiation.pdbx_monochromatic_or_laue_m_l   M 
_diffrn_radiation.pdbx_wavelength_list             ? 
_diffrn_radiation.pdbx_wavelength                  ? 
_diffrn_radiation.pdbx_diffrn_protocol             'SINGLE WAVELENGTH' 
_diffrn_radiation.pdbx_analyzer                    ? 
_diffrn_radiation.pdbx_scattering_type             x-ray 
# 
_diffrn_radiation_wavelength.id           1 
_diffrn_radiation_wavelength.wavelength   1.0 
_diffrn_radiation_wavelength.wt           1.0 
# 
_diffrn_source.current                     ? 
_diffrn_source.details                     ? 
_diffrn_source.diffrn_id                   1 
_diffrn_source.power                       ? 
_diffrn_source.size                        ? 
_diffrn_source.source                      SYNCHROTRON 
_diffrn_source.target                      ? 
_diffrn_source.type                        'APS BEAMLINE 19-BM' 
_diffrn_source.voltage                     ? 
_diffrn_source.take-off_angle              ? 
_diffrn_source.pdbx_wavelength_list        1.0 
_diffrn_source.pdbx_wavelength             ? 
_diffrn_source.pdbx_synchrotron_beamline   19-BM 
_diffrn_source.pdbx_synchrotron_site       APS 
# 
_reflns.B_iso_Wilson_estimate            45.700 
_reflns.entry_id                         7JH9 
_reflns.data_reduction_details           ? 
_reflns.data_reduction_method            ? 
_reflns.d_resolution_high                3.094 
_reflns.d_resolution_low                 50.000 
_reflns.details                          ? 
_reflns.limit_h_max                      ? 
_reflns.limit_h_min                      ? 
_reflns.limit_k_max                      ? 
_reflns.limit_k_min                      ? 
_reflns.limit_l_max                      ? 
_reflns.limit_l_min                      ? 
_reflns.number_all                       ? 
_reflns.number_obs                       4420 
_reflns.observed_criterion               ? 
_reflns.observed_criterion_F_max         ? 
_reflns.observed_criterion_F_min         ? 
_reflns.observed_criterion_I_max         ? 
_reflns.observed_criterion_I_min         ? 
_reflns.observed_criterion_sigma_F       ? 
_reflns.observed_criterion_sigma_I       ? 
_reflns.percent_possible_obs             83.200 
_reflns.R_free_details                   ? 
_reflns.Rmerge_F_all                     ? 
_reflns.Rmerge_F_obs                     ? 
_reflns.Friedel_coverage                 ? 
_reflns.number_gt                        ? 
_reflns.threshold_expression             ? 
_reflns.pdbx_redundancy                  5.100 
_reflns.pdbx_Rmerge_I_obs                0.141 
_reflns.pdbx_Rmerge_I_all                ? 
_reflns.pdbx_Rsym_value                  ? 
_reflns.pdbx_netI_over_av_sigmaI         ? 
_reflns.pdbx_netI_over_sigmaI            7.300 
_reflns.pdbx_res_netI_over_av_sigmaI_2   ? 
_reflns.pdbx_res_netI_over_sigmaI_2      ? 
_reflns.pdbx_chi_squared                 3.124 
_reflns.pdbx_scaling_rejects             ? 
_reflns.pdbx_d_res_high_opt              ? 
_reflns.pdbx_d_res_low_opt               ? 
_reflns.pdbx_d_res_opt_method            ? 
_reflns.phase_calculation_details        ? 
_reflns.pdbx_Rrim_I_all                  0.156 
_reflns.pdbx_Rpim_I_all                  0.066 
_reflns.pdbx_d_opt                       ? 
_reflns.pdbx_number_measured_all         ? 
_reflns.pdbx_diffrn_id                   1 
_reflns.pdbx_ordinal                     1 
_reflns.pdbx_CC_half                     0.998 
_reflns.pdbx_CC_star                     ? 
_reflns.pdbx_R_split                     ? 
# 
loop_
_reflns_shell.d_res_high 
_reflns_shell.d_res_low 
_reflns_shell.meanI_over_sigI_all 
_reflns_shell.meanI_over_sigI_obs 
_reflns_shell.number_measured_all 
_reflns_shell.number_measured_obs 
_reflns_shell.number_possible 
_reflns_shell.number_unique_all 
_reflns_shell.number_unique_obs 
_reflns_shell.percent_possible_all 
_reflns_shell.percent_possible_obs 
_reflns_shell.Rmerge_F_all 
_reflns_shell.Rmerge_F_obs 
_reflns_shell.Rmerge_I_all 
_reflns_shell.Rmerge_I_obs 
_reflns_shell.meanI_over_sigI_gt 
_reflns_shell.meanI_over_uI_all 
_reflns_shell.meanI_over_uI_gt 
_reflns_shell.number_measured_gt 
_reflns_shell.number_unique_gt 
_reflns_shell.percent_possible_gt 
_reflns_shell.Rmerge_F_gt 
_reflns_shell.Rmerge_I_gt 
_reflns_shell.pdbx_redundancy 
_reflns_shell.pdbx_Rsym_value 
_reflns_shell.pdbx_chi_squared 
_reflns_shell.pdbx_netI_over_sigmaI_all 
_reflns_shell.pdbx_netI_over_sigmaI_obs 
_reflns_shell.pdbx_Rrim_I_all 
_reflns_shell.pdbx_Rpim_I_all 
_reflns_shell.pdbx_rejects 
_reflns_shell.pdbx_ordinal 
_reflns_shell.pdbx_diffrn_id 
_reflns_shell.pdbx_CC_half 
_reflns_shell.pdbx_CC_star 
_reflns_shell.pdbx_R_split 
3.100 3.150  ? ? ? ? ? ? 134 48.900  ? ? ? ? 0.921 ? ? ? ? ? ? ? ? 4.100 ? 1.279  ? ? 1.033 0.462 ? 1  1 0.700 ? ? 
3.150 3.210  ? ? ? ? ? ? 155 60.100  ? ? ? ? 0.286 ? ? ? ? ? ? ? ? 4.200 ? 1.483  ? ? 0.319 0.140 ? 2  1 0.980 ? ? 
3.210 3.270  ? ? ? ? ? ? 169 60.100  ? ? ? ? 0.116 ? ? ? ? ? ? ? ? 4.300 ? 2.418  ? ? 0.128 0.054 ? 3  1 0.994 ? ? 
3.270 3.340  ? ? ? ? ? ? 156 62.200  ? ? ? ? 0.335 ? ? ? ? ? ? ? ? 4.600 ? 1.554  ? ? 0.371 0.159 ? 4  1 0.962 ? ? 
3.340 3.410  ? ? ? ? ? ? 186 71.000  ? ? ? ? 0.172 ? ? ? ? ? ? ? ? 4.400 ? 1.702  ? ? 0.191 0.082 ? 5  1 0.989 ? ? 
3.410 3.490  ? ? ? ? ? ? 194 72.400  ? ? ? ? 0.287 ? ? ? ? ? ? ? ? 4.700 ? 1.667  ? ? 0.318 0.136 ? 6  1 0.982 ? ? 
3.490 3.580  ? ? ? ? ? ? 193 74.500  ? ? ? ? 0.298 ? ? ? ? ? ? ? ? 4.700 ? 1.524  ? ? 0.330 0.141 ? 7  1 0.975 ? ? 
3.580 3.680  ? ? ? ? ? ? 213 74.000  ? ? ? ? 0.352 ? ? ? ? ? ? ? ? 4.700 ? 1.370  ? ? 0.392 0.170 ? 8  1 0.951 ? ? 
3.680 3.780  ? ? ? ? ? ? 209 81.600  ? ? ? ? 0.386 ? ? ? ? ? ? ? ? 4.900 ? 1.601  ? ? 0.427 0.182 ? 9  1 0.930 ? ? 
3.780 3.910  ? ? ? ? ? ? 209 83.300  ? ? ? ? 0.452 ? ? ? ? ? ? ? ? 4.900 ? 1.451  ? ? 0.500 0.212 ? 10 1 0.942 ? ? 
3.910 4.040  ? ? ? ? ? ? 242 87.100  ? ? ? ? 0.406 ? ? ? ? ? ? ? ? 5.200 ? 1.449  ? ? 0.448 0.188 ? 11 1 0.958 ? ? 
4.040 4.210  ? ? ? ? ? ? 250 94.000  ? ? ? ? 0.343 ? ? ? ? ? ? ? ? 4.900 ? 1.459  ? ? 0.380 0.160 ? 12 1 0.962 ? ? 
4.210 4.400  ? ? ? ? ? ? 258 98.100  ? ? ? ? 0.364 ? ? ? ? ? ? ? ? 5.200 ? 1.601  ? ? 0.402 0.169 ? 13 1 0.959 ? ? 
4.400 4.630  ? ? ? ? ? ? 282 100.000 ? ? ? ? 0.391 ? ? ? ? ? ? ? ? 5.400 ? 1.500  ? ? 0.432 0.182 ? 14 1 0.955 ? ? 
4.630 4.920  ? ? ? ? ? ? 253 100.000 ? ? ? ? 0.272 ? ? ? ? ? ? ? ? 5.500 ? 1.725  ? ? 0.300 0.126 ? 15 1 0.977 ? ? 
4.920 5.300  ? ? ? ? ? ? 256 100.000 ? ? ? ? 0.190 ? ? ? ? ? ? ? ? 5.700 ? 1.786  ? ? 0.209 0.087 ? 16 1 0.985 ? ? 
5.300 5.830  ? ? ? ? ? ? 269 100.000 ? ? ? ? 0.141 ? ? ? ? ? ? ? ? 5.800 ? 2.480  ? ? 0.155 0.064 ? 17 1 0.990 ? ? 
5.830 6.670  ? ? ? ? ? ? 265 100.000 ? ? ? ? 0.128 ? ? ? ? ? ? ? ? 5.800 ? 2.336  ? ? 0.141 0.058 ? 18 1 0.992 ? ? 
6.670 8.400  ? ? ? ? ? ? 254 100.000 ? ? ? ? 0.088 ? ? ? ? ? ? ? ? 5.800 ? 3.847  ? ? 0.096 0.040 ? 19 1 0.996 ? ? 
8.400 50.000 ? ? ? ? ? ? 273 97.800  ? ? ? ? 0.088 ? ? ? ? ? ? ? ? 5.600 ? 19.803 ? ? 0.097 0.041 ? 20 1 0.986 ? ? 
# 
_refine.aniso_B[1][1]                            ? 
_refine.aniso_B[1][2]                            ? 
_refine.aniso_B[1][3]                            ? 
_refine.aniso_B[2][2]                            ? 
_refine.aniso_B[2][3]                            ? 
_refine.aniso_B[3][3]                            ? 
_refine.B_iso_max                                206.030 
_refine.B_iso_mean                               93.2065 
_refine.B_iso_min                                31.630 
_refine.correlation_coeff_Fo_to_Fc               ? 
_refine.correlation_coeff_Fo_to_Fc_free          ? 
_refine.details                                  ? 
_refine.diff_density_max                         ? 
_refine.diff_density_max_esd                     ? 
_refine.diff_density_min                         ? 
_refine.diff_density_min_esd                     ? 
_refine.diff_density_rms                         ? 
_refine.diff_density_rms_esd                     ? 
_refine.entry_id                                 7JH9 
_refine.pdbx_refine_id                           'X-RAY DIFFRACTION' 
_refine.ls_abs_structure_details                 ? 
_refine.ls_abs_structure_Flack                   ? 
_refine.ls_abs_structure_Flack_esd               ? 
_refine.ls_abs_structure_Rogers                  ? 
_refine.ls_abs_structure_Rogers_esd              ? 
_refine.ls_d_res_high                            3.0940 
_refine.ls_d_res_low                             34.2770 
_refine.ls_extinction_coef                       ? 
_refine.ls_extinction_coef_esd                   ? 
_refine.ls_extinction_expression                 ? 
_refine.ls_extinction_method                     ? 
_refine.ls_goodness_of_fit_all                   ? 
_refine.ls_goodness_of_fit_all_esd               ? 
_refine.ls_goodness_of_fit_obs                   ? 
_refine.ls_goodness_of_fit_obs_esd               ? 
_refine.ls_hydrogen_treatment                    ? 
_refine.ls_matrix_type                           ? 
_refine.ls_number_constraints                    ? 
_refine.ls_number_parameters                     ? 
_refine.ls_number_reflns_all                     ? 
_refine.ls_number_reflns_obs                     4357 
_refine.ls_number_reflns_R_free                  223 
_refine.ls_number_reflns_R_work                  4134 
_refine.ls_number_restraints                     ? 
_refine.ls_percent_reflns_obs                    82.0700 
_refine.ls_percent_reflns_R_free                 5.1200 
_refine.ls_R_factor_all                          ? 
_refine.ls_R_factor_obs                          0.2392 
_refine.ls_R_factor_R_free                       0.2580 
_refine.ls_R_factor_R_free_error                 ? 
_refine.ls_R_factor_R_free_error_details         ? 
_refine.ls_R_factor_R_work                       0.2381 
_refine.ls_R_Fsqd_factor_obs                     ? 
_refine.ls_R_I_factor_obs                        ? 
_refine.ls_redundancy_reflns_all                 ? 
_refine.ls_redundancy_reflns_obs                 ? 
_refine.ls_restrained_S_all                      ? 
_refine.ls_restrained_S_obs                      ? 
_refine.ls_shift_over_esd_max                    ? 
_refine.ls_shift_over_esd_mean                   ? 
_refine.ls_structure_factor_coef                 ? 
_refine.ls_weighting_details                     ? 
_refine.ls_weighting_scheme                      ? 
_refine.ls_wR_factor_all                         ? 
_refine.ls_wR_factor_obs                         ? 
_refine.ls_wR_factor_R_free                      ? 
_refine.ls_wR_factor_R_work                      ? 
_refine.occupancy_max                            ? 
_refine.occupancy_min                            ? 
_refine.solvent_model_details                    'FLAT BULK SOLVENT MODEL' 
_refine.solvent_model_param_bsol                 ? 
_refine.solvent_model_param_ksol                 ? 
_refine.pdbx_R_complete                          ? 
_refine.ls_R_factor_gt                           ? 
_refine.ls_goodness_of_fit_gt                    ? 
_refine.ls_goodness_of_fit_ref                   ? 
_refine.ls_shift_over_su_max                     ? 
_refine.ls_shift_over_su_max_lt                  ? 
_refine.ls_shift_over_su_mean                    ? 
_refine.ls_shift_over_su_mean_lt                 ? 
_refine.pdbx_ls_sigma_I                          ? 
_refine.pdbx_ls_sigma_F                          1.960 
_refine.pdbx_ls_sigma_Fsqd                       ? 
_refine.pdbx_data_cutoff_high_absF               ? 
_refine.pdbx_data_cutoff_high_rms_absF           ? 
_refine.pdbx_data_cutoff_low_absF                ? 
_refine.pdbx_isotropic_thermal_model             ? 
_refine.pdbx_ls_cross_valid_method               THROUGHOUT 
_refine.pdbx_method_to_determine_struct          'MOLECULAR REPLACEMENT' 
_refine.pdbx_starting_model                      6XNA 
_refine.pdbx_stereochemistry_target_values       ML 
_refine.pdbx_R_Free_selection_details            ? 
_refine.pdbx_stereochem_target_val_spec_case     ? 
_refine.pdbx_overall_ESU_R                       ? 
_refine.pdbx_overall_ESU_R_Free                  ? 
_refine.pdbx_solvent_vdw_probe_radii             1.1100 
_refine.pdbx_solvent_ion_probe_radii             ? 
_refine.pdbx_solvent_shrinkage_radii             0.9000 
_refine.pdbx_real_space_R                        ? 
_refine.pdbx_density_correlation                 ? 
_refine.pdbx_pd_number_of_powder_patterns        ? 
_refine.pdbx_pd_number_of_points                 ? 
_refine.pdbx_pd_meas_number_of_points            ? 
_refine.pdbx_pd_proc_ls_prof_R_factor            ? 
_refine.pdbx_pd_proc_ls_prof_wR_factor           ? 
_refine.pdbx_pd_Marquardt_correlation_coeff      ? 
_refine.pdbx_pd_Fsqrd_R_factor                   ? 
_refine.pdbx_pd_ls_matrix_band_width             ? 
_refine.pdbx_overall_phase_error                 32.9900 
_refine.pdbx_overall_SU_R_free_Cruickshank_DPI   ? 
_refine.pdbx_overall_SU_R_free_Blow_DPI          ? 
_refine.pdbx_overall_SU_R_Blow_DPI               ? 
_refine.pdbx_TLS_residual_ADP_flag               ? 
_refine.pdbx_diffrn_id                           1 
_refine.overall_SU_B                             ? 
_refine.overall_SU_ML                            0.1100 
_refine.overall_SU_R_Cruickshank_DPI             ? 
_refine.overall_SU_R_free                        ? 
_refine.overall_FOM_free_R_set                   ? 
_refine.overall_FOM_work_R_set                   ? 
_refine.pdbx_average_fsc_overall                 ? 
_refine.pdbx_average_fsc_work                    ? 
_refine.pdbx_average_fsc_free                    ? 
# 
_refine_hist.pdbx_refine_id                   'X-RAY DIFFRACTION' 
_refine_hist.cycle_id                         final 
_refine_hist.details                          ? 
_refine_hist.d_res_high                       3.0940 
_refine_hist.d_res_low                        34.2770 
_refine_hist.number_atoms_solvent             0 
_refine_hist.number_atoms_total               857 
_refine_hist.number_reflns_all                ? 
_refine_hist.number_reflns_obs                ? 
_refine_hist.number_reflns_R_free             ? 
_refine_hist.number_reflns_R_work             ? 
_refine_hist.R_factor_all                     ? 
_refine_hist.R_factor_obs                     ? 
_refine_hist.R_factor_R_free                  ? 
_refine_hist.R_factor_R_work                  ? 
_refine_hist.pdbx_number_residues_total       42 
_refine_hist.pdbx_B_iso_mean_ligand           57.69 
_refine_hist.pdbx_B_iso_mean_solvent          ? 
_refine_hist.pdbx_number_atoms_protein        0 
_refine_hist.pdbx_number_atoms_nucleic_acid   855 
_refine_hist.pdbx_number_atoms_ligand         2 
_refine_hist.pdbx_number_atoms_lipid          ? 
_refine_hist.pdbx_number_atoms_carb           ? 
_refine_hist.pdbx_pseudo_atom_details         ? 
# 
loop_
_refine_ls_restr.pdbx_refine_id 
_refine_ls_restr.criterion 
_refine_ls_restr.dev_ideal 
_refine_ls_restr.dev_ideal_target 
_refine_ls_restr.number 
_refine_ls_restr.rejects 
_refine_ls_restr.type 
_refine_ls_restr.weight 
_refine_ls_restr.pdbx_restraint_function 
'X-RAY DIFFRACTION' ? 0.005  ? 956  ? f_bond_d           ? ? 
'X-RAY DIFFRACTION' ? 0.694  ? 1467 ? f_angle_d          ? ? 
'X-RAY DIFFRACTION' ? 0.046  ? 166  ? f_chiral_restr     ? ? 
'X-RAY DIFFRACTION' ? 0.004  ? 42   ? f_plane_restr      ? ? 
'X-RAY DIFFRACTION' ? 34.228 ? 406  ? f_dihedral_angle_d ? ? 
# 
loop_
_refine_ls_shell.pdbx_refine_id 
_refine_ls_shell.d_res_high 
_refine_ls_shell.d_res_low 
_refine_ls_shell.number_reflns_all 
_refine_ls_shell.number_reflns_obs 
_refine_ls_shell.number_reflns_R_free 
_refine_ls_shell.number_reflns_R_work 
_refine_ls_shell.percent_reflns_obs 
_refine_ls_shell.percent_reflns_R_free 
_refine_ls_shell.R_factor_all 
_refine_ls_shell.R_factor_obs 
_refine_ls_shell.R_factor_R_free 
_refine_ls_shell.R_factor_R_free_error 
_refine_ls_shell.R_factor_R_work 
_refine_ls_shell.redundancy_reflns_all 
_refine_ls_shell.redundancy_reflns_obs 
_refine_ls_shell.wR_factor_all 
_refine_ls_shell.wR_factor_obs 
_refine_ls_shell.wR_factor_R_free 
_refine_ls_shell.wR_factor_R_work 
_refine_ls_shell.pdbx_R_complete 
_refine_ls_shell.pdbx_total_number_of_bins_used 
_refine_ls_shell.pdbx_phase_error 
_refine_ls_shell.pdbx_fsc_work 
_refine_ls_shell.pdbx_fsc_free 
'X-RAY DIFFRACTION' 3.0942 3.8975 . . 88  1672 66.0000 . . . 0.3061 0.0000 0.2832 . . . . . . . . . . . 
'X-RAY DIFFRACTION' 3.8975 34.277 . . 135 2462 98.0000 . . . 0.2431 0.0000 0.2227 . . . . . . . . . . . 
# 
_struct.entry_id                     7JH9 
_struct.title                        
'Self-assembly of a 3D DNA crystal lattice (4x6 junction version) containing the J22 immobile Holliday junction' 
_struct.pdbx_model_details           ? 
_struct.pdbx_formula_weight          ? 
_struct.pdbx_formula_weight_method   ? 
_struct.pdbx_model_type_details      ? 
_struct.pdbx_CASP_flag               N 
# 
_struct_keywords.entry_id        7JH9 
_struct_keywords.text            
'Structural DNA nanotechnology, immobile Holliday junctions, 3D DNA self-assembly, designer DNA crystals, DNA' 
_struct_keywords.pdbx_keywords   DNA 
# 
loop_
_struct_asym.id 
_struct_asym.pdbx_blank_PDB_chainid_flag 
_struct_asym.pdbx_modified 
_struct_asym.entity_id 
_struct_asym.details 
A N N 1 ? 
B N N 2 ? 
C N N 3 ? 
D N N 4 ? 
E N N 5 ? 
F N N 5 ? 
# 
loop_
_struct_conn.id 
_struct_conn.conn_type_id 
_struct_conn.pdbx_leaving_atom_flag 
_struct_conn.pdbx_PDB_id 
_struct_conn.ptnr1_label_asym_id 
_struct_conn.ptnr1_label_comp_id 
_struct_conn.ptnr1_label_seq_id 
_struct_conn.ptnr1_label_atom_id 
_struct_conn.pdbx_ptnr1_label_alt_id 
_struct_conn.pdbx_ptnr1_PDB_ins_code 
_struct_conn.pdbx_ptnr1_standard_comp_id 
_struct_conn.ptnr1_symmetry 
_struct_conn.ptnr2_label_asym_id 
_struct_conn.ptnr2_label_comp_id 
_struct_conn.ptnr2_label_seq_id 
_struct_conn.ptnr2_label_atom_id 
_struct_conn.pdbx_ptnr2_label_alt_id 
_struct_conn.pdbx_ptnr2_PDB_ins_code 
_struct_conn.ptnr1_auth_asym_id 
_struct_conn.ptnr1_auth_comp_id 
_struct_conn.ptnr1_auth_seq_id 
_struct_conn.ptnr2_auth_asym_id 
_struct_conn.ptnr2_auth_comp_id 
_struct_conn.ptnr2_auth_seq_id 
_struct_conn.ptnr2_symmetry 
_struct_conn.pdbx_ptnr3_label_atom_id 
_struct_conn.pdbx_ptnr3_label_seq_id 
_struct_conn.pdbx_ptnr3_label_comp_id 
_struct_conn.pdbx_ptnr3_label_asym_id 
_struct_conn.pdbx_ptnr3_label_alt_id 
_struct_conn.pdbx_ptnr3_PDB_ins_code 
_struct_conn.details 
_struct_conn.pdbx_dist_value 
_struct_conn.pdbx_value_order 
_struct_conn.pdbx_role 
hydrog1  hydrog ? ? A DG 3  N2 ? ? ? 1_555 D DC 15 N3 ? ? A DG 3  D DC 16 1_555 ? ? ? ? ? ? 'DG-DC PAIR'    ? ? ? 
hydrog2  hydrog ? ? A DC 4  N3 ? ? ? 1_555 D DG 14 N1 ? ? A DC 4  D DG 15 1_555 ? ? ? ? ? ? WATSON-CRICK    ? ? ? 
hydrog3  hydrog ? ? A DC 4  N4 ? ? ? 1_555 D DG 14 O6 ? ? A DC 4  D DG 15 1_555 ? ? ? ? ? ? WATSON-CRICK    ? ? ? 
hydrog4  hydrog ? ? A DC 4  O2 ? ? ? 1_555 D DG 14 N2 ? ? A DC 4  D DG 15 1_555 ? ? ? ? ? ? WATSON-CRICK    ? ? ? 
hydrog5  hydrog ? ? A DA 5  N1 ? ? ? 1_555 D DT 13 N3 ? ? A DA 5  D DT 14 1_555 ? ? ? ? ? ? WATSON-CRICK    ? ? ? 
hydrog6  hydrog ? ? A DA 5  N6 ? ? ? 1_555 D DT 13 O4 ? ? A DA 5  D DT 14 1_555 ? ? ? ? ? ? WATSON-CRICK    ? ? ? 
hydrog7  hydrog ? ? A DG 6  O6 ? ? ? 1_555 D DC 12 N4 ? ? A DG 6  D DC 13 1_555 ? ? ? ? ? ? 'DG-DC PAIR'    ? ? ? 
hydrog8  hydrog ? ? A DA 7  N1 ? ? ? 1_555 D DT 11 N3 ? ? A DA 7  D DT 12 1_555 ? ? ? ? ? ? WATSON-CRICK    ? ? ? 
hydrog9  hydrog ? ? A DA 7  N6 ? ? ? 1_555 D DT 11 O4 ? ? A DA 7  D DT 12 1_555 ? ? ? ? ? ? WATSON-CRICK    ? ? ? 
hydrog10 hydrog ? ? A DA 7  N1 ? ? ? 1_555 D DC 12 N4 ? ? A DA 7  D DC 13 1_555 ? ? ? ? ? ? 'DA-DC MISPAIR' ? ? ? 
hydrog11 hydrog ? ? A DC 8  N3 ? ? ? 1_555 D DG 10 N1 ? ? A DC 8  D DG 11 1_555 ? ? ? ? ? ? WATSON-CRICK    ? ? ? 
hydrog12 hydrog ? ? A DC 8  N4 ? ? ? 1_555 D DG 10 O6 ? ? A DC 8  D DG 11 1_555 ? ? ? ? ? ? WATSON-CRICK    ? ? ? 
hydrog13 hydrog ? ? A DC 8  O2 ? ? ? 1_555 D DG 10 N2 ? ? A DC 8  D DG 11 1_555 ? ? ? ? ? ? WATSON-CRICK    ? ? ? 
hydrog14 hydrog ? ? A DC 9  N3 ? ? ? 1_555 D DG 9  N1 ? ? A DC 9  D DG 10 1_555 ? ? ? ? ? ? WATSON-CRICK    ? ? ? 
hydrog15 hydrog ? ? A DC 9  N4 ? ? ? 1_555 D DG 9  O6 ? ? A DC 9  D DG 10 1_555 ? ? ? ? ? ? WATSON-CRICK    ? ? ? 
hydrog16 hydrog ? ? A DC 9  O2 ? ? ? 1_555 D DG 9  N2 ? ? A DC 9  D DG 10 1_555 ? ? ? ? ? ? WATSON-CRICK    ? ? ? 
hydrog17 hydrog ? ? A DT 10 N3 ? ? ? 1_555 C DA 3  N1 ? ? A DT 10 C DA 2  1_555 ? ? ? ? ? ? WATSON-CRICK    ? ? ? 
hydrog18 hydrog ? ? A DT 10 O4 ? ? ? 1_555 C DA 3  N6 ? ? A DT 10 C DA 2  1_555 ? ? ? ? ? ? WATSON-CRICK    ? ? ? 
hydrog19 hydrog ? ? A DG 11 N1 ? ? ? 1_555 C DC 2  N3 ? ? A DG 11 C DC 1  1_555 ? ? ? ? ? ? WATSON-CRICK    ? ? ? 
hydrog20 hydrog ? ? A DG 11 N2 ? ? ? 1_555 C DC 2  O2 ? ? A DG 11 C DC 1  1_555 ? ? ? ? ? ? WATSON-CRICK    ? ? ? 
hydrog21 hydrog ? ? A DG 11 O6 ? ? ? 1_555 C DC 2  N4 ? ? A DG 11 C DC 1  1_555 ? ? ? ? ? ? WATSON-CRICK    ? ? ? 
hydrog22 hydrog ? ? A DA 12 N1 ? ? ? 1_555 C DT 1  N3 ? ? A DA 12 C DT 0  1_555 ? ? ? ? ? ? WATSON-CRICK    ? ? ? 
hydrog23 hydrog ? ? A DA 12 N6 ? ? ? 1_555 C DT 1  O4 ? ? A DA 12 C DT 0  1_555 ? ? ? ? ? ? WATSON-CRICK    ? ? ? 
hydrog24 hydrog ? ? B DC 1  N4 ? ? ? 1_555 C DG 6  O6 ? ? B DC 12 C DG 5  1_555 ? ? ? ? ? ? 'DC-DG PAIR'    ? ? ? 
hydrog25 hydrog ? ? B DG 2  N1 ? ? ? 1_555 C DC 5  N3 ? ? B DG 13 C DC 4  1_555 ? ? ? ? ? ? WATSON-CRICK    ? ? ? 
hydrog26 hydrog ? ? B DG 2  N2 ? ? ? 1_555 C DC 5  O2 ? ? B DG 13 C DC 4  1_555 ? ? ? ? ? ? WATSON-CRICK    ? ? ? 
hydrog27 hydrog ? ? B DG 2  O6 ? ? ? 1_555 C DC 5  N4 ? ? B DG 13 C DC 4  1_555 ? ? ? ? ? ? WATSON-CRICK    ? ? ? 
hydrog28 hydrog ? ? B DG 3  N1 ? ? ? 1_555 C DC 4  N3 ? ? B DG 14 C DC 3  1_555 ? ? ? ? ? ? WATSON-CRICK    ? ? ? 
hydrog29 hydrog ? ? B DG 3  N2 ? ? ? 1_555 C DC 4  O2 ? ? B DG 14 C DC 3  1_555 ? ? ? ? ? ? WATSON-CRICK    ? ? ? 
hydrog30 hydrog ? ? B DG 3  O6 ? ? ? 1_555 C DC 4  N4 ? ? B DG 14 C DC 3  1_555 ? ? ? ? ? ? WATSON-CRICK    ? ? ? 
hydrog31 hydrog ? ? B DC 4  N3 ? ? ? 1_555 D DG 8  N1 ? ? B DC 15 D DG 9  1_555 ? ? ? ? ? ? WATSON-CRICK    ? ? ? 
hydrog32 hydrog ? ? B DC 4  N4 ? ? ? 1_555 D DG 8  O6 ? ? B DC 15 D DG 9  1_555 ? ? ? ? ? ? WATSON-CRICK    ? ? ? 
hydrog33 hydrog ? ? B DC 4  O2 ? ? ? 1_555 D DG 8  N2 ? ? B DC 15 D DG 9  1_555 ? ? ? ? ? ? WATSON-CRICK    ? ? ? 
hydrog34 hydrog ? ? B DA 5  N1 ? ? ? 1_555 D DT 7  N3 ? ? B DA 16 D DT 8  1_555 ? ? ? ? ? ? WATSON-CRICK    ? ? ? 
hydrog35 hydrog ? ? B DA 5  N6 ? ? ? 1_555 D DT 7  O4 ? ? B DA 16 D DT 8  1_555 ? ? ? ? ? ? WATSON-CRICK    ? ? ? 
hydrog36 hydrog ? ? B DC 6  N3 ? ? ? 1_555 D DG 6  N1 ? ? B DC 17 D DG 7  1_555 ? ? ? ? ? ? WATSON-CRICK    ? ? ? 
hydrog37 hydrog ? ? B DC 6  N4 ? ? ? 1_555 D DG 6  O6 ? ? B DC 17 D DG 7  1_555 ? ? ? ? ? ? WATSON-CRICK    ? ? ? 
hydrog38 hydrog ? ? B DC 6  O2 ? ? ? 1_555 D DG 6  N2 ? ? B DC 17 D DG 7  1_555 ? ? ? ? ? ? WATSON-CRICK    ? ? ? 
hydrog39 hydrog ? ? B DT 7  N3 ? ? ? 1_555 D DA 5  N1 ? ? B DT 18 D DA 6  1_555 ? ? ? ? ? ? WATSON-CRICK    ? ? ? 
hydrog40 hydrog ? ? B DT 7  O4 ? ? ? 1_555 D DA 5  N6 ? ? B DT 18 D DA 6  1_555 ? ? ? ? ? ? WATSON-CRICK    ? ? ? 
hydrog41 hydrog ? ? B DC 8  N3 ? ? ? 1_555 D DG 4  N1 ? ? B DC 19 D DG 5  1_555 ? ? ? ? ? ? WATSON-CRICK    ? ? ? 
hydrog42 hydrog ? ? B DC 8  N4 ? ? ? 1_555 D DG 4  O6 ? ? B DC 19 D DG 5  1_555 ? ? ? ? ? ? WATSON-CRICK    ? ? ? 
hydrog43 hydrog ? ? B DC 8  O2 ? ? ? 1_555 D DG 4  N2 ? ? B DC 19 D DG 5  1_555 ? ? ? ? ? ? WATSON-CRICK    ? ? ? 
# 
_struct_conn_type.id          hydrog 
_struct_conn_type.criteria    ? 
_struct_conn_type.reference   ? 
# 
_atom_sites.entry_id                    7JH9 
_atom_sites.Cartn_transf_matrix[1][1]   ? 
_atom_sites.Cartn_transf_matrix[1][2]   ? 
_atom_sites.Cartn_transf_matrix[1][3]   ? 
_atom_sites.Cartn_transf_matrix[2][1]   ? 
_atom_sites.Cartn_transf_matrix[2][2]   ? 
_atom_sites.Cartn_transf_matrix[2][3]   ? 
_atom_sites.Cartn_transf_matrix[3][1]   ? 
_atom_sites.Cartn_transf_matrix[3][2]   ? 
_atom_sites.Cartn_transf_matrix[3][3]   ? 
_atom_sites.Cartn_transf_vector[1]      ? 
_atom_sites.Cartn_transf_vector[2]      ? 
_atom_sites.Cartn_transf_vector[3]      ? 
_atom_sites.fract_transf_matrix[1][1]   -0.00130780 
_atom_sites.fract_transf_matrix[1][2]   -0.00254156 
_atom_sites.fract_transf_matrix[1][3]   0.01659942 
_atom_sites.fract_transf_matrix[2][1]   0.00538436 
_atom_sites.fract_transf_matrix[2][2]   0.01177563 
_atom_sites.fract_transf_matrix[2][3]   0.01077328 
_atom_sites.fract_transf_matrix[3][1]   -0.01638289 
_atom_sites.fract_transf_matrix[3][2]   0.00760638 
_atom_sites.fract_transf_matrix[3][3]   -0.00012611 
_atom_sites.fract_transf_vector[1]      0.143051 
_atom_sites.fract_transf_vector[2]      0.823379 
_atom_sites.fract_transf_vector[3]      0.120471 
_atom_sites.solution_primary            ? 
_atom_sites.solution_secondary          ? 
_atom_sites.solution_hydrogens          ? 
_atom_sites.special_details             ? 
# 
loop_
_atom_type.symbol 
C  
H  
MG 
N  
O  
P  
# 
loop_
_atom_site.group_PDB 
_atom_site.id 
_atom_site.type_symbol 
_atom_site.label_atom_id 
_atom_site.label_alt_id 
_atom_site.label_comp_id 
_atom_site.label_asym_id 
_atom_site.label_entity_id 
_atom_site.label_seq_id 
_atom_site.pdbx_PDB_ins_code 
_atom_site.Cartn_x 
_atom_site.Cartn_y 
_atom_site.Cartn_z 
_atom_site.occupancy 
_atom_site.B_iso_or_equiv 
_atom_site.pdbx_formal_charge 
_atom_site.auth_seq_id 
_atom_site.auth_comp_id 
_atom_site.auth_asym_id 
_atom_site.auth_atom_id 
_atom_site.pdbx_PDB_model_num 
ATOM   1    O  "O5'"  . DG A 1 1  ? 5.542   -24.143 -10.338 1.00 107.65 ? 1   DG A "O5'"  1 
ATOM   2    C  "C5'"  . DG A 1 1  ? 5.217   -22.773 -10.154 1.00 101.20 ? 1   DG A "C5'"  1 
ATOM   3    C  "C4'"  . DG A 1 1  ? 3.738   -22.530 -10.388 1.00 99.39  ? 1   DG A "C4'"  1 
ATOM   4    O  "O4'"  . DG A 1 1  ? 2.974   -23.441 -9.565  1.00 95.80  ? 1   DG A "O4'"  1 
ATOM   5    C  "C3'"  . DG A 1 1  ? 3.270   -21.117 -10.056 1.00 105.45 ? 1   DG A "C3'"  1 
ATOM   6    O  "O3'"  . DG A 1 1  ? 2.880   -20.442 -11.241 1.00 109.14 ? 1   DG A "O3'"  1 
ATOM   7    C  "C2'"  . DG A 1 1  ? 2.098   -21.291 -9.092  1.00 106.99 ? 1   DG A "C2'"  1 
ATOM   8    C  "C1'"  . DG A 1 1  ? 2.152   -22.747 -8.656  1.00 82.09  ? 1   DG A "C1'"  1 
ATOM   9    N  N9     . DG A 1 1  ? 2.677   -22.960 -7.309  1.00 74.58  ? 1   DG A N9     1 
ATOM   10   C  C8     . DG A 1 1  ? 3.966   -23.284 -6.957  1.00 75.81  ? 1   DG A C8     1 
ATOM   11   N  N7     . DG A 1 1  ? 4.127   -23.442 -5.671  1.00 77.45  ? 1   DG A N7     1 
ATOM   12   C  C5     . DG A 1 1  ? 2.864   -23.220 -5.141  1.00 76.00  ? 1   DG A C5     1 
ATOM   13   C  C6     . DG A 1 1  ? 2.420   -23.251 -3.798  1.00 80.65  ? 1   DG A C6     1 
ATOM   14   O  O6     . DG A 1 1  ? 3.080   -23.493 -2.777  1.00 75.67  ? 1   DG A O6     1 
ATOM   15   N  N1     . DG A 1 1  ? 1.060   -22.968 -3.697  1.00 84.99  ? 1   DG A N1     1 
ATOM   16   C  C2     . DG A 1 1  ? 0.234   -22.689 -4.759  1.00 90.31  ? 1   DG A C2     1 
ATOM   17   N  N2     . DG A 1 1  ? -1.052  -22.438 -4.462  1.00 99.08  ? 1   DG A N2     1 
ATOM   18   N  N3     . DG A 1 1  ? 0.637   -22.655 -6.023  1.00 78.37  ? 1   DG A N3     1 
ATOM   19   C  C4     . DG A 1 1  ? 1.959   -22.929 -6.137  1.00 76.65  ? 1   DG A C4     1 
ATOM   20   H  "H5'"  . DG A 1 1  ? 5.731   -22.237 -10.778 1.00 121.88 ? 1   DG A "H5'"  1 
ATOM   21   H  "H5''" . DG A 1 1  ? 5.443   -22.511 -9.248  1.00 121.88 ? 1   DG A "H5''" 1 
ATOM   22   H  "H4'"  . DG A 1 1  ? 3.539   -22.712 -11.319 1.00 119.72 ? 1   DG A "H4'"  1 
ATOM   23   H  "H3'"  . DG A 1 1  ? 3.985   -20.629 -9.619  1.00 126.99 ? 1   DG A "H3'"  1 
ATOM   24   H  "H2'"  . DG A 1 1  ? 2.204   -20.706 -8.325  1.00 128.83 ? 1   DG A "H2'"  1 
ATOM   25   H  "H2''" . DG A 1 1  ? 1.261   -21.106 -9.543  1.00 128.83 ? 1   DG A "H2''" 1 
ATOM   26   H  "H1'"  . DG A 1 1  ? 1.258   -23.117 -8.702  1.00 98.95  ? 1   DG A "H1'"  1 
ATOM   27   H  H8     . DG A 1 1  ? 4.657   -23.373 -7.573  1.00 91.41  ? 1   DG A H8     1 
ATOM   28   H  H1     . DG A 1 1  ? 0.711   -22.970 -2.911  1.00 102.43 ? 1   DG A H1     1 
ATOM   29   H  H21    . DG A 1 1  ? -1.611  -22.258 -5.089  1.00 119.34 ? 1   DG A H21    1 
ATOM   30   H  H22    . DG A 1 1  ? -1.315  -22.458 -3.643  1.00 119.34 ? 1   DG A H22    1 
ATOM   31   P  P      . DA A 1 2  ? 2.921   -18.839 -11.308 1.00 121.51 ? 2   DA A P      1 
ATOM   32   O  OP1    . DA A 1 2  ? 2.530   -18.449 -12.683 1.00 116.95 ? 2   DA A OP1    1 
ATOM   33   O  OP2    . DA A 1 2  ? 4.223   -18.409 -10.755 1.00 124.37 ? 2   DA A OP2    1 
ATOM   34   O  "O5'"  . DA A 1 2  ? 1.770   -18.381 -10.294 1.00 95.63  ? 2   DA A "O5'"  1 
ATOM   35   C  "C5'"  . DA A 1 2  ? 0.448   -18.162 -10.780 1.00 105.53 ? 2   DA A "C5'"  1 
ATOM   36   C  "C4'"  . DA A 1 2  ? -0.549  -18.099 -9.637  1.00 95.60  ? 2   DA A "C4'"  1 
ATOM   37   O  "O4'"  . DA A 1 2  ? -0.062  -18.907 -8.535  1.00 72.49  ? 2   DA A "O4'"  1 
ATOM   38   C  "C3'"  . DA A 1 2  ? -0.791  -16.700 -9.061  1.00 105.26 ? 2   DA A "C3'"  1 
ATOM   39   O  "O3'"  . DA A 1 2  ? -2.183  -16.462 -8.889  1.00 110.21 ? 2   DA A "O3'"  1 
ATOM   40   C  "C2'"  . DA A 1 2  ? -0.041  -16.724 -7.738  1.00 100.15 ? 2   DA A "C2'"  1 
ATOM   41   C  "C1'"  . DA A 1 2  ? -0.150  -18.175 -7.337  1.00 80.82  ? 2   DA A "C1'"  1 
ATOM   42   N  N9     . DA A 1 2  ? 0.909   -18.606 -6.448  1.00 81.20  ? 2   DA A N9     1 
ATOM   43   C  C8     . DA A 1 2  ? 2.226   -18.757 -6.761  1.00 84.13  ? 2   DA A C8     1 
ATOM   44   N  N7     . DA A 1 2  ? 2.965   -19.160 -5.760  1.00 88.66  ? 2   DA A N7     1 
ATOM   45   C  C5     . DA A 1 2  ? 2.071   -19.267 -4.711  1.00 85.11  ? 2   DA A C5     1 
ATOM   46   C  C6     . DA A 1 2  ? 2.233   -19.644 -3.368  1.00 93.21  ? 2   DA A C6     1 
ATOM   47   N  N6     . DA A 1 2  ? 3.412   -19.992 -2.845  1.00 96.48  ? 2   DA A N6     1 
ATOM   48   N  N1     . DA A 1 2  ? 1.135   -19.646 -2.581  1.00 95.30  ? 2   DA A N1     1 
ATOM   49   C  C2     . DA A 1 2  ? -0.042  -19.291 -3.117  1.00 95.83  ? 2   DA A C2     1 
ATOM   50   N  N3     . DA A 1 2  ? -0.315  -18.919 -4.365  1.00 91.82  ? 2   DA A N3     1 
ATOM   51   C  C4     . DA A 1 2  ? 0.797   -18.928 -5.118  1.00 85.31  ? 2   DA A C4     1 
ATOM   52   H  "H5'"  . DA A 1 2  ? 0.203   -18.887 -11.376 1.00 127.08 ? 2   DA A "H5'"  1 
ATOM   53   H  "H5''" . DA A 1 2  ? 0.422   -17.326 -11.270 1.00 127.08 ? 2   DA A "H5''" 1 
ATOM   54   H  "H4'"  . DA A 1 2  ? -1.396  -18.463 -9.941  1.00 115.16 ? 2   DA A "H4'"  1 
ATOM   55   H  "H3'"  . DA A 1 2  ? -0.409  -16.029 -9.648  1.00 126.75 ? 2   DA A "H3'"  1 
ATOM   56   H  "H2'"  . DA A 1 2  ? 0.887   -16.469 -7.862  1.00 120.62 ? 2   DA A "H2'"  1 
ATOM   57   H  "H2''" . DA A 1 2  ? -0.475  -16.152 -7.086  1.00 120.62 ? 2   DA A "H2''" 1 
ATOM   58   H  "H1'"  . DA A 1 2  ? -1.011  -18.334 -6.920  1.00 97.43  ? 2   DA A "H1'"  1 
ATOM   59   H  H8     . DA A 1 2  ? 2.566   -18.603 -7.613  1.00 101.40 ? 2   DA A H8     1 
ATOM   60   H  H61    . DA A 1 2  ? 3.465   -20.221 -2.018  1.00 116.21 ? 2   DA A H61    1 
ATOM   61   H  H62    . DA A 1 2  ? 4.119   -19.988 -3.335  1.00 116.21 ? 2   DA A H62    1 
ATOM   62   H  H2     . DA A 1 2  ? -0.767  -19.309 -2.536  1.00 115.43 ? 2   DA A H2     1 
ATOM   63   P  P      . DG A 1 3  ? -2.692  -15.128 -8.149  1.00 113.79 ? 3   DG A P      1 
ATOM   64   O  OP1    . DG A 1 3  ? -4.075  -14.854 -8.594  1.00 120.49 ? 3   DG A OP1    1 
ATOM   65   O  OP2    . DG A 1 3  ? -1.641  -14.099 -8.311  1.00 107.86 ? 3   DG A OP2    1 
ATOM   66   O  "O5'"  . DG A 1 3  ? -2.728  -15.540 -6.608  1.00 86.87  ? 3   DG A "O5'"  1 
ATOM   67   C  "C5'"  . DG A 1 3  ? -3.521  -14.802 -5.704  1.00 86.66  ? 3   DG A "C5'"  1 
ATOM   68   C  "C4'"  . DG A 1 3  ? -3.068  -15.039 -4.282  1.00 101.93 ? 3   DG A "C4'"  1 
ATOM   69   O  "O4'"  . DG A 1 3  ? -1.820  -15.757 -4.297  1.00 99.91  ? 3   DG A "O4'"  1 
ATOM   70   C  "C3'"  . DG A 1 3  ? -2.807  -13.768 -3.477  1.00 115.02 ? 3   DG A "C3'"  1 
ATOM   71   O  "O3'"  . DG A 1 3  ? -3.873  -13.536 -2.574  1.00 121.62 ? 3   DG A "O3'"  1 
ATOM   72   C  "C2'"  . DG A 1 3  ? -1.473  -14.021 -2.758  1.00 106.16 ? 3   DG A "C2'"  1 
ATOM   73   C  "C1'"  . DG A 1 3  ? -1.106  -15.454 -3.128  1.00 94.45  ? 3   DG A "C1'"  1 
ATOM   74   N  N9     . DG A 1 3  ? 0.312   -15.656 -3.396  1.00 92.91  ? 3   DG A N9     1 
ATOM   75   C  C8     . DG A 1 3  ? 0.961   -15.490 -4.598  1.00 97.81  ? 3   DG A C8     1 
ATOM   76   N  N7     . DG A 1 3  ? 2.237   -15.751 -4.539  1.00 92.72  ? 3   DG A N7     1 
ATOM   77   C  C5     . DG A 1 3  ? 2.447   -16.120 -3.217  1.00 90.36  ? 3   DG A C5     1 
ATOM   78   C  C6     . DG A 1 3  ? 3.635   -16.513 -2.560  1.00 89.91  ? 3   DG A C6     1 
ATOM   79   O  O6     . DG A 1 3  ? 4.776   -16.619 -3.033  1.00 90.45  ? 3   DG A O6     1 
ATOM   80   N  N1     . DG A 1 3  ? 3.406   -16.802 -1.215  1.00 89.46  ? 3   DG A N1     1 
ATOM   81   C  C2     . DG A 1 3  ? 2.184   -16.719 -0.590  1.00 89.70  ? 3   DG A C2     1 
ATOM   82   N  N2     . DG A 1 3  ? 2.158   -17.033 0.712   1.00 88.91  ? 3   DG A N2     1 
ATOM   83   N  N3     . DG A 1 3  ? 1.064   -16.351 -1.195  1.00 81.00  ? 3   DG A N3     1 
ATOM   84   C  C4     . DG A 1 3  ? 1.270   -16.068 -2.501  1.00 84.11  ? 3   DG A C4     1 
ATOM   85   H  "H5'"  . DG A 1 3  ? -4.447  -15.075 -5.793  1.00 104.43 ? 3   DG A "H5'"  1 
ATOM   86   H  "H5''" . DG A 1 3  ? -3.445  -13.856 -5.911  1.00 104.43 ? 3   DG A "H5''" 1 
ATOM   87   H  "H4'"  . DG A 1 3  ? -3.734  -15.572 -3.822  1.00 122.76 ? 3   DG A "H4'"  1 
ATOM   88   H  "H3'"  . DG A 1 3  ? -2.717  -13.013 -4.079  1.00 138.46 ? 3   DG A "H3'"  1 
ATOM   89   H  "H2'"  . DG A 1 3  ? -0.794  -13.406 -3.075  1.00 127.84 ? 3   DG A "H2'"  1 
ATOM   90   H  "H2''" . DG A 1 3  ? -1.585  -13.938 -1.797  1.00 127.84 ? 3   DG A "H2''" 1 
ATOM   91   H  "H1'"  . DG A 1 3  ? -1.387  -16.052 -2.417  1.00 113.78 ? 3   DG A "H1'"  1 
ATOM   92   H  H8     . DG A 1 3  ? 0.531   -15.214 -5.375  1.00 117.82 ? 3   DG A H8     1 
ATOM   93   H  H1     . DG A 1 3  ? 4.080   -17.049 -0.741  1.00 107.79 ? 3   DG A H1     1 
ATOM   94   H  H21    . DG A 1 3  ? 1.417   -17.002 1.147   1.00 107.13 ? 3   DG A H21    1 
ATOM   95   H  H22    . DG A 1 3  ? 2.882   -17.266 1.113   1.00 107.13 ? 3   DG A H22    1 
ATOM   96   P  P      . DC A 1 4  ? -4.087  -12.078 -1.943  1.00 114.70 ? 4   DC A P      1 
ATOM   97   O  OP1    . DC A 1 4  ? -5.470  -12.017 -1.419  1.00 119.80 ? 4   DC A OP1    1 
ATOM   98   O  OP2    . DC A 1 4  ? -3.633  -11.087 -2.945  1.00 114.11 ? 4   DC A OP2    1 
ATOM   99   O  "O5'"  . DC A 1 4  ? -3.069  -12.056 -0.713  1.00 114.83 ? 4   DC A "O5'"  1 
ATOM   100  C  "C5'"  . DC A 1 4  ? -3.159  -13.058 0.292   1.00 115.30 ? 4   DC A "C5'"  1 
ATOM   101  C  "C4'"  . DC A 1 4  ? -1.927  -13.055 1.179   1.00 116.76 ? 4   DC A "C4'"  1 
ATOM   102  O  "O4'"  . DC A 1 4  ? -0.801  -13.566 0.444   1.00 119.14 ? 4   DC A "O4'"  1 
ATOM   103  C  "C3'"  . DC A 1 4  ? -1.495  -11.678 1.667   1.00 124.82 ? 4   DC A "C3'"  1 
ATOM   104  O  "O3'"  . DC A 1 4  ? -2.004  -11.430 2.974   1.00 138.12 ? 4   DC A "O3'"  1 
ATOM   105  C  "C2'"  . DC A 1 4  ? 0.042   -11.721 1.635   1.00 121.61 ? 4   DC A "C2'"  1 
ATOM   106  C  "C1'"  . DC A 1 4  ? 0.380   -13.087 1.037   1.00 108.91 ? 4   DC A "C1'"  1 
ATOM   107  N  N1     . DC A 1 4  ? 1.447   -13.042 -0.004  1.00 98.18  ? 4   DC A N1     1 
ATOM   108  C  C2     . DC A 1 4  ? 2.766   -13.376 0.332   1.00 99.02  ? 4   DC A C2     1 
ATOM   109  O  O2     . DC A 1 4  ? 3.028   -13.703 1.496   1.00 101.27 ? 4   DC A O2     1 
ATOM   110  N  N3     . DC A 1 4  ? 3.719   -13.332 -0.633  1.00 100.38 ? 4   DC A N3     1 
ATOM   111  C  C4     . DC A 1 4  ? 3.393   -12.974 -1.878  1.00 101.37 ? 4   DC A C4     1 
ATOM   112  N  N4     . DC A 1 4  ? 4.365   -12.943 -2.797  1.00 93.35  ? 4   DC A N4     1 
ATOM   113  C  C5     . DC A 1 4  ? 2.056   -12.633 -2.236  1.00 96.59  ? 4   DC A C5     1 
ATOM   114  C  C6     . DC A 1 4  ? 1.126   -12.681 -1.278  1.00 95.83  ? 4   DC A C6     1 
ATOM   115  H  "H5'"  . DC A 1 4  ? -3.243  -13.926 -0.132  1.00 138.80 ? 4   DC A "H5'"  1 
ATOM   116  H  "H5''" . DC A 1 4  ? -3.944  -12.891 0.837   1.00 138.80 ? 4   DC A "H5''" 1 
ATOM   117  H  "H4'"  . DC A 1 4  ? -2.090  -13.625 1.946   1.00 140.56 ? 4   DC A "H4'"  1 
ATOM   118  H  "H3'"  . DC A 1 4  ? -1.816  -10.998 1.054   1.00 150.22 ? 4   DC A "H3'"  1 
ATOM   119  H  "H2'"  . DC A 1 4  ? 0.389   -11.011 1.072   1.00 146.38 ? 4   DC A "H2'"  1 
ATOM   120  H  "H2''" . DC A 1 4  ? 0.400   -11.648 2.533   1.00 146.38 ? 4   DC A "H2''" 1 
ATOM   121  H  "H1'"  . DC A 1 4  ? 0.650   -13.690 1.747   1.00 131.13 ? 4   DC A "H1'"  1 
ATOM   122  H  H41    . DC A 1 4  ? 4.185   -12.717 -3.606  1.00 112.46 ? 4   DC A H41    1 
ATOM   123  H  H42    . DC A 1 4  ? 5.171   -13.147 -2.577  1.00 112.46 ? 4   DC A H42    1 
ATOM   124  H  H5     . DC A 1 4  ? 1.839   -12.385 -3.107  1.00 116.35 ? 4   DC A H5     1 
ATOM   125  H  H6     . DC A 1 4  ? 0.245   -12.463 -1.484  1.00 115.44 ? 4   DC A H6     1 
ATOM   126  P  P      . DA A 1 5  ? -2.246  -9.925  3.482   1.00 128.88 ? 5   DA A P      1 
ATOM   127  O  OP1    . DA A 1 5  ? -3.471  -9.928  4.314   1.00 115.98 ? 5   DA A OP1    1 
ATOM   128  O  OP2    . DA A 1 5  ? -2.141  -9.025  2.309   1.00 110.68 ? 5   DA A OP2    1 
ATOM   129  O  "O5'"  . DA A 1 5  ? -0.994  -9.640  4.431   1.00 114.71 ? 5   DA A "O5'"  1 
ATOM   130  C  "C5'"  . DA A 1 5  ? -0.764  -10.464 5.564   1.00 116.80 ? 5   DA A "C5'"  1 
ATOM   131  C  "C4'"  . DA A 1 5  ? 0.717   -10.539 5.883   1.00 123.20 ? 5   DA A "C4'"  1 
ATOM   132  O  "O4'"  . DA A 1 5  ? 1.434   -10.951 4.703   1.00 115.20 ? 5   DA A "O4'"  1 
ATOM   133  C  "C3'"  . DA A 1 5  ? 1.354   -9.215  6.314   1.00 130.31 ? 5   DA A "C3'"  1 
ATOM   134  O  "O3'"  . DA A 1 5  ? 1.588   -9.208  7.724   1.00 135.41 ? 5   DA A "O3'"  1 
ATOM   135  C  "C2'"  . DA A 1 5  ? 2.661   -9.123  5.509   1.00 124.26 ? 5   DA A "C2'"  1 
ATOM   136  C  "C1'"  . DA A 1 5  ? 2.743   -10.450 4.764   1.00 115.84 ? 5   DA A "C1'"  1 
ATOM   137  N  N9     . DA A 1 5  ? 3.255   -10.343 3.401   1.00 109.91 ? 5   DA A N9     1 
ATOM   138  C  C8     . DA A 1 5  ? 2.567   -9.941  2.292   1.00 104.97 ? 5   DA A C8     1 
ATOM   139  N  N7     . DA A 1 5  ? 3.279   -9.958  1.190   1.00 103.24 ? 5   DA A N7     1 
ATOM   140  C  C5     . DA A 1 5  ? 4.522   -10.404 1.606   1.00 110.30 ? 5   DA A C5     1 
ATOM   141  C  C6     . DA A 1 5  ? 5.727   -10.638 0.914   1.00 112.75 ? 5   DA A C6     1 
ATOM   142  N  N6     . DA A 1 5  ? 5.871   -10.442 -0.400  1.00 104.46 ? 5   DA A N6     1 
ATOM   143  N  N1     . DA A 1 5  ? 6.782   -11.082 1.629   1.00 122.49 ? 5   DA A N1     1 
ATOM   144  C  C2     . DA A 1 5  ? 6.636   -11.274 2.945   1.00 120.27 ? 5   DA A C2     1 
ATOM   145  N  N3     . DA A 1 5  ? 5.556   -11.089 3.705   1.00 116.44 ? 5   DA A N3     1 
ATOM   146  C  C4     . DA A 1 5  ? 4.524   -10.649 2.966   1.00 111.95 ? 5   DA A C4     1 
ATOM   147  H  "H5'"  . DA A 1 5  ? -1.096  -11.357 5.382   1.00 140.60 ? 5   DA A "H5'"  1 
ATOM   148  H  "H5''" . DA A 1 5  ? -1.236  -10.096 6.328   1.00 140.60 ? 5   DA A "H5''" 1 
ATOM   149  H  "H4'"  . DA A 1 5  ? 0.856   -11.197 6.582   1.00 148.28 ? 5   DA A "H4'"  1 
ATOM   150  H  "H3'"  . DA A 1 5  ? 0.769   -8.478  6.075   1.00 156.82 ? 5   DA A "H3'"  1 
ATOM   151  H  "H2'"  . DA A 1 5  ? 2.620   -8.384  4.881   1.00 149.55 ? 5   DA A "H2'"  1 
ATOM   152  H  "H2''" . DA A 1 5  ? 3.419   -9.022  6.105   1.00 149.55 ? 5   DA A "H2''" 1 
ATOM   153  H  "H1'"  . DA A 1 5  ? 3.298   -11.065 5.267   1.00 139.45 ? 5   DA A "H1'"  1 
ATOM   154  H  H8     . DA A 1 5  ? 1.674   -9.682  2.314   1.00 126.40 ? 5   DA A H8     1 
ATOM   155  H  H61    . DA A 1 5  ? 6.628   -10.597 -0.779  1.00 125.79 ? 5   DA A H61    1 
ATOM   156  H  H62    . DA A 1 5  ? 5.207   -10.159 -0.869  1.00 125.79 ? 5   DA A H62    1 
ATOM   157  H  H2     . DA A 1 5  ? 7.392   -11.580 3.392   1.00 144.77 ? 5   DA A H2     1 
ATOM   158  P  P      . DG A 1 6  ? 2.044   -7.858  8.469   1.00 139.33 ? 6   DG A P      1 
ATOM   159  O  OP1    . DG A 1 6  ? 1.568   -7.947  9.867   1.00 119.68 ? 6   DG A OP1    1 
ATOM   160  O  OP2    . DG A 1 6  ? 1.640   -6.713  7.625   1.00 133.96 ? 6   DG A OP2    1 
ATOM   161  O  "O5'"  . DG A 1 6  ? 3.644   -7.936  8.459   1.00 134.14 ? 6   DG A "O5'"  1 
ATOM   162  C  "C5'"  . DG A 1 6  ? 4.306   -8.988  9.153   1.00 125.43 ? 6   DG A "C5'"  1 
ATOM   163  C  "C4'"  . DG A 1 6  ? 5.772   -9.072  8.757   1.00 133.17 ? 6   DG A "C4'"  1 
ATOM   164  O  "O4'"  . DG A 1 6  ? 5.881   -9.292  7.320   1.00 117.32 ? 6   DG A "O4'"  1 
ATOM   165  C  "C3'"  . DG A 1 6  ? 6.606   -7.815  9.055   1.00 138.72 ? 6   DG A "C3'"  1 
ATOM   166  O  "O3'"  . DG A 1 6  ? 7.812   -8.172  9.739   1.00 141.52 ? 6   DG A "O3'"  1 
ATOM   167  C  "C2'"  . DG A 1 6  ? 6.869   -7.229  7.670   1.00 132.95 ? 6   DG A "C2'"  1 
ATOM   168  C  "C1'"  . DG A 1 6  ? 6.911   -8.477  6.816   1.00 119.00 ? 6   DG A "C1'"  1 
ATOM   169  N  N9     . DG A 1 6  ? 6.696   -8.247  5.391   1.00 109.85 ? 6   DG A N9     1 
ATOM   170  C  C8     . DG A 1 6  ? 5.533   -7.847  4.779   1.00 111.81 ? 6   DG A C8     1 
ATOM   171  N  N7     . DG A 1 6  ? 5.642   -7.734  3.483   1.00 114.20 ? 6   DG A N7     1 
ATOM   172  C  C5     . DG A 1 6  ? 6.962   -8.080  3.220   1.00 114.49 ? 6   DG A C5     1 
ATOM   173  C  C6     . DG A 1 6  ? 7.663   -8.146  1.990   1.00 109.56 ? 6   DG A C6     1 
ATOM   174  O  O6     . DG A 1 6  ? 7.242   -7.898  0.851   1.00 101.49 ? 6   DG A O6     1 
ATOM   175  N  N1     . DG A 1 6  ? 8.987   -8.543  2.171   1.00 108.35 ? 6   DG A N1     1 
ATOM   176  C  C2     . DG A 1 6  ? 9.557   -8.844  3.385   1.00 117.16 ? 6   DG A C2     1 
ATOM   177  N  N2     . DG A 1 6  ? 10.847  -9.208  3.362   1.00 119.81 ? 6   DG A N2     1 
ATOM   178  N  N3     . DG A 1 6  ? 8.911   -8.788  4.544   1.00 114.52 ? 6   DG A N3     1 
ATOM   179  C  C4     . DG A 1 6  ? 7.622   -8.401  4.385   1.00 113.33 ? 6   DG A C4     1 
ATOM   180  H  "H5'"  . DG A 1 6  ? 3.871   -9.829  8.942   1.00 150.95 ? 6   DG A "H5'"  1 
ATOM   181  H  "H5''" . DG A 1 6  ? 4.243   -8.827  10.107  1.00 150.95 ? 6   DG A "H5''" 1 
ATOM   182  H  "H4'"  . DG A 1 6  ? 6.173   -9.827  9.217   1.00 160.24 ? 6   DG A "H4'"  1 
ATOM   183  H  "H3'"  . DG A 1 6  ? 6.088   -7.192  9.589   1.00 166.91 ? 6   DG A "H3'"  1 
ATOM   184  H  "H2'"  . DG A 1 6  ? 6.144   -6.645  7.396   1.00 159.98 ? 6   DG A "H2'"  1 
ATOM   185  H  "H2''" . DG A 1 6  ? 7.719   -6.762  7.646   1.00 159.98 ? 6   DG A "H2''" 1 
ATOM   186  H  "H1'"  . DG A 1 6  ? 7.764   -8.922  6.942   1.00 143.24 ? 6   DG A "H1'"  1 
ATOM   187  H  H8     . DG A 1 6  ? 4.745   -7.675  5.242   1.00 134.61 ? 6   DG A H8     1 
ATOM   188  H  H1     . DG A 1 6  ? 9.483   -8.608  1.471   1.00 130.47 ? 6   DG A H1     1 
ATOM   189  H  H21    . DG A 1 6  ? 11.252  -9.404  4.095   1.00 144.22 ? 6   DG A H21    1 
ATOM   190  H  H22    . DG A 1 6  ? 11.270  -9.247  2.614   1.00 144.22 ? 6   DG A H22    1 
ATOM   191  P  P      . DA A 1 7  ? 8.823   -7.045  10.282  1.00 143.04 ? 7   DA A P      1 
ATOM   192  O  OP1    . DA A 1 7  ? 8.844   -7.151  11.758  1.00 140.42 ? 7   DA A OP1    1 
ATOM   193  O  OP2    . DA A 1 7  ? 8.484   -5.756  9.639   1.00 136.55 ? 7   DA A OP2    1 
ATOM   194  O  "O5'"  . DA A 1 7  ? 10.247  -7.514  9.723   1.00 131.34 ? 7   DA A "O5'"  1 
ATOM   195  C  "C5'"  . DA A 1 7  ? 10.361  -7.996  8.392   1.00 126.65 ? 7   DA A "C5'"  1 
ATOM   196  C  "C4'"  . DA A 1 7  ? 11.696  -7.617  7.779   1.00 128.54 ? 7   DA A "C4'"  1 
ATOM   197  O  "O4'"  . DA A 1 7  ? 11.534  -7.473  6.340   1.00 127.84 ? 7   DA A "O4'"  1 
ATOM   198  C  "C3'"  . DA A 1 7  ? 12.266  -6.284  8.238   1.00 131.75 ? 7   DA A "C3'"  1 
ATOM   199  O  "O3'"  . DA A 1 7  ? 13.686  -6.273  8.102   1.00 142.73 ? 7   DA A "O3'"  1 
ATOM   200  C  "C2'"  . DA A 1 7  ? 11.581  -5.317  7.290   1.00 131.80 ? 7   DA A "C2'"  1 
ATOM   201  C  "C1'"  . DA A 1 7  ? 11.609  -6.098  5.981   1.00 122.61 ? 7   DA A "C1'"  1 
ATOM   202  N  N9     . DA A 1 7  ? 10.509  -5.787  5.071   1.00 112.01 ? 7   DA A N9     1 
ATOM   203  C  C8     . DA A 1 7  ? 9.216   -5.488  5.407   1.00 115.71 ? 7   DA A C8     1 
ATOM   204  N  N7     . DA A 1 7  ? 8.442   -5.251  4.375   1.00 114.17 ? 7   DA A N7     1 
ATOM   205  C  C5     . DA A 1 7  ? 9.283   -5.409  3.285   1.00 113.61 ? 7   DA A C5     1 
ATOM   206  C  C6     . DA A 1 7  ? 9.071   -5.294  1.896   1.00 114.29 ? 7   DA A C6     1 
ATOM   207  N  N6     . DA A 1 7  ? 7.886   -4.983  1.357   1.00 111.48 ? 7   DA A N6     1 
ATOM   208  N  N1     . DA A 1 7  ? 10.124  -5.518  1.081   1.00 111.94 ? 7   DA A N1     1 
ATOM   209  C  C2     . DA A 1 7  ? 11.306  -5.831  1.626   1.00 115.49 ? 7   DA A C2     1 
ATOM   210  N  N3     . DA A 1 7  ? 11.628  -5.965  2.913   1.00 110.90 ? 7   DA A N3     1 
ATOM   211  C  C4     . DA A 1 7  ? 10.561  -5.737  3.697   1.00 109.17 ? 7   DA A C4     1 
ATOM   212  H  "H5'"  . DA A 1 7  ? 9.647   -7.618  7.856   1.00 152.42 ? 7   DA A "H5'"  1 
ATOM   213  H  "H5''" . DA A 1 7  ? 10.277  -8.962  8.395   1.00 152.42 ? 7   DA A "H5''" 1 
ATOM   214  H  "H4'"  . DA A 1 7  ? 12.340  -8.318  7.960   1.00 154.68 ? 7   DA A "H4'"  1 
ATOM   215  H  "H3'"  . DA A 1 7  ? 12.007  -6.101  9.155   1.00 158.55 ? 7   DA A "H3'"  1 
ATOM   216  H  "H2'"  . DA A 1 7  ? 10.669  -5.143  7.571   1.00 158.60 ? 7   DA A "H2'"  1 
ATOM   217  H  "H2''" . DA A 1 7  ? 12.087  -4.493  7.212   1.00 158.60 ? 7   DA A "H2''" 1 
ATOM   218  H  "H1'"  . DA A 1 7  ? 12.452  -5.933  5.530   1.00 147.57 ? 7   DA A "H1'"  1 
ATOM   219  H  H8     . DA A 1 7  ? 8.914   -5.451  6.286   1.00 139.29 ? 7   DA A H8     1 
ATOM   220  H  H61    . DA A 1 7  ? 7.806   -4.924  0.503   1.00 134.22 ? 7   DA A H61    1 
ATOM   221  H  H62    . DA A 1 7  ? 7.207   -4.842  1.865   1.00 134.22 ? 7   DA A H62    1 
ATOM   222  H  H2     . DA A 1 7  ? 12.000  -5.973  1.023   1.00 139.03 ? 7   DA A H2     1 
ATOM   223  P  P      . DC A 1 8  ? 14.552  -5.009  8.590   1.00 156.63 ? 8   DC A P      1 
ATOM   224  O  OP1    . DC A 1 8  ? 15.504  -5.489  9.617   1.00 145.98 ? 8   DC A OP1    1 
ATOM   225  O  OP2    . DC A 1 8  ? 13.617  -3.910  8.916   1.00 145.28 ? 8   DC A OP2    1 
ATOM   226  O  "O5'"  . DC A 1 8  ? 15.371  -4.581  7.282   1.00 124.40 ? 8   DC A "O5'"  1 
ATOM   227  C  "C5'"  . DC A 1 8  ? 14.818  -3.639  6.378   1.00 106.47 ? 8   DC A "C5'"  1 
ATOM   228  C  "C4'"  . DC A 1 8  ? 15.339  -3.859  4.972   1.00 109.47 ? 8   DC A "C4'"  1 
ATOM   229  O  "O4'"  . DC A 1 8  ? 14.221  -4.149  4.083   1.00 119.79 ? 8   DC A "O4'"  1 
ATOM   230  C  "C3'"  . DC A 1 8  ? 16.033  -2.653  4.358   1.00 118.71 ? 8   DC A "C3'"  1 
ATOM   231  O  "O3'"  . DC A 1 8  ? 17.029  -3.063  3.421   1.00 128.90 ? 8   DC A "O3'"  1 
ATOM   232  C  "C2'"  . DC A 1 8  ? 14.871  -1.929  3.702   1.00 112.61 ? 8   DC A "C2'"  1 
ATOM   233  C  "C1'"  . DC A 1 8  ? 14.059  -3.090  3.152   1.00 103.51 ? 8   DC A "C1'"  1 
ATOM   234  N  N1     . DC A 1 8  ? 12.603  -2.794  3.001   1.00 102.42 ? 8   DC A N1     1 
ATOM   235  C  C2     . DC A 1 8  ? 12.036  -2.706  1.721   1.00 97.45  ? 8   DC A C2     1 
ATOM   236  O  O2     . DC A 1 8  ? 12.752  -2.877  0.726   1.00 87.39  ? 8   DC A O2     1 
ATOM   237  N  N3     . DC A 1 8  ? 10.712  -2.434  1.609   1.00 94.81  ? 8   DC A N3     1 
ATOM   238  C  C4     . DC A 1 8  ? 9.972   -2.254  2.705   1.00 99.51  ? 8   DC A C4     1 
ATOM   239  N  N4     . DC A 1 8  ? 8.670   -1.992  2.546   1.00 96.39  ? 8   DC A N4     1 
ATOM   240  C  C5     . DC A 1 8  ? 10.531  -2.341  4.013   1.00 105.94 ? 8   DC A C5     1 
ATOM   241  C  C6     . DC A 1 8  ? 11.836  -2.609  4.113   1.00 107.18 ? 8   DC A C6     1 
ATOM   242  H  "H5'"  . DC A 1 8  ? 15.054  -2.744  6.668   1.00 128.20 ? 8   DC A "H5'"  1 
ATOM   243  H  "H5''" . DC A 1 8  ? 13.852  -3.729  6.377   1.00 128.20 ? 8   DC A "H5''" 1 
ATOM   244  H  "H4'"  . DC A 1 8  ? 15.950  -4.613  4.973   1.00 131.81 ? 8   DC A "H4'"  1 
ATOM   245  H  "H3'"  . DC A 1 8  ? 16.426  -2.102  5.052   1.00 142.90 ? 8   DC A "H3'"  1 
ATOM   246  H  "H2'"  . DC A 1 8  ? 14.360  -1.428  4.357   1.00 135.58 ? 8   DC A "H2'"  1 
ATOM   247  H  "H2''" . DC A 1 8  ? 15.182  -1.354  2.984   1.00 135.58 ? 8   DC A "H2''" 1 
ATOM   248  H  "H1'"  . DC A 1 8  ? 14.423  -3.358  2.293   1.00 124.65 ? 8   DC A "H1'"  1 
ATOM   249  H  H41    . DC A 1 8  ? 8.170   -1.869  3.234   1.00 116.11 ? 8   DC A H41    1 
ATOM   250  H  H42    . DC A 1 8  ? 8.335   -1.946  1.755   1.00 116.11 ? 8   DC A H42    1 
ATOM   251  H  H5     . DC A 1 8  ? 10.006  -2.215  4.771   1.00 127.57 ? 8   DC A H5     1 
ATOM   252  H  H6     . DC A 1 8  ? 12.228  -2.669  4.954   1.00 129.06 ? 8   DC A H6     1 
ATOM   253  P  P      . DC A 1 9  ? 18.302  -2.128  3.125   1.00 139.09 ? 9   DC A P      1 
ATOM   254  O  OP1    . DC A 1 9  ? 19.517  -2.953  3.312   1.00 160.05 ? 9   DC A OP1    1 
ATOM   255  O  OP2    . DC A 1 9  ? 18.129  -0.875  3.893   1.00 123.94 ? 9   DC A OP2    1 
ATOM   256  O  "O5'"  . DC A 1 9  ? 18.157  -1.771  1.575   1.00 108.65 ? 9   DC A "O5'"  1 
ATOM   257  C  "C5'"  . DC A 1 9  ? 16.892  -1.394  1.068   1.00 105.10 ? 9   DC A "C5'"  1 
ATOM   258  C  "C4'"  . DC A 1 9  ? 16.963  -1.070  -0.407  1.00 114.02 ? 9   DC A "C4'"  1 
ATOM   259  O  "O4'"  . DC A 1 9  ? 15.614  -1.012  -0.946  1.00 109.97 ? 9   DC A "O4'"  1 
ATOM   260  C  "C3'"  . DC A 1 9  ? 17.562  0.282   -0.735  1.00 107.43 ? 9   DC A "C3'"  1 
ATOM   261  O  "O3'"  . DC A 1 9  ? 18.073  0.292   -2.071  1.00 95.31  ? 9   DC A "O3'"  1 
ATOM   262  C  "C2'"  . DC A 1 9  ? 16.356  1.191   -0.542  1.00 104.00 ? 9   DC A "C2'"  1 
ATOM   263  C  "C1'"  . DC A 1 9  ? 15.229  0.344   -1.127  1.00 97.95  ? 9   DC A "C1'"  1 
ATOM   264  N  N1     . DC A 1 9  ? 13.904  0.559   -0.467  1.00 87.85  ? 9   DC A N1     1 
ATOM   265  C  C2     . DC A 1 9  ? 12.834  1.080   -1.205  1.00 79.09  ? 9   DC A C2     1 
ATOM   266  O  O2     . DC A 1 9  ? 13.002  1.354   -2.401  1.00 74.62  ? 9   DC A O2     1 
ATOM   267  N  N3     . DC A 1 9  ? 11.641  1.269   -0.587  1.00 72.40  ? 9   DC A N3     1 
ATOM   268  C  C4     . DC A 1 9  ? 11.501  0.964   0.705   1.00 77.77  ? 9   DC A C4     1 
ATOM   269  N  N4     . DC A 1 9  ? 10.309  1.169   1.273   1.00 76.64  ? 9   DC A N4     1 
ATOM   270  C  C5     . DC A 1 9  ? 12.580  0.436   1.473   1.00 85.29  ? 9   DC A C5     1 
ATOM   271  C  C6     . DC A 1 9  ? 13.750  0.250   0.852   1.00 85.87  ? 9   DC A C6     1 
ATOM   272  H  "H5'"  . DC A 1 9  ? 16.578  -0.612  1.549   1.00 126.56 ? 9   DC A "H5'"  1 
ATOM   273  H  "H5''" . DC A 1 9  ? 16.266  -2.121  1.203   1.00 126.56 ? 9   DC A "H5''" 1 
ATOM   274  H  "H4'"  . DC A 1 9  ? 17.462  -1.763  -0.865  1.00 137.27 ? 9   DC A "H4'"  1 
ATOM   275  H  "H3'"  . DC A 1 9  ? 18.261  0.506   -0.100  1.00 129.36 ? 9   DC A "H3'"  1 
ATOM   276  H  "H2'"  . DC A 1 9  ? 16.204  1.367   0.400   1.00 125.25 ? 9   DC A "H2'"  1 
ATOM   277  H  "H2''" . DC A 1 9  ? 16.462  2.017   -1.040  1.00 125.25 ? 9   DC A "H2''" 1 
ATOM   278  H  "H1'"  . DC A 1 9  ? 15.148  0.530   -2.075  1.00 117.99 ? 9   DC A "H1'"  1 
ATOM   279  H  H41    . DC A 1 9  ? 10.191  0.983   2.105   1.00 92.41  ? 9   DC A H41    1 
ATOM   280  H  H42    . DC A 1 9  ? 9.660   1.488   0.808   1.00 92.41  ? 9   DC A H42    1 
ATOM   281  H  H5     . DC A 1 9  ? 12.472  0.224   2.371   1.00 102.79 ? 9   DC A H5     1 
ATOM   282  H  H6     . DC A 1 9  ? 14.471  -0.094  1.330   1.00 103.48 ? 9   DC A H6     1 
ATOM   283  P  P      . DT A 1 10 ? 18.190  1.665   -2.894  1.00 121.60 ? 10  DT A P      1 
ATOM   284  O  OP1    . DT A 1 10 ? 18.939  1.379   -4.138  1.00 120.16 ? 10  DT A OP1    1 
ATOM   285  O  OP2    . DT A 1 10 ? 18.685  2.702   -1.961  1.00 113.76 ? 10  DT A OP2    1 
ATOM   286  O  "O5'"  . DT A 1 10 ? 16.668  2.020   -3.256  1.00 104.71 ? 10  DT A "O5'"  1 
ATOM   287  C  "C5'"  . DT A 1 10 ? 16.115  1.624   -4.503  1.00 104.43 ? 10  DT A "C5'"  1 
ATOM   288  C  "C4'"  . DT A 1 10 ? 15.940  2.823   -5.412  1.00 104.79 ? 10  DT A "C4'"  1 
ATOM   289  O  "O4'"  . DT A 1 10 ? 14.641  3.433   -5.174  1.00 106.51 ? 10  DT A "O4'"  1 
ATOM   290  C  "C3'"  . DT A 1 10 ? 16.961  3.930   -5.200  1.00 97.50  ? 10  DT A "C3'"  1 
ATOM   291  O  "O3'"  . DT A 1 10 ? 17.283  4.549   -6.425  1.00 98.46  ? 10  DT A "O3'"  1 
ATOM   292  C  "C2'"  . DT A 1 10 ? 16.256  4.870   -4.226  1.00 93.77  ? 10  DT A "C2'"  1 
ATOM   293  C  "C1'"  . DT A 1 10 ? 14.792  4.738   -4.641  1.00 88.99  ? 10  DT A "C1'"  1 
ATOM   294  N  N1     . DT A 1 10 ? 13.779  4.906   -3.529  1.00 77.25  ? 10  DT A N1     1 
ATOM   295  C  C2     . DT A 1 10 ? 12.538  5.411   -3.842  1.00 73.57  ? 10  DT A C2     1 
ATOM   296  O  O2     . DT A 1 10 ? 12.225  5.755   -4.970  1.00 70.62  ? 10  DT A O2     1 
ATOM   297  N  N3     . DT A 1 10 ? 11.674  5.512   -2.786  1.00 68.17  ? 10  DT A N3     1 
ATOM   298  C  C4     . DT A 1 10 ? 11.915  5.160   -1.472  1.00 70.96  ? 10  DT A C4     1 
ATOM   299  O  O4     . DT A 1 10 ? 11.069  5.291   -0.592  1.00 72.59  ? 10  DT A O4     1 
ATOM   300  C  C5     . DT A 1 10 ? 13.230  4.626   -1.207  1.00 72.40  ? 10  DT A C5     1 
ATOM   301  C  C7     . DT A 1 10 ? 13.605  4.209   0.186   1.00 74.96  ? 10  DT A C7     1 
ATOM   302  C  C6     . DT A 1 10 ? 14.089  4.518   -2.236  1.00 70.72  ? 10  DT A C6     1 
ATOM   303  H  "H5'"  . DT A 1 10 ? 15.252  1.209   -4.351  1.00 125.76 ? 10  DT A "H5'"  1 
ATOM   304  H  "H5''" . DT A 1 10 ? 16.707  0.984   -4.927  1.00 125.76 ? 10  DT A "H5''" 1 
ATOM   305  H  "H4'"  . DT A 1 10 ? 15.984  2.528   -6.336  1.00 126.19 ? 10  DT A "H4'"  1 
ATOM   306  H  "H3'"  . DT A 1 10 ? 17.762  3.567   -4.790  1.00 117.44 ? 10  DT A "H3'"  1 
ATOM   307  H  "H2'"  . DT A 1 10 ? 16.382  4.576   -3.311  1.00 112.96 ? 10  DT A "H2'"  1 
ATOM   308  H  "H2''" . DT A 1 10 ? 16.565  5.782   -4.344  1.00 112.96 ? 10  DT A "H2''" 1 
ATOM   309  H  "H1'"  . DT A 1 10 ? 14.603  5.385   -5.338  1.00 107.23 ? 10  DT A "H1'"  1 
ATOM   310  H  H3     . DT A 1 10 ? 10.894  5.831   -2.959  1.00 82.25  ? 10  DT A H3     1 
ATOM   311  H  H71    . DT A 1 10 ? 13.836  3.268   0.191   1.00 90.40  ? 10  DT A H71    1 
ATOM   312  H  H72    . DT A 1 10 ? 14.366  4.731   0.486   1.00 90.40  ? 10  DT A H72    1 
ATOM   313  H  H73    . DT A 1 10 ? 12.854  4.361   0.782   1.00 90.40  ? 10  DT A H73    1 
ATOM   314  H  H6     . DT A 1 10 ? 14.939  4.177   -2.068  1.00 85.31  ? 10  DT A H6     1 
ATOM   315  P  P      . DG A 1 11 ? 18.529  5.556   -6.516  1.00 126.06 ? 11  DG A P      1 
ATOM   316  O  OP1    . DG A 1 11 ? 19.431  5.065   -7.585  1.00 106.53 ? 11  DG A OP1    1 
ATOM   317  O  OP2    . DG A 1 11 ? 19.047  5.750   -5.142  1.00 114.65 ? 11  DG A OP2    1 
ATOM   318  O  "O5'"  . DG A 1 11 ? 17.858  6.929   -6.980  1.00 105.84 ? 11  DG A "O5'"  1 
ATOM   319  C  "C5'"  . DG A 1 11 ? 16.849  6.920   -7.983  1.00 106.18 ? 11  DG A "C5'"  1 
ATOM   320  C  "C4'"  . DG A 1 11 ? 15.820  8.003   -7.724  1.00 103.10 ? 11  DG A "C4'"  1 
ATOM   321  O  "O4'"  . DG A 1 11 ? 15.122  7.726   -6.488  1.00 91.50  ? 11  DG A "O4'"  1 
ATOM   322  C  "C3'"  . DG A 1 11 ? 16.402  9.409   -7.572  1.00 94.07  ? 11  DG A "C3'"  1 
ATOM   323  O  "O3'"  . DG A 1 11 ? 16.038  10.213  -8.687  1.00 88.13  ? 11  DG A "O3'"  1 
ATOM   324  C  "C2'"  . DG A 1 11 ? 15.825  9.933   -6.244  1.00 79.80  ? 11  DG A "C2'"  1 
ATOM   325  C  "C1'"  . DG A 1 11 ? 14.724  8.944   -5.913  1.00 72.23  ? 11  DG A "C1'"  1 
ATOM   326  N  N9     . DG A 1 11 ? 14.508  8.735   -4.484  1.00 71.34  ? 11  DG A N9     1 
ATOM   327  C  C8     . DG A 1 11 ? 15.423  8.280   -3.562  1.00 70.11  ? 11  DG A C8     1 
ATOM   328  N  N7     . DG A 1 11 ? 14.937  8.177   -2.354  1.00 58.70  ? 11  DG A N7     1 
ATOM   329  C  C5     . DG A 1 11 ? 13.614  8.583   -2.484  1.00 66.09  ? 11  DG A C5     1 
ATOM   330  C  C6     . DG A 1 11 ? 12.590  8.678   -1.511  1.00 61.67  ? 11  DG A C6     1 
ATOM   331  O  O6     . DG A 1 11 ? 12.654  8.414   -0.304  1.00 60.66  ? 11  DG A O6     1 
ATOM   332  N  N1     . DG A 1 11 ? 11.393  9.131   -2.064  1.00 61.12  ? 11  DG A N1     1 
ATOM   333  C  C2     . DG A 1 11 ? 11.210  9.454   -3.389  1.00 64.47  ? 11  DG A C2     1 
ATOM   334  N  N2     . DG A 1 11 ? 9.983   9.874   -3.738  1.00 49.36  ? 11  DG A N2     1 
ATOM   335  N  N3     . DG A 1 11 ? 12.162  9.369   -4.312  1.00 70.17  ? 11  DG A N3     1 
ATOM   336  C  C4     . DG A 1 11 ? 13.334  8.928   -3.789  1.00 71.59  ? 11  DG A C4     1 
ATOM   337  H  "H5'"  . DG A 1 11 ? 16.409  6.056   -7.984  1.00 127.85 ? 11  DG A "H5'"  1 
ATOM   338  H  "H5''" . DG A 1 11 ? 17.259  7.070   -8.850  1.00 127.85 ? 11  DG A "H5''" 1 
ATOM   339  H  "H4'"  . DG A 1 11 ? 15.179  8.006   -8.452  1.00 124.16 ? 11  DG A "H4'"  1 
ATOM   340  H  "H3'"  . DG A 1 11 ? 17.369  9.357   -7.508  1.00 113.33 ? 11  DG A "H3'"  1 
ATOM   341  H  "H2'"  . DG A 1 11 ? 16.505  9.928   -5.551  1.00 96.20  ? 11  DG A "H2'"  1 
ATOM   342  H  "H2''" . DG A 1 11 ? 15.460  10.823  -6.359  1.00 96.20  ? 11  DG A "H2''" 1 
ATOM   343  H  "H1'"  . DG A 1 11 ? 13.895  9.237   -6.324  1.00 87.12  ? 11  DG A "H1'"  1 
ATOM   344  H  H8     . DG A 1 11 ? 16.303  8.070   -3.777  1.00 84.57  ? 11  DG A H8     1 
ATOM   345  H  H1     . DG A 1 11 ? 10.718  9.219   -1.537  1.00 73.78  ? 11  DG A H1     1 
ATOM   346  H  H21    . DG A 1 11 ? 9.816   10.080  -4.556  1.00 59.67  ? 11  DG A H21    1 
ATOM   347  H  H22    . DG A 1 11 ? 9.365   9.937   -3.143  1.00 59.67  ? 11  DG A H22    1 
ATOM   348  P  P      . DA A 1 12 ? 16.247  11.803  -8.651  1.00 110.62 ? 12  DA A P      1 
ATOM   349  O  OP1    . DA A 1 12 ? 16.535  12.246  -10.034 1.00 114.81 ? 12  DA A OP1    1 
ATOM   350  O  OP2    . DA A 1 12 ? 17.193  12.110  -7.553  1.00 94.24  ? 12  DA A OP2    1 
ATOM   351  O  "O5'"  . DA A 1 12 ? 14.816  12.352  -8.207  1.00 91.62  ? 12  DA A "O5'"  1 
ATOM   352  C  "C5'"  . DA A 1 12 ? 14.387  13.637  -8.614  1.00 96.73  ? 12  DA A "C5'"  1 
ATOM   353  C  "C4'"  . DA A 1 12 ? 12.915  13.816  -8.320  1.00 86.14  ? 12  DA A "C4'"  1 
ATOM   354  O  "O4'"  . DA A 1 12 ? 12.547  12.960  -7.207  1.00 79.27  ? 12  DA A "O4'"  1 
ATOM   355  C  "C3'"  . DA A 1 12 ? 12.508  15.218  -7.903  1.00 83.81  ? 12  DA A "C3'"  1 
ATOM   356  O  "O3'"  . DA A 1 12 ? 11.168  15.487  -8.292  1.00 88.06  ? 12  DA A "O3'"  1 
ATOM   357  C  "C2'"  . DA A 1 12 ? 12.677  15.179  -6.393  1.00 88.54  ? 12  DA A "C2'"  1 
ATOM   358  C  "C1'"  . DA A 1 12 ? 12.306  13.737  -6.047  1.00 76.60  ? 12  DA A "C1'"  1 
ATOM   359  N  N9     . DA A 1 12 ? 13.070  13.162  -4.939  1.00 66.85  ? 12  DA A N9     1 
ATOM   360  C  C8     . DA A 1 12 ? 14.382  12.775  -4.951  1.00 72.31  ? 12  DA A C8     1 
ATOM   361  N  N7     . DA A 1 12 ? 14.797  12.277  -3.808  1.00 70.82  ? 12  DA A N7     1 
ATOM   362  C  C5     . DA A 1 12 ? 13.680  12.340  -2.993  1.00 65.78  ? 12  DA A C5     1 
ATOM   363  C  C6     . DA A 1 12 ? 13.458  11.965  -1.650  1.00 73.26  ? 12  DA A C6     1 
ATOM   364  N  N6     . DA A 1 12 ? 14.404  11.431  -0.865  1.00 75.24  ? 12  DA A N6     1 
ATOM   365  N  N1     . DA A 1 12 ? 12.224  12.163  -1.142  1.00 70.41  ? 12  DA A N1     1 
ATOM   366  C  C2     . DA A 1 12 ? 11.280  12.697  -1.928  1.00 67.58  ? 12  DA A C2     1 
ATOM   367  N  N3     . DA A 1 12 ? 11.370  13.090  -3.200  1.00 59.69  ? 12  DA A N3     1 
ATOM   368  C  C4     . DA A 1 12 ? 12.605  12.877  -3.678  1.00 60.24  ? 12  DA A C4     1 
ATOM   369  H  "H5'"  . DA A 1 12 ? 14.539  13.739  -9.567  1.00 116.51 ? 12  DA A "H5'"  1 
ATOM   370  H  "H5''" . DA A 1 12 ? 14.895  14.311  -8.135  1.00 116.51 ? 12  DA A "H5''" 1 
ATOM   371  H  "H4'"  . DA A 1 12 ? 12.403  13.557  -9.102  1.00 103.81 ? 12  DA A "H4'"  1 
ATOM   372  H  "H3'"  . DA A 1 12 ? 13.110  15.871  -8.291  1.00 101.01 ? 12  DA A "H3'"  1 
ATOM   373  H  "HO3'" . DA A 1 12 ? 10.590  15.671  -7.710  1.00 106.12 ? 12  DA A "HO3'" 1 
ATOM   374  H  "H2'"  . DA A 1 12 ? 13.597  15.365  -6.144  1.00 106.69 ? 12  DA A "H2'"  1 
ATOM   375  H  "H2''" . DA A 1 12 ? 12.070  15.802  -5.964  1.00 106.69 ? 12  DA A "H2''" 1 
ATOM   376  H  "H1'"  . DA A 1 12 ? 11.361  13.697  -5.832  1.00 92.36  ? 12  DA A "H1'"  1 
ATOM   377  H  H8     . DA A 1 12 ? 14.930  12.856  -5.699  1.00 87.22  ? 12  DA A H8     1 
ATOM   378  H  H61    . DA A 1 12 ? 14.219  11.223  -0.051  1.00 90.73  ? 12  DA A H61    1 
ATOM   379  H  H62    . DA A 1 12 ? 15.195  11.298  -1.175  1.00 90.73  ? 12  DA A H62    1 
ATOM   380  H  H2     . DA A 1 12 ? 10.447  12.813  -1.532  1.00 81.54  ? 12  DA A H2     1 
ATOM   381  P  P      . DC B 2 1  ? -6.172  25.286  -1.285  1.00 121.65 ? 12  DC B P      1 
ATOM   382  O  OP1    . DC B 2 1  ? -7.142  26.399  -1.378  1.00 128.41 ? 12  DC B OP1    1 
ATOM   383  O  OP2    . DC B 2 1  ? -4.727  25.548  -1.467  1.00 115.14 ? 12  DC B OP2    1 
ATOM   384  O  "O5'"  . DC B 2 1  ? -6.585  24.154  -2.337  1.00 82.23  ? 12  DC B "O5'"  1 
ATOM   385  C  "C5'"  . DC B 2 1  ? -7.381  23.055  -1.915  1.00 104.16 ? 12  DC B "C5'"  1 
ATOM   386  C  "C4'"  . DC B 2 1  ? -8.423  22.703  -2.965  1.00 99.47  ? 12  DC B "C4'"  1 
ATOM   387  O  "O4'"  . DC B 2 1  ? -7.762  22.102  -4.114  1.00 79.06  ? 12  DC B "O4'"  1 
ATOM   388  C  "C3'"  . DC B 2 1  ? -9.490  21.697  -2.504  1.00 101.97 ? 12  DC B "C3'"  1 
ATOM   389  O  "O3'"  . DC B 2 1  ? -10.803 22.197  -2.743  1.00 104.07 ? 12  DC B "O3'"  1 
ATOM   390  C  "C2'"  . DC B 2 1  ? -9.199  20.444  -3.324  1.00 92.99  ? 12  DC B "C2'"  1 
ATOM   391  C  "C1'"  . DC B 2 1  ? -8.518  21.002  -4.561  1.00 74.88  ? 12  DC B "C1'"  1 
ATOM   392  N  N1     . DC B 2 1  ? -7.615  20.026  -5.239  1.00 57.98  ? 12  DC B N1     1 
ATOM   393  C  C2     . DC B 2 1  ? -8.125  19.201  -6.243  1.00 59.36  ? 12  DC B C2     1 
ATOM   394  O  O2     . DC B 2 1  ? -9.317  19.303  -6.559  1.00 60.80  ? 12  DC B O2     1 
ATOM   395  N  N3     . DC B 2 1  ? -7.297  18.313  -6.845  1.00 62.45  ? 12  DC B N3     1 
ATOM   396  C  C4     . DC B 2 1  ? -6.019  18.234  -6.476  1.00 59.54  ? 12  DC B C4     1 
ATOM   397  N  N4     . DC B 2 1  ? -5.240  17.346  -7.102  1.00 60.92  ? 12  DC B N4     1 
ATOM   398  C  C5     . DC B 2 1  ? -5.481  19.064  -5.452  1.00 55.40  ? 12  DC B C5     1 
ATOM   399  C  C6     . DC B 2 1  ? -6.306  19.938  -4.868  1.00 61.89  ? 12  DC B C6     1 
ATOM   400  H  "H5'"  . DC B 2 1  ? -7.830  23.285  -1.086  1.00 125.43 ? 12  DC B "H5'"  1 
ATOM   401  H  "H5''" . DC B 2 1  ? -6.809  22.286  -1.764  1.00 125.43 ? 12  DC B "H5''" 1 
ATOM   402  H  "H4'"  . DC B 2 1  ? -8.865  23.518  -3.250  1.00 119.80 ? 12  DC B "H4'"  1 
ATOM   403  H  "H3'"  . DC B 2 1  ? -9.375  21.506  -1.560  1.00 122.81 ? 12  DC B "H3'"  1 
ATOM   404  H  "H2'"  . DC B 2 1  ? -8.602  19.850  -2.842  1.00 112.03 ? 12  DC B "H2'"  1 
ATOM   405  H  "H2''" . DC B 2 1  ? -10.022 19.990  -3.560  1.00 112.03 ? 12  DC B "H2''" 1 
ATOM   406  H  "H1'"  . DC B 2 1  ? -9.191  21.308  -5.188  1.00 90.30  ? 12  DC B "H1'"  1 
ATOM   407  H  H41    . DC B 2 1  ? -4.411  17.272  -6.883  1.00 73.55  ? 12  DC B H41    1 
ATOM   408  H  H42    . DC B 2 1  ? -5.567  16.849  -7.723  1.00 73.55  ? 12  DC B H42    1 
ATOM   409  H  H5     . DC B 2 1  ? -4.586  19.006  -5.204  1.00 66.92  ? 12  DC B H5     1 
ATOM   410  H  H6     . DC B 2 1  ? -5.983  20.492  -4.195  1.00 74.71  ? 12  DC B H6     1 
ATOM   411  P  P      . DG B 2 2  ? -12.070 21.504  -2.037  1.00 102.90 ? 13  DG B P      1 
ATOM   412  O  OP1    . DG B 2 2  ? -13.226 22.410  -2.211  1.00 105.59 ? 13  DG B OP1    1 
ATOM   413  O  OP2    . DG B 2 2  ? -11.650 21.096  -0.678  1.00 113.15 ? 13  DG B OP2    1 
ATOM   414  O  "O5'"  . DG B 2 2  ? -12.319 20.173  -2.894  1.00 81.09  ? 13  DG B "O5'"  1 
ATOM   415  C  "C5'"  . DG B 2 2  ? -13.066 20.237  -4.106  1.00 94.27  ? 13  DG B "C5'"  1 
ATOM   416  C  "C4'"  . DG B 2 2  ? -13.272 18.853  -4.701  1.00 94.28  ? 13  DG B "C4'"  1 
ATOM   417  O  "O4'"  . DG B 2 2  ? -12.009 18.352  -5.212  1.00 94.00  ? 13  DG B "O4'"  1 
ATOM   418  C  "C3'"  . DG B 2 2  ? -13.786 17.794  -3.719  1.00 101.34 ? 13  DG B "C3'"  1 
ATOM   419  O  "O3'"  . DG B 2 2  ? -14.953 17.158  -4.237  1.00 115.98 ? 13  DG B "O3'"  1 
ATOM   420  C  "C2'"  . DG B 2 2  ? -12.611 16.826  -3.570  1.00 94.75  ? 13  DG B "C2'"  1 
ATOM   421  C  "C1'"  . DG B 2 2  ? -11.880 16.990  -4.884  1.00 74.80  ? 13  DG B "C1'"  1 
ATOM   422  N  N9     . DG B 2 2  ? -10.461 16.651  -4.832  1.00 68.22  ? 13  DG B N9     1 
ATOM   423  C  C8     . DG B 2 2  ? -9.504  17.212  -4.018  1.00 68.80  ? 13  DG B C8     1 
ATOM   424  N  N7     . DG B 2 2  ? -8.313  16.715  -4.201  1.00 71.96  ? 13  DG B N7     1 
ATOM   425  C  C5     . DG B 2 2  ? -8.488  15.767  -5.204  1.00 68.00  ? 13  DG B C5     1 
ATOM   426  C  C6     . DG B 2 2  ? -7.548  14.911  -5.824  1.00 65.11  ? 13  DG B C6     1 
ATOM   427  O  O6     . DG B 2 2  ? -6.333  14.812  -5.598  1.00 67.64  ? 13  DG B O6     1 
ATOM   428  N  N1     . DG B 2 2  ? -8.145  14.105  -6.792  1.00 58.26  ? 13  DG B N1     1 
ATOM   429  C  C2     . DG B 2 2  ? -9.481  14.131  -7.120  1.00 62.33  ? 13  DG B C2     1 
ATOM   430  N  N2     . DG B 2 2  ? -9.875  13.281  -8.081  1.00 68.40  ? 13  DG B N2     1 
ATOM   431  N  N3     . DG B 2 2  ? -10.370 14.932  -6.547  1.00 58.62  ? 13  DG B N3     1 
ATOM   432  C  C4     . DG B 2 2  ? -9.805  15.719  -5.603  1.00 60.84  ? 13  DG B C4     1 
ATOM   433  H  "H5'"  . DG B 2 2  ? -12.588 20.789  -4.745  1.00 113.57 ? 13  DG B "H5'"  1 
ATOM   434  H  "H5''" . DG B 2 2  ? -13.931 20.637  -3.925  1.00 113.57 ? 13  DG B "H5''" 1 
ATOM   435  H  "H4'"  . DG B 2 2  ? -13.900 18.922  -5.438  1.00 113.58 ? 13  DG B "H4'"  1 
ATOM   436  H  "H3'"  . DG B 2 2  ? -13.985 18.206  -2.863  1.00 122.05 ? 13  DG B "H3'"  1 
ATOM   437  H  "H2'"  . DG B 2 2  ? -12.043 17.085  -2.827  1.00 114.14 ? 13  DG B "H2'"  1 
ATOM   438  H  "H2''" . DG B 2 2  ? -12.927 15.915  -3.463  1.00 114.14 ? 13  DG B "H2''" 1 
ATOM   439  H  "H1'"  . DG B 2 2  ? -12.315 16.452  -5.564  1.00 90.20  ? 13  DG B "H1'"  1 
ATOM   440  H  H8     . DG B 2 2  ? -9.690  17.880  -3.397  1.00 83.00  ? 13  DG B H8     1 
ATOM   441  H  H21    . DG B 2 2  ? -10.700 13.257  -8.323  1.00 82.53  ? 13  DG B H21    1 
ATOM   442  H  H22    . DG B 2 2  ? -9.302  12.759  -8.456  1.00 82.53  ? 13  DG B H22    1 
ATOM   443  P  P      . DG B 2 3  ? -15.712 16.020  -3.392  1.00 103.62 ? 14  DG B P      1 
ATOM   444  O  OP1    . DG B 2 3  ? -17.086 16.509  -3.147  1.00 128.45 ? 14  DG B OP1    1 
ATOM   445  O  OP2    . DG B 2 3  ? -14.857 15.631  -2.248  1.00 88.14  ? 14  DG B OP2    1 
ATOM   446  O  "O5'"  . DG B 2 3  ? -15.785 14.781  -4.403  1.00 97.62  ? 14  DG B "O5'"  1 
ATOM   447  C  "C5'"  . DG B 2 3  ? -14.799 14.643  -5.419  1.00 97.35  ? 14  DG B "C5'"  1 
ATOM   448  C  "C4'"  . DG B 2 3  ? -14.881 13.284  -6.094  1.00 97.89  ? 14  DG B "C4'"  1 
ATOM   449  O  "O4'"  . DG B 2 3  ? -13.541 12.823  -6.399  1.00 93.29  ? 14  DG B "O4'"  1 
ATOM   450  C  "C3'"  . DG B 2 3  ? -15.497 12.174  -5.260  1.00 96.52  ? 14  DG B "C3'"  1 
ATOM   451  O  "O3'"  . DG B 2 3  ? -16.107 11.195  -6.091  1.00 95.50  ? 14  DG B "O3'"  1 
ATOM   452  C  "C2'"  . DG B 2 3  ? -14.299 11.627  -4.486  1.00 99.41  ? 14  DG B "C2'"  1 
ATOM   453  C  "C1'"  . DG B 2 3  ? -13.117 11.878  -5.428  1.00 83.12  ? 14  DG B "C1'"  1 
ATOM   454  N  N9     . DG B 2 3  ? -11.927 12.401  -4.754  1.00 69.26  ? 14  DG B N9     1 
ATOM   455  C  C8     . DG B 2 3  ? -11.870 13.441  -3.858  1.00 66.76  ? 14  DG B C8     1 
ATOM   456  N  N7     . DG B 2 3  ? -10.665 13.685  -3.420  1.00 75.69  ? 14  DG B N7     1 
ATOM   457  C  C5     . DG B 2 3  ? -9.871  12.747  -4.067  1.00 66.47  ? 14  DG B C5     1 
ATOM   458  C  C6     . DG B 2 3  ? -8.476  12.522  -3.989  1.00 63.34  ? 14  DG B C6     1 
ATOM   459  O  O6     . DG B 2 3  ? -7.636  13.136  -3.313  1.00 67.29  ? 14  DG B O6     1 
ATOM   460  N  N1     . DG B 2 3  ? -8.078  11.469  -4.808  1.00 44.37  ? 14  DG B N1     1 
ATOM   461  C  C2     . DG B 2 3  ? -8.923  10.728  -5.601  1.00 51.29  ? 14  DG B C2     1 
ATOM   462  N  N2     . DG B 2 3  ? -8.358  9.755   -6.323  1.00 56.84  ? 14  DG B N2     1 
ATOM   463  N  N3     . DG B 2 3  ? -10.229 10.927  -5.682  1.00 58.08  ? 14  DG B N3     1 
ATOM   464  C  C4     . DG B 2 3  ? -10.633 11.948  -4.890  1.00 62.76  ? 14  DG B C4     1 
ATOM   465  H  "H5'"  . DG B 2 3  ? -13.920 14.747  -5.023  1.00 117.26 ? 14  DG B "H5'"  1 
ATOM   466  H  "H5''" . DG B 2 3  ? -14.930 15.337  -6.085  1.00 117.26 ? 14  DG B "H5''" 1 
ATOM   467  H  "H4'"  . DG B 2 3  ? -15.381 13.372  -6.922  1.00 117.91 ? 14  DG B "H4'"  1 
ATOM   468  H  "H3'"  . DG B 2 3  ? -16.149 12.544  -4.644  1.00 116.27 ? 14  DG B "H3'"  1 
ATOM   469  H  "H2'"  . DG B 2 3  ? -14.180 12.110  -3.654  1.00 119.74 ? 14  DG B "H2'"  1 
ATOM   470  H  "H2''" . DG B 2 3  ? -14.406 10.678  -4.319  1.00 119.74 ? 14  DG B "H2''" 1 
ATOM   471  H  "H1'"  . DG B 2 3  ? -12.887 11.048  -5.874  1.00 100.19 ? 14  DG B "H1'"  1 
ATOM   472  H  H8     . DG B 2 3  ? -12.617 13.925  -3.590  1.00 80.56  ? 14  DG B H8     1 
ATOM   473  H  H1     . DG B 2 3  ? -7.241  11.269  -4.822  1.00 53.69  ? 14  DG B H1     1 
ATOM   474  H  H21    . DG B 2 3  ? -8.842  9.271   -6.846  1.00 68.65  ? 14  DG B H21    1 
ATOM   475  H  H22    . DG B 2 3  ? -7.512  9.613   -6.267  1.00 68.65  ? 14  DG B H22    1 
ATOM   476  P  P      . DC B 2 4  ? -16.709 9.855   -5.441  1.00 114.30 ? 15  DC B P      1 
ATOM   477  O  OP1    . DC B 2 4  ? -17.762 9.327   -6.339  1.00 107.04 ? 15  DC B OP1    1 
ATOM   478  O  OP2    . DC B 2 4  ? -17.024 10.163  -4.027  1.00 94.12  ? 15  DC B OP2    1 
ATOM   479  O  "O5'"  . DC B 2 4  ? -15.467 8.852   -5.453  1.00 86.80  ? 15  DC B "O5'"  1 
ATOM   480  C  "C5'"  . DC B 2 4  ? -14.683 8.710   -6.633  1.00 81.28  ? 15  DC B "C5'"  1 
ATOM   481  C  "C4'"  . DC B 2 4  ? -14.296 7.264   -6.847  1.00 75.46  ? 15  DC B "C4'"  1 
ATOM   482  O  "O4'"  . DC B 2 4  ? -12.889 7.092   -6.549  1.00 65.35  ? 15  DC B "O4'"  1 
ATOM   483  C  "C3'"  . DC B 2 4  ? -15.016 6.284   -5.941  1.00 78.81  ? 15  DC B "C3'"  1 
ATOM   484  O  "O3'"  . DC B 2 4  ? -15.107 5.008   -6.544  1.00 84.91  ? 15  DC B "O3'"  1 
ATOM   485  C  "C2'"  . DC B 2 4  ? -14.141 6.295   -4.695  1.00 78.19  ? 15  DC B "C2'"  1 
ATOM   486  C  "C1'"  . DC B 2 4  ? -12.731 6.514   -5.263  1.00 70.10  ? 15  DC B "C1'"  1 
ATOM   487  N  N1     . DC B 2 4  ? -11.842 7.422   -4.435  1.00 57.94  ? 15  DC B N1     1 
ATOM   488  C  C2     . DC B 2 4  ? -10.457 7.206   -4.429  1.00 52.62  ? 15  DC B C2     1 
ATOM   489  O  O2     . DC B 2 4  ? -9.987  6.273   -5.095  1.00 57.85  ? 15  DC B O2     1 
ATOM   490  N  N3     . DC B 2 4  ? -9.665  8.023   -3.692  1.00 50.49  ? 15  DC B N3     1 
ATOM   491  C  C4     . DC B 2 4  ? -10.204 9.019   -2.989  1.00 57.00  ? 15  DC B C4     1 
ATOM   492  N  N4     . DC B 2 4  ? -9.382  9.798   -2.281  1.00 50.70  ? 15  DC B N4     1 
ATOM   493  C  C5     . DC B 2 4  ? -11.611 9.259   -2.980  1.00 60.42  ? 15  DC B C5     1 
ATOM   494  C  C6     . DC B 2 4  ? -12.384 8.448   -3.711  1.00 56.30  ? 15  DC B C6     1 
ATOM   495  H  "H5'"  . DC B 2 4  ? -13.879 9.246   -6.548  1.00 97.97  ? 15  DC B "H5'"  1 
ATOM   496  H  "H5''" . DC B 2 4  ? -15.195 9.021   -7.395  1.00 97.97  ? 15  DC B "H5''" 1 
ATOM   497  H  "H4'"  . DC B 2 4  ? -14.459 7.024   -7.772  1.00 91.00  ? 15  DC B "H4'"  1 
ATOM   498  H  "H3'"  . DC B 2 4  ? -15.903 6.618   -5.728  1.00 95.01  ? 15  DC B "H3'"  1 
ATOM   499  H  "H2'"  . DC B 2 4  ? -14.391 7.025   -4.106  1.00 94.28  ? 15  DC B "H2'"  1 
ATOM   500  H  "H2''" . DC B 2 4  ? -14.195 5.445   -4.232  1.00 94.28  ? 15  DC B "H2''" 1 
ATOM   501  H  "H1'"  . DC B 2 4  ? -12.295 5.653   -5.358  1.00 84.56  ? 15  DC B "H1'"  1 
ATOM   502  H  H41    . DC B 2 4  ? -9.701  10.447  -1.816  1.00 61.29  ? 15  DC B H41    1 
ATOM   503  H  H42    . DC B 2 4  ? -8.536  9.651   -2.290  1.00 61.29  ? 15  DC B H42    1 
ATOM   504  H  H5     . DC B 2 4  ? -11.976 9.957   -2.486  1.00 72.94  ? 15  DC B H5     1 
ATOM   505  H  H6     . DC B 2 4  ? -13.303 8.581   -3.723  1.00 68.00  ? 15  DC B H6     1 
ATOM   506  P  P      . DA B 2 5  ? -15.659 3.752   -5.709  1.00 96.11  ? 16  DA B P      1 
ATOM   507  O  OP1    . DA B 2 5  ? -16.574 3.007   -6.603  1.00 106.06 ? 16  DA B OP1    1 
ATOM   508  O  OP2    . DA B 2 5  ? -16.142 4.225   -4.391  1.00 67.46  ? 16  DA B OP2    1 
ATOM   509  O  "O5'"  . DA B 2 5  ? -14.350 2.873   -5.469  1.00 82.74  ? 16  DA B "O5'"  1 
ATOM   510  C  "C5'"  . DA B 2 5  ? -13.489 2.606   -6.564  1.00 86.63  ? 16  DA B "C5'"  1 
ATOM   511  C  "C4'"  . DA B 2 5  ? -12.274 1.816   -6.125  1.00 85.09  ? 16  DA B "C4'"  1 
ATOM   512  O  "O4'"  . DA B 2 5  ? -11.399 2.663   -5.334  1.00 70.77  ? 16  DA B "O4'"  1 
ATOM   513  C  "C3'"  . DA B 2 5  ? -12.575 0.617   -5.246  1.00 75.42  ? 16  DA B "C3'"  1 
ATOM   514  O  "O3'"  . DA B 2 5  ? -11.624 -0.405  -5.473  1.00 88.07  ? 16  DA B "O3'"  1 
ATOM   515  C  "C2'"  . DA B 2 5  ? -12.484 1.197   -3.843  1.00 63.25  ? 16  DA B "C2'"  1 
ATOM   516  C  "C1'"  . DA B 2 5  ? -11.358 2.210   -3.993  1.00 59.28  ? 16  DA B "C1'"  1 
ATOM   517  N  N9     . DA B 2 5  ? -11.469 3.374   -3.127  1.00 55.41  ? 16  DA B N9     1 
ATOM   518  C  C8     . DA B 2 5  ? -12.609 4.030   -2.757  1.00 57.97  ? 16  DA B C8     1 
ATOM   519  N  N7     . DA B 2 5  ? -12.394 5.069   -1.983  1.00 53.94  ? 16  DA B N7     1 
ATOM   520  C  C5     . DA B 2 5  ? -11.015 5.100   -1.850  1.00 55.46  ? 16  DA B C5     1 
ATOM   521  C  C6     . DA B 2 5  ? -10.148 5.962   -1.147  1.00 55.52  ? 16  DA B C6     1 
ATOM   522  N  N6     . DA B 2 5  ? -10.572 7.004   -0.426  1.00 50.83  ? 16  DA B N6     1 
ATOM   523  N  N1     . DA B 2 5  ? -8.822  5.710   -1.220  1.00 53.79  ? 16  DA B N1     1 
ATOM   524  C  C2     . DA B 2 5  ? -8.405  4.661   -1.946  1.00 56.96  ? 16  DA B C2     1 
ATOM   525  N  N3     . DA B 2 5  ? -9.123  3.783   -2.642  1.00 45.94  ? 16  DA B N3     1 
ATOM   526  C  C4     . DA B 2 5  ? -10.432 4.065   -2.554  1.00 53.82  ? 16  DA B C4     1 
ATOM   527  H  "H5'"  . DA B 2 5  ? -13.198 3.446   -6.953  1.00 104.40 ? 16  DA B "H5'"  1 
ATOM   528  H  "H5''" . DA B 2 5  ? -13.973 2.098   -7.233  1.00 104.40 ? 16  DA B "H5''" 1 
ATOM   529  H  "H4'"  . DA B 2 5  ? -11.793 1.515   -6.913  1.00 102.55 ? 16  DA B "H4'"  1 
ATOM   530  H  "H3'"  . DA B 2 5  ? -13.472 0.290   -5.417  1.00 90.95  ? 16  DA B "H3'"  1 
ATOM   531  H  "H2'"  . DA B 2 5  ? -13.313 1.635   -3.596  1.00 76.34  ? 16  DA B "H2'"  1 
ATOM   532  H  "H2''" . DA B 2 5  ? -12.246 0.510   -3.200  1.00 76.34  ? 16  DA B "H2''" 1 
ATOM   533  H  "H1'"  . DA B 2 5  ? -10.510 1.771   -3.830  1.00 71.58  ? 16  DA B "H1'"  1 
ATOM   534  H  H8     . DA B 2 5  ? -13.459 3.765   -3.027  1.00 70.01  ? 16  DA B H8     1 
ATOM   535  H  H61    . DA B 2 5  ? -10.004 7.500   -0.013  1.00 61.44  ? 16  DA B H61    1 
ATOM   536  H  H62    . DA B 2 5  ? -11.412 7.177   -0.374  1.00 61.44  ? 16  DA B H62    1 
ATOM   537  H  H2     . DA B 2 5  ? -7.484  4.528   -1.963  1.00 68.80  ? 16  DA B H2     1 
ATOM   538  P  P      . DC B 2 6  ? -11.874 -1.879  -4.897  1.00 91.69  ? 17  DC B P      1 
ATOM   539  O  OP1    . DC B 2 6  ? -11.003 -2.806  -5.656  1.00 86.21  ? 17  DC B OP1    1 
ATOM   540  O  OP2    . DC B 2 6  ? -13.338 -2.095  -4.883  1.00 92.70  ? 17  DC B OP2    1 
ATOM   541  O  "O5'"  . DC B 2 6  ? -11.393 -1.769  -3.376  1.00 69.38  ? 17  DC B "O5'"  1 
ATOM   542  C  "C5'"  . DC B 2 6  ? -10.330 -2.574  -2.900  1.00 73.05  ? 17  DC B "C5'"  1 
ATOM   543  C  "C4'"  . DC B 2 6  ? -9.106  -1.734  -2.610  1.00 61.94  ? 17  DC B "C4'"  1 
ATOM   544  O  "O4'"  . DC B 2 6  ? -9.518  -0.384  -2.293  1.00 65.88  ? 17  DC B "O4'"  1 
ATOM   545  C  "C3'"  . DC B 2 6  ? -8.260  -2.216  -1.427  1.00 79.34  ? 17  DC B "C3'"  1 
ATOM   546  O  "O3'"  . DC B 2 6  ? -6.945  -2.536  -1.868  1.00 86.36  ? 17  DC B "O3'"  1 
ATOM   547  C  "C2'"  . DC B 2 6  ? -8.277  -1.047  -0.431  1.00 70.74  ? 17  DC B "C2'"  1 
ATOM   548  C  "C1'"  . DC B 2 6  ? -8.677  0.135   -1.294  1.00 67.74  ? 17  DC B "C1'"  1 
ATOM   549  N  N1     . DC B 2 6  ? -9.410  1.233   -0.580  1.00 59.49  ? 17  DC B N1     1 
ATOM   550  C  C2     . DC B 2 6  ? -8.697  2.160   0.189   1.00 63.92  ? 17  DC B C2     1 
ATOM   551  O  O2     . DC B 2 6  ? -7.471  2.034   0.301   1.00 72.60  ? 17  DC B O2     1 
ATOM   552  N  N3     . DC B 2 6  ? -9.372  3.166   0.804   1.00 56.42  ? 17  DC B N3     1 
ATOM   553  C  C4     . DC B 2 6  ? -10.694 3.264   0.665   1.00 61.62  ? 17  DC B C4     1 
ATOM   554  N  N4     . DC B 2 6  ? -11.314 4.274   1.286   1.00 54.25  ? 17  DC B N4     1 
ATOM   555  C  C5     . DC B 2 6  ? -11.439 2.336   -0.124  1.00 58.97  ? 17  DC B C5     1 
ATOM   556  C  C6     . DC B 2 6  ? -10.763 1.353   -0.729  1.00 58.79  ? 17  DC B C6     1 
ATOM   557  H  "H5'"  . DC B 2 6  ? -10.109 -3.241  -3.570  1.00 88.11  ? 17  DC B "H5'"  1 
ATOM   558  H  "H5''" . DC B 2 6  ? -10.610 -3.022  -2.086  1.00 88.11  ? 17  DC B "H5''" 1 
ATOM   559  H  "H4'"  . DC B 2 6  ? -8.548  -1.711  -3.404  1.00 74.78  ? 17  DC B "H4'"  1 
ATOM   560  H  "H3'"  . DC B 2 6  ? -8.673  -2.997  -1.026  1.00 95.66  ? 17  DC B "H3'"  1 
ATOM   561  H  "H2'"  . DC B 2 6  ? -8.936  -1.200  0.265   1.00 85.33  ? 17  DC B "H2'"  1 
ATOM   562  H  "H2''" . DC B 2 6  ? -7.396  -0.910  -0.049  1.00 85.33  ? 17  DC B "H2''" 1 
ATOM   563  H  "H1'"  . DC B 2 6  ? -7.882  0.505   -1.710  1.00 81.73  ? 17  DC B "H1'"  1 
ATOM   564  H  H41    . DC B 2 6  ? -12.164 4.377   1.197   1.00 65.55  ? 17  DC B H41    1 
ATOM   565  H  H42    . DC B 2 6  ? -10.864 4.819   1.775   1.00 65.55  ? 17  DC B H42    1 
ATOM   566  H  H5     . DC B 2 6  ? -12.361 2.416   -0.220  1.00 71.21  ? 17  DC B H5     1 
ATOM   567  H  H6     . DC B 2 6  ? -11.223 0.734   -1.248  1.00 70.99  ? 17  DC B H6     1 
ATOM   568  P  P      . DT B 2 7  ? -6.187  -3.838  -1.306  1.00 101.10 ? 18  DT B P      1 
ATOM   569  O  OP1    . DT B 2 7  ? -5.367  -4.398  -2.402  1.00 102.10 ? 18  DT B OP1    1 
ATOM   570  O  OP2    . DT B 2 7  ? -7.178  -4.707  -0.635  1.00 85.27  ? 18  DT B OP2    1 
ATOM   571  O  "O5'"  . DT B 2 7  ? -5.210  -3.245  -0.193  1.00 92.65  ? 18  DT B "O5'"  1 
ATOM   572  C  "C5'"  . DT B 2 7  ? -5.558  -3.340  1.175   1.00 85.82  ? 18  DT B "C5'"  1 
ATOM   573  C  "C4'"  . DT B 2 7  ? -4.829  -2.294  1.986   1.00 68.09  ? 18  DT B "C4'"  1 
ATOM   574  O  "O4'"  . DT B 2 7  ? -5.644  -1.091  2.080   1.00 70.91  ? 18  DT B "O4'"  1 
ATOM   575  C  "C3'"  . DT B 2 7  ? -4.534  -2.690  3.422   1.00 83.35  ? 18  DT B "C3'"  1 
ATOM   576  O  "O3'"  . DT B 2 7  ? -3.286  -2.145  3.823   1.00 85.72  ? 18  DT B "O3'"  1 
ATOM   577  C  "C2'"  . DT B 2 7  ? -5.708  -2.083  4.181   1.00 89.85  ? 18  DT B "C2'"  1 
ATOM   578  C  "C1'"  . DT B 2 7  ? -5.873  -0.778  3.447   1.00 79.48  ? 18  DT B "C1'"  1 
ATOM   579  N  N1     . DT B 2 7  ? -7.216  -0.125  3.562   1.00 80.69  ? 18  DT B N1     1 
ATOM   580  C  C2     . DT B 2 7  ? -7.307  1.114   4.166   1.00 83.64  ? 18  DT B C2     1 
ATOM   581  O  O2     . DT B 2 7  ? -6.353  1.691   4.661   1.00 89.28  ? 18  DT B O2     1 
ATOM   582  N  N3     . DT B 2 7  ? -8.566  1.652   4.180   1.00 73.35  ? 18  DT B N3     1 
ATOM   583  C  C4     . DT B 2 7  ? -9.718  1.097   3.652   1.00 69.60  ? 18  DT B C4     1 
ATOM   584  O  O4     . DT B 2 7  ? -10.806 1.661   3.713   1.00 66.17  ? 18  DT B O4     1 
ATOM   585  C  C5     . DT B 2 7  ? -9.552  -0.193  3.023   1.00 63.13  ? 18  DT B C5     1 
ATOM   586  C  C7     . DT B 2 7  ? -10.735 -0.892  2.424   1.00 60.74  ? 18  DT B C7     1 
ATOM   587  C  C6     . DT B 2 7  ? -8.322  -0.735  3.002   1.00 65.74  ? 18  DT B C6     1 
ATOM   588  H  "H5'"  . DT B 2 7  ? -5.322  -4.222  1.503   1.00 103.42 ? 18  DT B "H5'"  1 
ATOM   589  H  "H5''" . DT B 2 7  ? -6.515  -3.210  1.271   1.00 103.42 ? 18  DT B "H5''" 1 
ATOM   590  H  "H4'"  . DT B 2 7  ? -3.995  -2.076  1.542   1.00 82.15  ? 18  DT B "H4'"  1 
ATOM   591  H  "H3'"  . DT B 2 7  ? -4.531  -3.656  3.515   1.00 100.46 ? 18  DT B "H3'"  1 
ATOM   592  H  "H2'"  . DT B 2 7  ? -6.502  -2.634  4.095   1.00 108.26 ? 18  DT B "H2'"  1 
ATOM   593  H  "H2''" . DT B 2 7  ? -5.481  -1.934  5.112   1.00 108.26 ? 18  DT B "H2''" 1 
ATOM   594  H  "H1'"  . DT B 2 7  ? -5.191  -0.157  3.748   1.00 95.82  ? 18  DT B "H1'"  1 
ATOM   595  H  H3     . DT B 2 7  ? -8.648  2.424   4.550   1.00 88.46  ? 18  DT B H3     1 
ATOM   596  H  H71    . DT B 2 7  ? -11.529 -0.347  2.548   1.00 73.33  ? 18  DT B H71    1 
ATOM   597  H  H72    . DT B 2 7  ? -10.584 -1.031  1.477   1.00 73.33  ? 18  DT B H72    1 
ATOM   598  H  H73    . DT B 2 7  ? -10.861 -1.748  2.862   1.00 73.33  ? 18  DT B H73    1 
ATOM   599  H  H6     . DT B 2 7  ? -8.212  -1.566  2.601   1.00 79.33  ? 18  DT B H6     1 
ATOM   600  P  P      . DC B 2 8  ? -2.035  -3.102  4.129   1.00 101.96 ? 19  DC B P      1 
ATOM   601  O  OP1    . DC B 2 8  ? -0.832  -2.429  3.589   1.00 88.70  ? 19  DC B OP1    1 
ATOM   602  O  OP2    . DC B 2 8  ? -2.371  -4.471  3.673   1.00 70.70  ? 19  DC B OP2    1 
ATOM   603  O  "O5'"  . DC B 2 8  ? -1.948  -3.086  5.729   1.00 105.05 ? 19  DC B "O5'"  1 
ATOM   604  C  "C5'"  . DC B 2 8  ? -1.742  -1.850  6.410   1.00 83.20  ? 19  DC B "C5'"  1 
ATOM   605  C  "C4'"  . DC B 2 8  ? -2.584  -1.759  7.673   1.00 86.63  ? 19  DC B "C4'"  1 
ATOM   606  O  "O4'"  . DC B 2 8  ? -3.965  -1.440  7.326   1.00 83.32  ? 19  DC B "O4'"  1 
ATOM   607  C  "C3'"  . DC B 2 8  ? -2.652  -3.048  8.507   1.00 89.72  ? 19  DC B "C3'"  1 
ATOM   608  O  "O3'"  . DC B 2 8  ? -2.457  -2.762  9.875   1.00 87.99  ? 19  DC B "O3'"  1 
ATOM   609  C  "C2'"  . DC B 2 8  ? -4.054  -3.565  8.233   1.00 82.70  ? 19  DC B "C2'"  1 
ATOM   610  C  "C1'"  . DC B 2 8  ? -4.815  -2.263  8.092   1.00 82.86  ? 19  DC B "C1'"  1 
ATOM   611  N  N1     . DC B 2 8  ? -6.147  -2.373  7.424   1.00 74.85  ? 19  DC B N1     1 
ATOM   612  C  C2     . DC B 2 8  ? -6.952  -1.236  7.326   1.00 76.13  ? 19  DC B C2     1 
ATOM   613  O  O2     . DC B 2 8  ? -6.535  -0.163  7.780   1.00 87.78  ? 19  DC B O2     1 
ATOM   614  N  N3     . DC B 2 8  ? -8.164  -1.337  6.731   1.00 67.87  ? 19  DC B N3     1 
ATOM   615  C  C4     . DC B 2 8  ? -8.575  -2.509  6.251   1.00 67.32  ? 19  DC B C4     1 
ATOM   616  N  N4     . DC B 2 8  ? -9.775  -2.555  5.668   1.00 65.27  ? 19  DC B N4     1 
ATOM   617  C  C5     . DC B 2 8  ? -7.773  -3.683  6.343   1.00 66.51  ? 19  DC B C5     1 
ATOM   618  C  C6     . DC B 2 8  ? -6.581  -3.574  6.936   1.00 69.19  ? 19  DC B C6     1 
ATOM   619  H  "H5'"  . DC B 2 8  ? -1.980  -1.119  5.817   1.00 100.28 ? 19  DC B "H5'"  1 
ATOM   620  H  "H5''" . DC B 2 8  ? -0.805  -1.773  6.648   1.00 100.28 ? 19  DC B "H5''" 1 
ATOM   621  H  "H4'"  . DC B 2 8  ? -2.233  -1.048  8.230   1.00 104.40 ? 19  DC B "H4'"  1 
ATOM   622  H  "H3'"  . DC B 2 8  ? -1.991  -3.685  8.196   1.00 108.10 ? 19  DC B "H3'"  1 
ATOM   623  H  "H2'"  . DC B 2 8  ? -4.083  -4.076  7.409   1.00 99.68  ? 19  DC B "H2'"  1 
ATOM   624  H  "H2''" . DC B 2 8  ? -4.387  -4.083  8.983   1.00 99.68  ? 19  DC B "H2''" 1 
ATOM   625  H  "H1'"  . DC B 2 8  ? -4.933  -1.868  8.970   1.00 99.87  ? 19  DC B "H1'"  1 
ATOM   626  H  H41    . DC B 2 8  ? -10.068 -3.296  5.346   1.00 78.77  ? 19  DC B H41    1 
ATOM   627  H  H42    . DC B 2 8  ? -10.256 -1.843  5.615   1.00 78.77  ? 19  DC B H42    1 
ATOM   628  H  H5     . DC B 2 8  ? -8.070  -4.497  6.006   1.00 80.26  ? 19  DC B H5     1 
ATOM   629  H  H6     . DC B 2 8  ? -6.035  -4.322  7.009   1.00 83.48  ? 19  DC B H6     1 
ATOM   630  P  P      . DA B 2 9  ? -0.985  -2.800  10.509  1.00 110.32 ? 20  DA B P      1 
ATOM   631  O  OP1    . DA B 2 9  ? -0.152  -1.836  9.752   1.00 94.48  ? 20  DA B OP1    1 
ATOM   632  O  OP2    . DA B 2 9  ? -0.582  -4.223  10.582  1.00 94.26  ? 20  DA B OP2    1 
ATOM   633  O  "O5'"  . DA B 2 9  ? -1.204  -2.255  12.002  1.00 106.76 ? 20  DA B "O5'"  1 
ATOM   634  C  "C5'"  . DA B 2 9  ? -0.864  -0.904  12.335  1.00 111.44 ? 20  DA B "C5'"  1 
ATOM   635  C  "C4'"  . DA B 2 9  ? -2.108  -0.049  12.543  1.00 106.94 ? 20  DA B "C4'"  1 
ATOM   636  O  "O4'"  . DA B 2 9  ? -3.194  -0.561  11.723  1.00 102.94 ? 20  DA B "O4'"  1 
ATOM   637  C  "C3'"  . DA B 2 9  ? -2.641  -0.017  13.976  1.00 95.92  ? 20  DA B "C3'"  1 
ATOM   638  O  "O3'"  . DA B 2 9  ? -3.053  1.300   14.332  1.00 91.59  ? 20  DA B "O3'"  1 
ATOM   639  C  "C2'"  . DA B 2 9  ? -3.805  -0.998  13.949  1.00 87.35  ? 20  DA B "C2'"  1 
ATOM   640  C  "C1'"  . DA B 2 9  ? -4.319  -0.860  12.528  1.00 85.58  ? 20  DA B "C1'"  1 
ATOM   641  N  N9     . DA B 2 9  ? -4.943  -2.066  12.001  1.00 86.27  ? 20  DA B N9     1 
ATOM   642  C  C8     . DA B 2 9  ? -4.387  -3.311  11.913  1.00 92.58  ? 20  DA B C8     1 
ATOM   643  N  N7     . DA B 2 9  ? -5.178  -4.207  11.376  1.00 88.09  ? 20  DA B N7     1 
ATOM   644  C  C5     . DA B 2 9  ? -6.331  -3.498  11.085  1.00 78.42  ? 20  DA B C5     1 
ATOM   645  C  C6     . DA B 2 9  ? -7.551  -3.876  10.500  1.00 75.34  ? 20  DA B C6     1 
ATOM   646  N  N6     . DA B 2 9  ? -7.820  -5.120  10.088  1.00 75.79  ? 20  DA B N6     1 
ATOM   647  N  N1     . DA B 2 9  ? -8.491  -2.922  10.356  1.00 69.16  ? 20  DA B N1     1 
ATOM   648  C  C2     . DA B 2 9  ? -8.224  -1.679  10.771  1.00 71.16  ? 20  DA B C2     1 
ATOM   649  N  N3     . DA B 2 9  ? -7.116  -1.206  11.332  1.00 76.79  ? 20  DA B N3     1 
ATOM   650  C  C4     . DA B 2 9  ? -6.200  -2.175  11.462  1.00 80.82  ? 20  DA B C4     1 
ATOM   651  H  "H5'"  . DA B 2 9  ? -0.335  -0.525  11.616  1.00 134.17 ? 20  DA B "H5'"  1 
ATOM   652  H  "H5''" . DA B 2 9  ? -0.338  -0.902  13.150  1.00 134.17 ? 20  DA B "H5''" 1 
ATOM   653  H  "H4'"  . DA B 2 9  ? -1.910  0.859   12.265  1.00 128.77 ? 20  DA B "H4'"  1 
ATOM   654  H  "H3'"  . DA B 2 9  ? -1.959  -0.329  14.591  1.00 115.55 ? 20  DA B "H3'"  1 
ATOM   655  H  "HO3'" . DA B 2 9  ? -2.694  1.692   14.983  1.00 110.35 ? 20  DA B "HO3'" 1 
ATOM   656  H  "H2'"  . DA B 2 9  ? -3.496  -1.902  14.117  1.00 105.26 ? 20  DA B "H2'"  1 
ATOM   657  H  "H2''" . DA B 2 9  ? -4.487  -0.740  14.588  1.00 105.26 ? 20  DA B "H2''" 1 
ATOM   658  H  "H1'"  . DA B 2 9  ? -4.950  -0.126  12.484  1.00 103.14 ? 20  DA B "H1'"  1 
ATOM   659  H  H8     . DA B 2 9  ? -3.527  -3.505  12.209  1.00 111.54 ? 20  DA B H8     1 
ATOM   660  H  H61    . DA B 2 9  ? -8.586  -5.302  9.741   1.00 91.39  ? 20  DA B H61    1 
ATOM   661  H  H62    . DA B 2 9  ? -7.226  -5.737  10.169  1.00 91.39  ? 20  DA B H62    1 
ATOM   662  H  H2     . DA B 2 9  ? -8.906  -1.060  10.646  1.00 85.84  ? 20  DA B H2     1 
ATOM   663  P  P      . DT C 3 1  ? 7.718   12.860  8.814   1.00 111.55 ? 0   DT C P      1 
ATOM   664  O  OP1    . DT C 3 1  ? 8.842   13.686  8.311   1.00 92.88  ? 0   DT C OP1    1 
ATOM   665  O  OP2    . DT C 3 1  ? 7.582   12.574  10.261  1.00 96.43  ? 0   DT C OP2    1 
ATOM   666  O  "O5'"  . DT C 3 1  ? 7.716   11.460  8.044   1.00 76.17  ? 0   DT C "O5'"  1 
ATOM   667  C  "C5'"  . DT C 3 1  ? 6.663   11.151  7.156   1.00 79.05  ? 0   DT C "C5'"  1 
ATOM   668  C  "C4'"  . DT C 3 1  ? 6.581   12.169  6.037   1.00 72.23  ? 0   DT C "C4'"  1 
ATOM   669  O  "O4'"  . DT C 3 1  ? 7.849   12.223  5.335   1.00 63.50  ? 0   DT C "O4'"  1 
ATOM   670  C  "C3'"  . DT C 3 1  ? 5.518   11.861  4.981   1.00 82.56  ? 0   DT C "C3'"  1 
ATOM   671  O  "O3'"  . DT C 3 1  ? 4.604   12.943  4.862   1.00 93.84  ? 0   DT C "O3'"  1 
ATOM   672  C  "C2'"  . DT C 3 1  ? 6.314   11.620  3.697   1.00 68.11  ? 0   DT C "C2'"  1 
ATOM   673  C  "C1'"  . DT C 3 1  ? 7.602   12.367  3.958   1.00 64.00  ? 0   DT C "C1'"  1 
ATOM   674  N  N1     . DT C 3 1  ? 8.770   11.851  3.197   1.00 58.31  ? 0   DT C N1     1 
ATOM   675  C  C2     . DT C 3 1  ? 8.888   12.165  1.867   1.00 64.49  ? 0   DT C C2     1 
ATOM   676  O  O2     . DT C 3 1  ? 8.072   12.841  1.268   1.00 76.89  ? 0   DT C O2     1 
ATOM   677  N  N3     . DT C 3 1  ? 10.001  11.655  1.254   1.00 66.65  ? 0   DT C N3     1 
ATOM   678  C  C4     . DT C 3 1  ? 10.990  10.881  1.831   1.00 63.19  ? 0   DT C C4     1 
ATOM   679  O  O4     . DT C 3 1  ? 11.955  10.468  1.197   1.00 65.67  ? 0   DT C O4     1 
ATOM   680  C  C5     . DT C 3 1  ? 10.805  10.589  3.232   1.00 60.01  ? 0   DT C C5     1 
ATOM   681  C  C7     . DT C 3 1  ? 11.810  9.752   3.964   1.00 52.28  ? 0   DT C C7     1 
ATOM   682  C  C6     . DT C 3 1  ? 9.717   11.084  3.843   1.00 61.71  ? 0   DT C C6     1 
ATOM   683  H  "H5'"  . DT C 3 1  ? 5.825   11.146  7.644   1.00 95.30  ? 0   DT C "H5'"  1 
ATOM   684  H  "H5''" . DT C 3 1  ? 6.815   10.272  6.775   1.00 95.30  ? 0   DT C "H5''" 1 
ATOM   685  H  "H4'"  . DT C 3 1  ? 6.398   13.042  6.421   1.00 87.12  ? 0   DT C "H4'"  1 
ATOM   686  H  "H3'"  . DT C 3 1  ? 5.039   11.053  5.225   1.00 99.51  ? 0   DT C "H3'"  1 
ATOM   687  H  "H2'"  . DT C 3 1  ? 6.487   10.674  3.572   1.00 82.18  ? 0   DT C "H2'"  1 
ATOM   688  H  "H2''" . DT C 3 1  ? 5.851   11.991  2.930   1.00 82.18  ? 0   DT C "H2''" 1 
ATOM   689  H  "H1'"  . DT C 3 1  ? 7.474   13.306  3.752   1.00 77.24  ? 0   DT C "H1'"  1 
ATOM   690  H  H3     . DT C 3 1  ? 10.096  11.838  0.419   1.00 80.42  ? 0   DT C H3     1 
ATOM   691  H  H71    . DT C 3 1  ? 12.159  10.251  4.719   1.00 63.18  ? 0   DT C H71    1 
ATOM   692  H  H72    . DT C 3 1  ? 11.384  8.941   4.282   1.00 63.18  ? 0   DT C H72    1 
ATOM   693  H  H73    . DT C 3 1  ? 12.538  9.521   3.365   1.00 63.18  ? 0   DT C H73    1 
ATOM   694  H  H6     . DT C 3 1  ? 9.596   10.899  4.746   1.00 74.50  ? 0   DT C H6     1 
ATOM   695  P  P      . DC C 3 2  ? 3.185   12.715  4.150   1.00 93.97  ? 1   DC C P      1 
ATOM   696  O  OP1    . DC C 3 2  ? 2.301   13.858  4.462   1.00 99.44  ? 1   DC C OP1    1 
ATOM   697  O  OP2    . DC C 3 2  ? 2.746   11.336  4.468   1.00 65.12  ? 1   DC C OP2    1 
ATOM   698  O  "O5'"  . DC C 3 2  ? 3.547   12.768  2.602   1.00 64.73  ? 1   DC C "O5'"  1 
ATOM   699  C  "C5'"  . DC C 3 2  ? 3.175   11.705  1.763   1.00 58.80  ? 1   DC C "C5'"  1 
ATOM   700  C  "C4'"  . DC C 3 2  ? 3.426   12.063  0.319   1.00 47.90  ? 1   DC C "C4'"  1 
ATOM   701  O  "O4'"  . DC C 3 2  ? 4.847   11.968  0.042   1.00 53.70  ? 1   DC C "O4'"  1 
ATOM   702  C  "C3'"  . DC C 3 2  ? 2.764   11.151  -0.687  1.00 52.33  ? 1   DC C "C3'"  1 
ATOM   703  O  "O3'"  . DC C 3 2  ? 2.465   11.865  -1.870  1.00 47.93  ? 1   DC C "O3'"  1 
ATOM   704  C  "C2'"  . DC C 3 2  ? 3.819   10.077  -0.899  1.00 57.69  ? 1   DC C "C2'"  1 
ATOM   705  C  "C1'"  . DC C 3 2  ? 5.106   10.879  -0.827  1.00 52.84  ? 1   DC C "C1'"  1 
ATOM   706  N  N1     . DC C 3 2  ? 6.280   10.136  -0.290  1.00 45.45  ? 1   DC C N1     1 
ATOM   707  C  C2     . DC C 3 2  ? 7.375   9.866   -1.124  1.00 53.23  ? 1   DC C C2     1 
ATOM   708  O  O2     . DC C 3 2  ? 7.339   10.221  -2.310  1.00 53.97  ? 1   DC C O2     1 
ATOM   709  N  N3     . DC C 3 2  ? 8.445   9.214   -0.608  1.00 48.82  ? 1   DC C N3     1 
ATOM   710  C  C4     . DC C 3 2  ? 8.451   8.855   0.675   1.00 56.52  ? 1   DC C C4     1 
ATOM   711  N  N4     . DC C 3 2  ? 9.528   8.214   1.138   1.00 62.25  ? 1   DC C N4     1 
ATOM   712  C  C5     . DC C 3 2  ? 7.351   9.131   1.539   1.00 56.71  ? 1   DC C C5     1 
ATOM   713  C  C6     . DC C 3 2  ? 6.301   9.773   1.019   1.00 44.03  ? 1   DC C C6     1 
ATOM   714  H  "H5'"  . DC C 3 2  ? 2.232   11.515  1.886   1.00 71.01  ? 1   DC C "H5'"  1 
ATOM   715  H  "H5''" . DC C 3 2  ? 3.693   10.919  1.993   1.00 71.01  ? 1   DC C "H5''" 1 
ATOM   716  H  "H4'"  . DC C 3 2  ? 3.132   12.974  0.162   1.00 57.93  ? 1   DC C "H4'"  1 
ATOM   717  H  "H3'"  . DC C 3 2  ? 1.958   10.764  -0.310  1.00 63.24  ? 1   DC C "H3'"  1 
ATOM   718  H  "H2'"  . DC C 3 2  ? 3.785   9.414   -0.192  1.00 69.67  ? 1   DC C "H2'"  1 
ATOM   719  H  "H2''" . DC C 3 2  ? 3.720   9.662   -1.771  1.00 69.67  ? 1   DC C "H2''" 1 
ATOM   720  H  "H1'"  . DC C 3 2  ? 5.320   11.220  -1.710  1.00 63.85  ? 1   DC C "H1'"  1 
ATOM   721  H  H41    . DC C 3 2  ? 9.570   7.989   1.967   1.00 75.14  ? 1   DC C H41    1 
ATOM   722  H  H42    . DC C 3 2  ? 10.179  8.028   0.608   1.00 75.14  ? 1   DC C H42    1 
ATOM   723  H  H5     . DC C 3 2  ? 7.361   8.867   2.430   1.00 68.49  ? 1   DC C H5     1 
ATOM   724  H  H6     . DC C 3 2  ? 5.567   9.961   1.559   1.00 53.27  ? 1   DC C H6     1 
ATOM   725  P  P      . DA C 3 3  ? 1.125   11.525  -2.682  1.00 52.19  ? 2   DA C P      1 
ATOM   726  O  OP1    . DA C 3 3  ? 1.071   12.404  -3.870  1.00 73.08  ? 2   DA C OP1    1 
ATOM   727  O  OP2    . DA C 3 3  ? 0.014   11.558  -1.704  1.00 65.85  ? 2   DA C OP2    1 
ATOM   728  O  "O5'"  . DA C 3 3  ? 1.349   10.010  -3.142  1.00 53.70  ? 2   DA C "O5'"  1 
ATOM   729  C  "C5'"  . DA C 3 3  ? 1.281   9.660   -4.517  1.00 57.49  ? 2   DA C "C5'"  1 
ATOM   730  C  "C4'"  . DA C 3 3  ? 2.590   9.054   -4.991  1.00 54.07  ? 2   DA C "C4'"  1 
ATOM   731  O  "O4'"  . DA C 3 3  ? 3.465   8.854   -3.872  1.00 51.57  ? 2   DA C "O4'"  1 
ATOM   732  C  "C3'"  . DA C 3 3  ? 2.461   7.683   -5.642  1.00 41.62  ? 2   DA C "C3'"  1 
ATOM   733  O  "O3'"  . DA C 3 3  ? 2.420   7.812   -7.046  1.00 49.25  ? 2   DA C "O3'"  1 
ATOM   734  C  "C2'"  . DA C 3 3  ? 3.694   6.910   -5.166  1.00 50.31  ? 2   DA C "C2'"  1 
ATOM   735  C  "C1'"  . DA C 3 3  ? 4.399   7.864   -4.213  1.00 48.09  ? 2   DA C "C1'"  1 
ATOM   736  N  N9     . DA C 3 3  ? 4.873   7.240   -2.986  1.00 44.36  ? 2   DA C N9     1 
ATOM   737  C  C8     . DA C 3 3  ? 4.165   7.054   -1.835  1.00 45.27  ? 2   DA C C8     1 
ATOM   738  N  N7     . DA C 3 3  ? 4.855   6.482   -0.878  1.00 50.07  ? 2   DA C N7     1 
ATOM   739  C  C5     . DA C 3 3  ? 6.101   6.278   -1.445  1.00 51.10  ? 2   DA C C5     1 
ATOM   740  C  C6     . DA C 3 3  ? 7.288   5.705   -0.949  1.00 52.75  ? 2   DA C C6     1 
ATOM   741  N  N6     . DA C 3 3  ? 7.407   5.216   0.290   1.00 56.95  ? 2   DA C N6     1 
ATOM   742  N  N1     . DA C 3 3  ? 8.351   5.656   -1.778  1.00 50.11  ? 2   DA C N1     1 
ATOM   743  C  C2     . DA C 3 3  ? 8.228   6.152   -3.014  1.00 59.02  ? 2   DA C C2     1 
ATOM   744  N  N3     . DA C 3 3  ? 7.166   6.710   -3.591  1.00 57.64  ? 2   DA C N3     1 
ATOM   745  C  C4     . DA C 3 3  ? 6.127   6.743   -2.744  1.00 50.59  ? 2   DA C C4     1 
ATOM   746  H  "H5'"  . DA C 3 3  ? 1.091   10.455  -5.038  1.00 69.43  ? 2   DA C "H5'"  1 
ATOM   747  H  "H5''" . DA C 3 3  ? 0.567   9.017   -4.646  1.00 69.43  ? 2   DA C "H5''" 1 
ATOM   748  H  "H4'"  . DA C 3 3  ? 3.011   9.663   -5.617  1.00 65.33  ? 2   DA C "H4'"  1 
ATOM   749  H  "H3'"  . DA C 3 3  ? 1.655   7.245   -5.328  1.00 50.39  ? 2   DA C "H3'"  1 
ATOM   750  H  "H2'"  . DA C 3 3  ? 3.426   6.102   -4.699  1.00 60.82  ? 2   DA C "H2'"  1 
ATOM   751  H  "H2''" . DA C 3 3  ? 4.269   6.694   -5.916  1.00 60.82  ? 2   DA C "H2''" 1 
ATOM   752  H  "H1'"  . DA C 3 3  ? 5.149   8.276   -4.671  1.00 58.15  ? 2   DA C "H1'"  1 
ATOM   753  H  H8     . DA C 3 3  ? 3.278   7.315   -1.735  1.00 54.77  ? 2   DA C H8     1 
ATOM   754  H  H61    . DA C 3 3  ? 8.153   4.875   0.548   1.00 68.78  ? 2   DA C H61    1 
ATOM   755  H  H62    . DA C 3 3  ? 6.737   5.242   0.828   1.00 68.78  ? 2   DA C H62    1 
ATOM   756  H  H2     . DA C 3 3  ? 8.989   6.096   -3.545  1.00 71.27  ? 2   DA C H2     1 
ATOM   757  P  P      . DC C 3 4  ? 1.035   8.191   -7.757  1.00 72.01  ? 3   DC C P      1 
ATOM   758  O  OP1    . DC C 3 4  ? 1.087   7.658   -9.138  1.00 50.80  ? 3   DC C OP1    1 
ATOM   759  O  OP2    . DC C 3 4  ? 0.779   9.633   -7.541  1.00 54.32  ? 3   DC C OP2    1 
ATOM   760  O  "O5'"  . DC C 3 4  ? -0.040  7.362   -6.916  1.00 49.77  ? 3   DC C "O5'"  1 
ATOM   761  C  "C5'"  . DC C 3 4  ? -0.337  6.022   -7.269  1.00 56.74  ? 3   DC C "C5'"  1 
ATOM   762  C  "C4'"  . DC C 3 4  ? -1.815  5.877   -7.542  1.00 55.94  ? 3   DC C "C4'"  1 
ATOM   763  O  "O4'"  . DC C 3 4  ? -2.552  6.326   -6.392  1.00 55.50  ? 3   DC C "O4'"  1 
ATOM   764  C  "C3'"  . DC C 3 4  ? -2.323  6.728   -8.683  1.00 62.12  ? 3   DC C "C3'"  1 
ATOM   765  O  "O3'"  . DC C 3 4  ? -2.209  6.032   -9.904  1.00 64.72  ? 3   DC C "O3'"  1 
ATOM   766  C  "C2'"  . DC C 3 4  ? -3.773  7.023   -8.304  1.00 55.12  ? 3   DC C "C2'"  1 
ATOM   767  C  "C1'"  . DC C 3 4  ? -3.804  6.844   -6.788  1.00 48.24  ? 3   DC C "C1'"  1 
ATOM   768  N  N1     . DC C 3 4  ? -4.046  8.088   -6.004  1.00 38.09  ? 3   DC C N1     1 
ATOM   769  C  C2     . DC C 3 4  ? -5.312  8.674   -6.010  1.00 42.78  ? 3   DC C C2     1 
ATOM   770  O  O2     . DC C 3 4  ? -6.201  8.173   -6.711  1.00 50.15  ? 3   DC C O2     1 
ATOM   771  N  N3     . DC C 3 4  ? -5.528  9.784   -5.260  1.00 35.40  ? 3   DC C N3     1 
ATOM   772  C  C4     . DC C 3 4  ? -4.537  10.297  -4.531  1.00 45.79  ? 3   DC C C4     1 
ATOM   773  N  N4     . DC C 3 4  ? -4.793  11.388  -3.800  1.00 48.54  ? 3   DC C N4     1 
ATOM   774  C  C5     . DC C 3 4  ? -3.242  9.698   -4.497  1.00 51.38  ? 3   DC C C5     1 
ATOM   775  C  C6     . DC C 3 4  ? -3.046  8.602   -5.237  1.00 42.04  ? 3   DC C C6     1 
ATOM   776  H  "H5'"  . DC C 3 4  ? -0.086  5.434   -6.540  1.00 68.52  ? 3   DC C "H5'"  1 
ATOM   777  H  "H5''" . DC C 3 4  ? 0.162   5.781   -8.065  1.00 68.52  ? 3   DC C "H5''" 1 
ATOM   778  H  "H4'"  . DC C 3 4  ? -2.023  4.945   -7.716  1.00 67.57  ? 3   DC C "H4'"  1 
ATOM   779  H  "H3'"  . DC C 3 4  ? -1.818  7.556   -8.725  1.00 74.98  ? 3   DC C "H3'"  1 
ATOM   780  H  "H2'"  . DC C 3 4  ? -4.009  7.933   -8.544  1.00 66.59  ? 3   DC C "H2'"  1 
ATOM   781  H  "H2''" . DC C 3 4  ? -4.372  6.390   -8.733  1.00 66.59  ? 3   DC C "H2''" 1 
ATOM   782  H  "H1'"  . DC C 3 4  ? -4.491  6.198   -6.565  1.00 58.33  ? 3   DC C "H1'"  1 
ATOM   783  H  H41    . DC C 3 4  ? -4.174  11.737  -3.315  1.00 58.70  ? 3   DC C H41    1 
ATOM   784  H  H42    . DC C 3 4  ? -5.577  11.742  -3.816  1.00 58.70  ? 3   DC C H42    1 
ATOM   785  H  H5     . DC C 3 4  ? -2.559  10.057  -3.979  1.00 62.10  ? 3   DC C H5     1 
ATOM   786  H  H6     . DC C 3 4  ? -2.211  8.192   -5.236  1.00 50.89  ? 3   DC C H6     1 
ATOM   787  P  P      . DC C 3 5  ? -1.865  6.844   -11.242 1.00 70.12  ? 4   DC C P      1 
ATOM   788  O  OP1    . DC C 3 5  ? -1.429  5.873   -12.273 1.00 71.44  ? 4   DC C OP1    1 
ATOM   789  O  OP2    . DC C 3 5  ? -0.987  7.969   -10.851 1.00 58.37  ? 4   DC C OP2    1 
ATOM   790  O  "O5'"  . DC C 3 5  ? -3.266  7.473   -11.661 1.00 55.52  ? 4   DC C "O5'"  1 
ATOM   791  C  "C5'"  . DC C 3 5  ? -4.423  6.655   -11.711 1.00 60.12  ? 4   DC C "C5'"  1 
ATOM   792  C  "C4'"  . DC C 3 5  ? -5.665  7.512   -11.763 1.00 53.33  ? 4   DC C "C4'"  1 
ATOM   793  O  "O4'"  . DC C 3 5  ? -5.813  8.206   -10.506 1.00 49.75  ? 4   DC C "O4'"  1 
ATOM   794  C  "C3'"  . DC C 3 5  ? -5.623  8.600   -12.834 1.00 68.45  ? 4   DC C "C3'"  1 
ATOM   795  O  "O3'"  . DC C 3 5  ? -6.500  8.311   -13.905 1.00 73.42  ? 4   DC C "O3'"  1 
ATOM   796  C  "C2'"  . DC C 3 5  ? -6.023  9.881   -12.107 1.00 66.62  ? 4   DC C "C2'"  1 
ATOM   797  C  "C1'"  . DC C 3 5  ? -6.470  9.419   -10.739 1.00 40.12  ? 4   DC C "C1'"  1 
ATOM   798  N  N1     . DC C 3 5  ? -6.112  10.378  -9.676  1.00 46.54  ? 4   DC C N1     1 
ATOM   799  C  C2     . DC C 3 5  ? -7.081  11.261  -9.183  1.00 54.38  ? 4   DC C C2     1 
ATOM   800  O  O2     . DC C 3 5  ? -8.235  11.202  -9.631  1.00 56.11  ? 4   DC C O2     1 
ATOM   801  N  N3     . DC C 3 5  ? -6.729  12.150  -8.219  1.00 49.19  ? 4   DC C N3     1 
ATOM   802  C  C4     . DC C 3 5  ? -5.474  12.177  -7.764  1.00 44.11  ? 4   DC C C4     1 
ATOM   803  N  N4     . DC C 3 5  ? -5.173  13.067  -6.817  1.00 43.26  ? 4   DC C N4     1 
ATOM   804  C  C5     . DC C 3 5  ? -4.472  11.291  -8.261  1.00 52.01  ? 4   DC C C5     1 
ATOM   805  C  C6     . DC C 3 5  ? -4.831  10.424  -9.214  1.00 53.33  ? 4   DC C C6     1 
ATOM   806  H  "H5'"  . DC C 3 5  ? -4.454  6.093   -10.922 1.00 72.59  ? 4   DC C "H5'"  1 
ATOM   807  H  "H5''" . DC C 3 5  ? -4.387  6.095   -12.502 1.00 72.59  ? 4   DC C "H5''" 1 
ATOM   808  H  "H4'"  . DC C 3 5  ? -6.439  6.947   -11.910 1.00 64.44  ? 4   DC C "H4'"  1 
ATOM   809  H  "H3'"  . DC C 3 5  ? -4.717  8.689   -13.171 1.00 82.58  ? 4   DC C "H3'"  1 
ATOM   810  H  "H2'"  . DC C 3 5  ? -5.263  10.478  -12.031 1.00 80.38  ? 4   DC C "H2'"  1 
ATOM   811  H  "H2''" . DC C 3 5  ? -6.754  10.318  -12.572 1.00 80.38  ? 4   DC C "H2''" 1 
ATOM   812  H  "H1'"  . DC C 3 5  ? -7.430  9.276   -10.740 1.00 48.58  ? 4   DC C "H1'"  1 
ATOM   813  H  H5     . DC C 3 5  ? -3.601  11.321  -7.940  1.00 62.85  ? 4   DC C H5     1 
ATOM   814  H  H6     . DC C 3 5  ? -4.199  9.835   -9.560  1.00 64.43  ? 4   DC C H6     1 
ATOM   815  P  P      . DG C 3 6  ? -6.467  9.234   -15.219 1.00 73.12  ? 5   DG C P      1 
ATOM   816  O  OP1    . DG C 3 6  ? -5.664  8.511   -16.231 1.00 79.40  ? 5   DG C OP1    1 
ATOM   817  O  OP2    . DG C 3 6  ? -6.072  10.606  -14.816 1.00 43.95  ? 5   DG C OP2    1 
ATOM   818  O  "O5'"  . DG C 3 6  ? -7.993  9.279   -15.697 1.00 72.66  ? 5   DG C "O5'"  1 
ATOM   819  C  "C5'"  . DG C 3 6  ? -9.032  9.551   -14.760 1.00 63.53  ? 5   DG C "C5'"  1 
ATOM   820  C  "C4'"  . DG C 3 6  ? -9.257  11.047  -14.588 1.00 59.25  ? 5   DG C "C4'"  1 
ATOM   821  O  "O4'"  . DG C 3 6  ? -8.580  11.508  -13.405 1.00 64.89  ? 5   DG C "O4'"  1 
ATOM   822  C  "C3'"  . DG C 3 6  ? -8.719  11.932  -15.709 1.00 73.92  ? 5   DG C "C3'"  1 
ATOM   823  O  "O3'"  . DG C 3 6  ? -9.731  12.198  -16.673 1.00 93.97  ? 5   DG C "O3'"  1 
ATOM   824  C  "C2'"  . DG C 3 6  ? -8.254  13.209  -14.989 1.00 69.97  ? 5   DG C "C2'"  1 
ATOM   825  C  "C1'"  . DG C 3 6  ? -8.441  12.901  -13.503 1.00 57.83  ? 5   DG C "C1'"  1 
ATOM   826  N  N9     . DG C 3 6  ? -7.322  13.332  -12.670 1.00 62.25  ? 5   DG C N9     1 
ATOM   827  C  C8     . DG C 3 6  ? -6.024  12.885  -12.722 1.00 58.25  ? 5   DG C C8     1 
ATOM   828  N  N7     . DG C 3 6  ? -5.238  13.466  -11.856 1.00 55.68  ? 5   DG C N7     1 
ATOM   829  C  C5     . DG C 3 6  ? -6.065  14.360  -11.196 1.00 50.15  ? 5   DG C C5     1 
ATOM   830  C  C6     . DG C 3 6  ? -5.773  15.267  -10.158 1.00 56.77  ? 5   DG C C6     1 
ATOM   831  O  O6     . DG C 3 6  ? -4.685  15.467  -9.599  1.00 56.74  ? 5   DG C O6     1 
ATOM   832  N  N1     . DG C 3 6  ? -6.902  15.989  -9.774  1.00 68.18  ? 5   DG C N1     1 
ATOM   833  C  C2     . DG C 3 6  ? -8.153  15.847  -10.329 1.00 62.53  ? 5   DG C C2     1 
ATOM   834  N  N2     . DG C 3 6  ? -9.120  16.630  -9.828  1.00 70.08  ? 5   DG C N2     1 
ATOM   835  N  N3     . DG C 3 6  ? -8.439  15.001  -11.303 1.00 54.17  ? 5   DG C N3     1 
ATOM   836  C  C4     . DG C 3 6  ? -7.351  14.293  -11.685 1.00 57.31  ? 5   DG C C4     1 
ATOM   837  H  "H5'"  . DG C 3 6  ? -8.794  9.166   -13.902 1.00 76.67  ? 5   DG C "H5'"  1 
ATOM   838  H  "H5''" . DG C 3 6  ? -9.855  9.141   -15.072 1.00 76.67  ? 5   DG C "H5''" 1 
ATOM   839  H  "H4'"  . DG C 3 6  ? -10.208 11.210  -14.488 1.00 71.54  ? 5   DG C "H4'"  1 
ATOM   840  H  "H3'"  . DG C 3 6  ? -7.963  11.501  -16.136 1.00 89.15  ? 5   DG C "H3'"  1 
ATOM   841  H  "HO3'" . DG C 3 6  ? -9.622  11.966  -17.472 1.00 113.21 ? 5   DG C "HO3'" 1 
ATOM   842  H  "H2'"  . DG C 3 6  ? -7.320  13.387  -15.183 1.00 84.41  ? 5   DG C "H2'"  1 
ATOM   843  H  "H2''" . DG C 3 6  ? -8.804  13.964  -15.250 1.00 84.41  ? 5   DG C "H2''" 1 
ATOM   844  H  "H1'"  . DG C 3 6  ? -9.254  13.325  -13.189 1.00 69.83  ? 5   DG C "H1'"  1 
ATOM   845  H  H8     . DG C 3 6  ? -5.735  12.228  -13.313 1.00 70.34  ? 5   DG C H8     1 
ATOM   846  H  H1     . DG C 3 6  ? -6.809  16.566  -9.142  1.00 82.26  ? 5   DG C H1     1 
ATOM   847  H  H21    . DG C 3 6  ? -9.920  16.578  -10.142 1.00 84.54  ? 5   DG C H21    1 
ATOM   848  H  H22    . DG C 3 6  ? -8.942  17.183  -9.195  1.00 84.54  ? 5   DG C H22    1 
ATOM   849  O  "O5'"  . DT D 4 1  ? -14.498 -12.824 10.746  1.00 105.77 ? 2   DT D "O5'"  1 
ATOM   850  C  "C5'"  . DT D 4 1  ? -15.336 -11.918 10.037  1.00 91.14  ? 2   DT D "C5'"  1 
ATOM   851  C  "C4'"  . DT D 4 1  ? -16.335 -11.264 10.969  1.00 97.76  ? 2   DT D "C4'"  1 
ATOM   852  O  "O4'"  . DT D 4 1  ? -15.682 -10.986 12.227  1.00 107.55 ? 2   DT D "O4'"  1 
ATOM   853  C  "C3'"  . DT D 4 1  ? -16.910 -9.948  10.458  1.00 85.22  ? 2   DT D "C3'"  1 
ATOM   854  O  "O3'"  . DT D 4 1  ? -18.243 -10.139 10.000  1.00 97.70  ? 2   DT D "O3'"  1 
ATOM   855  C  "C2'"  . DT D 4 1  ? -16.853 -8.997  11.647  1.00 88.72  ? 2   DT D "C2'"  1 
ATOM   856  C  "C1'"  . DT D 4 1  ? -15.903 -9.658  12.643  1.00 102.78 ? 2   DT D "C1'"  1 
ATOM   857  N  N1     . DT D 4 1  ? -14.581 -8.982  12.761  1.00 105.36 ? 2   DT D N1     1 
ATOM   858  C  C2     . DT D 4 1  ? -14.536 -7.656  13.119  1.00 113.76 ? 2   DT D C2     1 
ATOM   859  O  O2     . DT D 4 1  ? -15.532 -6.985  13.333  1.00 115.42 ? 2   DT D O2     1 
ATOM   860  N  N3     . DT D 4 1  ? -13.277 -7.133  13.218  1.00 113.32 ? 2   DT D N3     1 
ATOM   861  C  C4     . DT D 4 1  ? -12.081 -7.789  12.995  1.00 115.01 ? 2   DT D C4     1 
ATOM   862  O  O4     . DT D 4 1  ? -10.995 -7.225  13.106  1.00 117.02 ? 2   DT D O4     1 
ATOM   863  C  C5     . DT D 4 1  ? -12.197 -9.183  12.630  1.00 108.54 ? 2   DT D C5     1 
ATOM   864  C  C7     . DT D 4 1  ? -10.967 -10.000 12.367  1.00 107.43 ? 2   DT D C7     1 
ATOM   865  C  C6     . DT D 4 1  ? -13.428 -9.707  12.534  1.00 97.44  ? 2   DT D C6     1 
ATOM   866  H  "H5'"  . DT D 4 1  ? -15.814 -12.401 9.345   1.00 109.81 ? 2   DT D "H5'"  1 
ATOM   867  H  "H5''" . DT D 4 1  ? -14.787 -11.232 9.625   1.00 109.81 ? 2   DT D "H5''" 1 
ATOM   868  H  "H4'"  . DT D 4 1  ? -17.066 -11.883 11.126  1.00 117.75 ? 2   DT D "H4'"  1 
ATOM   869  H  "H3'"  . DT D 4 1  ? -16.359 -9.607  9.736   1.00 102.71 ? 2   DT D "H3'"  1 
ATOM   870  H  "H2'"  . DT D 4 1  ? -16.504 -8.134  11.372  1.00 106.91 ? 2   DT D "H2'"  1 
ATOM   871  H  "H2''" . DT D 4 1  ? -17.734 -8.895  12.039  1.00 106.91 ? 2   DT D "H2''" 1 
ATOM   872  H  "H1'"  . DT D 4 1  ? -16.326 -9.671  13.515  1.00 123.77 ? 2   DT D "H1'"  1 
ATOM   873  H  H3     . DT D 4 1  ? -13.222 -6.302  13.432  1.00 136.43 ? 2   DT D H3     1 
ATOM   874  H  H71    . DT D 4 1  ? -10.937 -10.746 12.986  1.00 129.36 ? 2   DT D H71    1 
ATOM   875  H  H72    . DT D 4 1  ? -10.990 -10.336 11.457  1.00 129.36 ? 2   DT D H72    1 
ATOM   876  H  H73    . DT D 4 1  ? -10.180 -9.447  12.487  1.00 129.36 ? 2   DT D H73    1 
ATOM   877  H  H6     . DT D 4 1  ? -13.508 -10.603 12.299  1.00 117.37 ? 2   DT D H6     1 
ATOM   878  P  P      . DC D 4 2  ? -18.772 -9.363  8.698   1.00 100.49 ? 3   DC D P      1 
ATOM   879  O  OP1    . DC D 4 2  ? -20.233 -9.585  8.607   1.00 110.23 ? 3   DC D OP1    1 
ATOM   880  O  OP2    . DC D 4 2  ? -17.910 -9.763  7.564   1.00 96.99  ? 3   DC D OP2    1 
ATOM   881  O  "O5'"  . DC D 4 2  ? -18.531 -7.820  9.048   1.00 93.26  ? 3   DC D "O5'"  1 
ATOM   882  C  "C5'"  . DC D 4 2  ? -19.625 -6.999  9.440   1.00 90.96  ? 3   DC D "C5'"  1 
ATOM   883  C  "C4'"  . DC D 4 2  ? -19.183 -5.914  10.412  1.00 100.85 ? 3   DC D "C4'"  1 
ATOM   884  O  "O4'"  . DC D 4 2  ? -17.839 -6.195  10.882  1.00 94.30  ? 3   DC D "O4'"  1 
ATOM   885  C  "C3'"  . DC D 4 2  ? -19.147 -4.500  9.823   1.00 98.94  ? 3   DC D "C3'"  1 
ATOM   886  O  "O3'"  . DC D 4 2  ? -20.002 -3.635  10.556  1.00 110.05 ? 3   DC D "O3'"  1 
ATOM   887  C  "C2'"  . DC D 4 2  ? -17.680 -4.076  9.913   1.00 96.79  ? 3   DC D "C2'"  1 
ATOM   888  C  "C1'"  . DC D 4 2  ? -17.110 -4.991  10.976  1.00 89.73  ? 3   DC D "C1'"  1 
ATOM   889  N  N1     . DC D 4 2  ? -15.655 -5.294  10.806  1.00 91.08  ? 3   DC D N1     1 
ATOM   890  C  C2     . DC D 4 2  ? -15.253 -6.300  9.920   1.00 90.27  ? 3   DC D C2     1 
ATOM   891  O  O2     . DC D 4 2  ? -16.109 -6.922  9.282   1.00 100.85 ? 3   DC D O2     1 
ATOM   892  N  N3     . DC D 4 2  ? -13.931 -6.570  9.787   1.00 87.79  ? 3   DC D N3     1 
ATOM   893  C  C4     . DC D 4 2  ? -13.034 -5.878  10.490  1.00 93.20  ? 3   DC D C4     1 
ATOM   894  N  N4     . DC D 4 2  ? -11.742 -6.180  10.321  1.00 93.93  ? 3   DC D N4     1 
ATOM   895  C  C5     . DC D 4 2  ? -13.423 -4.845  11.396  1.00 85.71  ? 3   DC D C5     1 
ATOM   896  C  C6     . DC D 4 2  ? -14.730 -4.593  11.525  1.00 89.75  ? 3   DC D C6     1 
ATOM   897  H  "H5'"  . DC D 4 2  ? -20.299 -7.551  9.866   1.00 109.59 ? 3   DC D "H5'"  1 
ATOM   898  H  "H5''" . DC D 4 2  ? -20.008 -6.582  8.652   1.00 109.59 ? 3   DC D "H5''" 1 
ATOM   899  H  "H4'"  . DC D 4 2  ? -19.784 -5.917  11.173  1.00 121.47 ? 3   DC D "H4'"  1 
ATOM   900  H  "H3'"  . DC D 4 2  ? -19.424 -4.525  8.893   1.00 119.17 ? 3   DC D "H3'"  1 
ATOM   901  H  "H2'"  . DC D 4 2  ? -17.231 -4.218  9.065   1.00 116.59 ? 3   DC D "H2'"  1 
ATOM   902  H  "H2''" . DC D 4 2  ? -17.608 -3.149  10.188  1.00 116.59 ? 3   DC D "H2''" 1 
ATOM   903  H  "H1'"  . DC D 4 2  ? -17.256 -4.597  11.850  1.00 108.12 ? 3   DC D "H1'"  1 
ATOM   904  H  H41    . DC D 4 2  ? -11.138 -5.744  10.752  1.00 113.15 ? 3   DC D H41    1 
ATOM   905  H  H42    . DC D 4 2  ? -11.514 -6.810  9.781   1.00 113.15 ? 3   DC D H42    1 
ATOM   906  H  H5     . DC D 4 2  ? -12.791 -4.373  11.888  1.00 103.30 ? 3   DC D H5     1 
ATOM   907  H  H6     . DC D 4 2  ? -15.012 -3.927  12.111  1.00 108.15 ? 3   DC D H6     1 
ATOM   908  P  P      . DT D 4 3  ? -20.447 -2.224  9.932   1.00 124.48 ? 4   DT D P      1 
ATOM   909  O  OP1    . DT D 4 3  ? -21.608 -1.734  10.707  1.00 126.81 ? 4   DT D OP1    1 
ATOM   910  O  OP2    . DT D 4 3  ? -20.565 -2.396  8.466   1.00 93.96  ? 4   DT D OP2    1 
ATOM   911  O  "O5'"  . DT D 4 3  ? -19.204 -1.268  10.235  1.00 101.24 ? 4   DT D "O5'"  1 
ATOM   912  C  "C5'"  . DT D 4 3  ? -18.817 -1.023  11.579  1.00 97.78  ? 4   DT D "C5'"  1 
ATOM   913  C  "C4'"  . DT D 4 3  ? -17.645 -0.057  11.643  1.00 106.83 ? 4   DT D "C4'"  1 
ATOM   914  O  "O4'"  . DT D 4 3  ? -16.413 -0.781  11.423  1.00 104.18 ? 4   DT D "O4'"  1 
ATOM   915  C  "C3'"  . DT D 4 3  ? -17.688 1.070   10.612  1.00 97.04  ? 4   DT D "C3'"  1 
ATOM   916  O  "O3'"  . DT D 4 3  ? -17.725 2.325   11.274  1.00 90.83  ? 4   DT D "O3'"  1 
ATOM   917  C  "C2'"  . DT D 4 3  ? -16.425 0.880   9.752   1.00 93.35  ? 4   DT D "C2'"  1 
ATOM   918  C  "C1'"  . DT D 4 3  ? -15.547 -0.054  10.579  1.00 93.80  ? 4   DT D "C1'"  1 
ATOM   919  N  N1     . DT D 4 3  ? -14.753 -1.063  9.791   1.00 84.79  ? 4   DT D N1     1 
ATOM   920  C  C2     . DT D 4 3  ? -15.395 -1.880  8.885   1.00 88.13  ? 4   DT D C2     1 
ATOM   921  O  O2     . DT D 4 3  ? -16.583 -1.796  8.633   1.00 99.20  ? 4   DT D O2     1 
ATOM   922  N  N3     . DT D 4 3  ? -14.586 -2.788  8.255   1.00 80.56  ? 4   DT D N3     1 
ATOM   923  C  C4     . DT D 4 3  ? -13.231 -2.976  8.451   1.00 69.99  ? 4   DT D C4     1 
ATOM   924  O  O4     . DT D 4 3  ? -12.590 -3.824  7.840   1.00 56.72  ? 4   DT D O4     1 
ATOM   925  C  C5     . DT D 4 3  ? -12.625 -2.106  9.427   1.00 70.79  ? 4   DT D C5     1 
ATOM   926  C  C7     . DT D 4 3  ? -11.164 -2.218  9.717   1.00 64.84  ? 4   DT D C7     1 
ATOM   927  C  C6     . DT D 4 3  ? -13.404 -1.208  10.051  1.00 77.30  ? 4   DT D C6     1 
ATOM   928  H  "H5'"  . DT D 4 3  ? -18.561 -1.861  11.993  1.00 117.77 ? 4   DT D "H5'"  1 
ATOM   929  H  "H5''" . DT D 4 3  ? -19.568 -0.644  12.062  1.00 117.77 ? 4   DT D "H5''" 1 
ATOM   930  H  "H4'"  . DT D 4 3  ? -17.619 0.336   12.529  1.00 128.64 ? 4   DT D "H4'"  1 
ATOM   931  H  "H3'"  . DT D 4 3  ? -18.478 0.972   10.057  1.00 116.89 ? 4   DT D "H3'"  1 
ATOM   932  H  "H2'"  . DT D 4 3  ? -16.651 0.470   8.902   1.00 112.46 ? 4   DT D "H2'"  1 
ATOM   933  H  "H2''" . DT D 4 3  ? -15.977 1.729   9.612   1.00 112.46 ? 4   DT D "H2''" 1 
ATOM   934  H  "H1'"  . DT D 4 3  ? -14.942 0.475   11.122  1.00 113.00 ? 4   DT D "H1'"  1 
ATOM   935  H  H3     . DT D 4 3  ? -14.963 -3.301  7.677   1.00 97.11  ? 4   DT D H3     1 
ATOM   936  H  H71    . DT D 4 3  ? -10.775 -2.909  9.159   1.00 78.25  ? 4   DT D H71    1 
ATOM   937  H  H72    . DT D 4 3  ? -10.731 -1.369  9.531   1.00 78.25  ? 4   DT D H72    1 
ATOM   938  H  H73    . DT D 4 3  ? -11.036 -2.447  10.652  1.00 78.25  ? 4   DT D H73    1 
ATOM   939  H  H6     . DT D 4 3  ? -13.013 -0.646  10.681  1.00 93.20  ? 4   DT D H6     1 
ATOM   940  P  P      . DG D 4 4  ? -17.660 3.689   10.433  1.00 114.60 ? 5   DG D P      1 
ATOM   941  O  OP1    . DG D 4 4  ? -18.288 4.765   11.232  1.00 115.43 ? 5   DG D OP1    1 
ATOM   942  O  OP2    . DG D 4 4  ? -18.164 3.387   9.075   1.00 90.10  ? 5   DG D OP2    1 
ATOM   943  O  "O5'"  . DG D 4 4  ? -16.092 3.978   10.337  1.00 106.92 ? 5   DG D "O5'"  1 
ATOM   944  C  "C5'"  . DG D 4 4  ? -15.260 3.743   11.471  1.00 105.14 ? 5   DG D "C5'"  1 
ATOM   945  C  "C4'"  . DG D 4 4  ? -14.045 4.645   11.438  1.00 98.30  ? 5   DG D "C4'"  1 
ATOM   946  O  "O4'"  . DG D 4 4  ? -12.983 4.006   10.693  1.00 94.20  ? 5   DG D "O4'"  1 
ATOM   947  C  "C3'"  . DG D 4 4  ? -14.267 5.966   10.736  1.00 91.41  ? 5   DG D "C3'"  1 
ATOM   948  O  "O3'"  . DG D 4 4  ? -13.380 6.948   11.213  1.00 95.15  ? 5   DG D "O3'"  1 
ATOM   949  C  "C2'"  . DG D 4 4  ? -14.013 5.616   9.275   1.00 89.50  ? 5   DG D "C2'"  1 
ATOM   950  C  "C1'"  . DG D 4 4  ? -12.973 4.490   9.358   1.00 82.82  ? 5   DG D "C1'"  1 
ATOM   951  N  N9     . DG D 4 4  ? -13.224 3.359   8.465   1.00 76.13  ? 5   DG D N9     1 
ATOM   952  C  C8     . DG D 4 4  ? -14.391 3.054   7.803   1.00 81.58  ? 5   DG D C8     1 
ATOM   953  N  N7     . DG D 4 4  ? -14.311 1.968   7.085   1.00 76.61  ? 5   DG D N7     1 
ATOM   954  C  C5     . DG D 4 4  ? -13.012 1.524   7.286   1.00 72.66  ? 5   DG D C5     1 
ATOM   955  C  C6     . DG D 4 4  ? -12.344 0.389   6.767   1.00 62.62  ? 5   DG D C6     1 
ATOM   956  O  O6     . DG D 4 4  ? -12.785 -0.473  5.996   1.00 58.64  ? 5   DG D O6     1 
ATOM   957  N  N1     . DG D 4 4  ? -11.032 0.310   7.226   1.00 59.13  ? 5   DG D N1     1 
ATOM   958  C  C2     . DG D 4 4  ? -10.441 1.214   8.079   1.00 74.98  ? 5   DG D C2     1 
ATOM   959  N  N2     . DG D 4 4  ? -9.167  0.973   8.414   1.00 84.36  ? 5   DG D N2     1 
ATOM   960  N  N3     . DG D 4 4  ? -11.057 2.279   8.572   1.00 71.06  ? 5   DG D N3     1 
ATOM   961  C  C4     . DG D 4 4  ? -12.333 2.370   8.135   1.00 73.74  ? 5   DG D C4     1 
ATOM   962  H  "H5'"  . DG D 4 4  ? -14.970 2.816   11.468  1.00 126.61 ? 5   DG D "H5'"  1 
ATOM   963  H  "H5''" . DG D 4 4  ? -15.765 3.916   12.281  1.00 126.61 ? 5   DG D "H5''" 1 
ATOM   964  H  "H4'"  . DG D 4 4  ? -13.743 4.810   12.345  1.00 118.40 ? 5   DG D "H4'"  1 
ATOM   965  H  "H3'"  . DG D 4 4  ? -15.185 6.256   10.855  1.00 110.13 ? 5   DG D "H3'"  1 
ATOM   966  H  "H2'"  . DG D 4 4  ? -14.826 5.301   8.853   1.00 107.84 ? 5   DG D "H2'"  1 
ATOM   967  H  "H2''" . DG D 4 4  ? -13.652 6.381   8.798   1.00 107.84 ? 5   DG D "H2''" 1 
ATOM   968  H  "H1'"  . DG D 4 4  ? -12.096 4.856   9.163   1.00 99.82  ? 5   DG D "H1'"  1 
ATOM   969  H  H8     . DG D 4 4  ? -15.160 3.572   7.860   1.00 98.34  ? 5   DG D H8     1 
ATOM   970  H  H1     . DG D 4 4  ? -10.554 -0.351  6.954   1.00 71.39  ? 5   DG D H1     1 
ATOM   971  H  H21    . DG D 4 4  ? -8.756  1.506   8.950   1.00 101.68 ? 5   DG D H21    1 
ATOM   972  H  H22    . DG D 4 4  ? -8.762  0.286   8.094   1.00 101.68 ? 5   DG D H22    1 
ATOM   973  P  P      . DA D 4 5  ? -13.652 8.491   10.873  1.00 103.39 ? 6   DA D P      1 
ATOM   974  O  OP1    . DA D 4 5  ? -14.141 9.132   12.114  1.00 106.17 ? 6   DA D OP1    1 
ATOM   975  O  OP2    . DA D 4 5  ? -14.474 8.534   9.644   1.00 98.34  ? 6   DA D OP2    1 
ATOM   976  O  "O5'"  . DA D 4 5  ? -12.200 9.066   10.529  1.00 93.20  ? 6   DA D "O5'"  1 
ATOM   977  C  "C5'"  . DA D 4 5  ? -11.287 9.323   11.583  1.00 97.18  ? 6   DA D "C5'"  1 
ATOM   978  C  "C4'"  . DA D 4 5  ? -9.928  8.717   11.291  1.00 84.73  ? 6   DA D "C4'"  1 
ATOM   979  O  "O4'"  . DA D 4 5  ? -10.093 7.498   10.510  1.00 78.88  ? 6   DA D "O4'"  1 
ATOM   980  C  "C3'"  . DA D 4 5  ? -8.994  9.604   10.476  1.00 86.54  ? 6   DA D "C3'"  1 
ATOM   981  O  "O3'"  . DA D 4 5  ? -7.646  9.443   10.918  1.00 87.88  ? 6   DA D "O3'"  1 
ATOM   982  C  "C2'"  . DA D 4 5  ? -9.216  9.098   9.059   1.00 75.69  ? 6   DA D "C2'"  1 
ATOM   983  C  "C1'"  . DA D 4 5  ? -9.369  7.609   9.299   1.00 71.00  ? 6   DA D "C1'"  1 
ATOM   984  N  N9     . DA D 4 5  ? -10.090 6.893   8.255   1.00 69.60  ? 6   DA D N9     1 
ATOM   985  C  C8     . DA D 4 5  ? -11.356 7.142   7.807   1.00 76.27  ? 6   DA D C8     1 
ATOM   986  N  N7     . DA D 4 5  ? -11.755 6.319   6.864   1.00 77.88  ? 6   DA D N7     1 
ATOM   987  C  C5     . DA D 4 5  ? -10.674 5.471   6.685   1.00 75.17  ? 6   DA D C5     1 
ATOM   988  C  C6     . DA D 4 5  ? -10.460 4.374   5.826   1.00 68.75  ? 6   DA D C6     1 
ATOM   989  N  N6     . DA D 4 5  ? -11.372 3.936   4.953   1.00 62.93  ? 6   DA D N6     1 
ATOM   990  N  N1     . DA D 4 5  ? -9.268  3.743   5.901   1.00 64.68  ? 6   DA D N1     1 
ATOM   991  C  C2     . DA D 4 5  ? -8.359  4.187   6.778   1.00 75.69  ? 6   DA D C2     1 
ATOM   992  N  N3     . DA D 4 5  ? -8.447  5.205   7.636   1.00 69.40  ? 6   DA D N3     1 
ATOM   993  C  C4     . DA D 4 5  ? -9.641  5.810   7.537   1.00 71.45  ? 6   DA D C4     1 
ATOM   994  H  "H5'"  . DA D 4 5  ? -11.635 8.942   12.405  1.00 117.06 ? 6   DA D "H5'"  1 
ATOM   995  H  "H5''" . DA D 4 5  ? -11.191 10.282  11.693  1.00 117.06 ? 6   DA D "H5''" 1 
ATOM   996  H  "H4'"  . DA D 4 5  ? -9.497  8.496   12.132  1.00 102.11 ? 6   DA D "H4'"  1 
ATOM   997  H  "H3'"  . DA D 4 5  ? -9.264  10.533  10.547  1.00 104.29 ? 6   DA D "H3'"  1 
ATOM   998  H  "H2'"  . DA D 4 5  ? -10.025 9.473   8.678   1.00 91.27  ? 6   DA D "H2'"  1 
ATOM   999  H  "H2''" . DA D 4 5  ? -8.446  9.282   8.499   1.00 91.27  ? 6   DA D "H2''" 1 
ATOM   1000 H  "H1'"  . DA D 4 5  ? -8.491  7.212   9.414   1.00 85.64  ? 6   DA D "H1'"  1 
ATOM   1001 H  H8     . DA D 4 5  ? -11.887 7.830   8.139   1.00 91.96  ? 6   DA D H8     1 
ATOM   1002 H  H61    . DA D 4 5  ? -11.195 3.264   4.447   1.00 75.96  ? 6   DA D H61    1 
ATOM   1003 H  H62    . DA D 4 5  ? -12.136 4.327   4.898   1.00 75.96  ? 6   DA D H62    1 
ATOM   1004 H  H2     . DA D 4 5  ? -7.555  3.720   6.792   1.00 91.27  ? 6   DA D H2     1 
ATOM   1005 P  P      . DG D 4 6  ? -6.508  10.480  10.462  1.00 87.02  ? 7   DG D P      1 
ATOM   1006 O  OP1    . DG D 4 6  ? -5.854  11.002  11.681  1.00 97.48  ? 7   DG D OP1    1 
ATOM   1007 O  OP2    . DG D 4 6  ? -7.130  11.407  9.492   1.00 86.18  ? 7   DG D OP2    1 
ATOM   1008 O  "O5'"  . DG D 4 6  ? -5.465  9.563   9.671   1.00 69.40  ? 7   DG D "O5'"  1 
ATOM   1009 C  "C5'"  . DG D 4 6  ? -5.948  8.677   8.691   1.00 70.48  ? 7   DG D "C5'"  1 
ATOM   1010 C  "C4'"  . DG D 4 6  ? -4.862  7.767   8.173   1.00 72.79  ? 7   DG D "C4'"  1 
ATOM   1011 O  "O4'"  . DG D 4 6  ? -5.477  6.731   7.368   1.00 66.47  ? 7   DG D "O4'"  1 
ATOM   1012 C  "C3'"  . DG D 4 6  ? -3.862  8.431   7.247   1.00 72.12  ? 7   DG D "C3'"  1 
ATOM   1013 O  "O3'"  . DG D 4 6  ? -2.635  7.696   7.201   1.00 85.30  ? 7   DG D "O3'"  1 
ATOM   1014 C  "C2'"  . DG D 4 6  ? -4.615  8.404   5.929   1.00 56.98  ? 7   DG D "C2'"  1 
ATOM   1015 C  "C1'"  . DG D 4 6  ? -5.343  7.059   5.995   1.00 62.79  ? 7   DG D "C1'"  1 
ATOM   1016 N  N9     . DG D 4 6  ? -6.663  7.076   5.369   1.00 63.83  ? 7   DG D N9     1 
ATOM   1017 C  C8     . DG D 4 6  ? -7.691  7.963   5.602   1.00 65.56  ? 7   DG D C8     1 
ATOM   1018 N  N7     . DG D 4 6  ? -8.750  7.733   4.872   1.00 56.17  ? 7   DG D N7     1 
ATOM   1019 C  C5     . DG D 4 6  ? -8.396  6.631   4.103   1.00 50.11  ? 7   DG D C5     1 
ATOM   1020 C  C6     . DG D 4 6  ? -9.134  5.927   3.125   1.00 55.86  ? 7   DG D C6     1 
ATOM   1021 O  O6     . DG D 4 6  ? -10.288 6.144   2.731   1.00 57.55  ? 7   DG D O6     1 
ATOM   1022 N  N1     . DG D 4 6  ? -8.400  4.869   2.582   1.00 51.47  ? 7   DG D N1     1 
ATOM   1023 C  C2     . DG D 4 6  ? -7.115  4.538   2.945   1.00 55.06  ? 7   DG D C2     1 
ATOM   1024 N  N2     . DG D 4 6  ? -6.565  3.490   2.314   1.00 38.28  ? 7   DG D N2     1 
ATOM   1025 N  N3     . DG D 4 6  ? -6.413  5.194   3.861   1.00 52.91  ? 7   DG D N3     1 
ATOM   1026 C  C4     . DG D 4 6  ? -7.114  6.223   4.395   1.00 51.82  ? 7   DG D C4     1 
ATOM   1027 H  "H5'"  . DG D 4 6  ? -6.309  9.190   7.951   1.00 85.02  ? 7   DG D "H5'"  1 
ATOM   1028 H  "H5''" . DG D 4 6  ? -6.656  8.137   9.075   1.00 85.02  ? 7   DG D "H5''" 1 
ATOM   1029 H  "H4'"  . DG D 4 6  ? -4.393  7.362   8.919   1.00 87.79  ? 7   DG D "H4'"  1 
ATOM   1030 H  "H3'"  . DG D 4 6  ? -3.701  9.346   7.525   1.00 86.98  ? 7   DG D "H3'"  1 
ATOM   1031 H  "H2'"  . DG D 4 6  ? -5.248  9.137   5.879   1.00 68.82  ? 7   DG D "H2'"  1 
ATOM   1032 H  "H2''" . DG D 4 6  ? -3.998  8.426   5.180   1.00 68.82  ? 7   DG D "H2''" 1 
ATOM   1033 H  "H1'"  . DG D 4 6  ? -4.798  6.384   5.561   1.00 75.79  ? 7   DG D "H1'"  1 
ATOM   1034 H  H8     . DG D 4 6  ? -7.639  8.655   6.222   1.00 79.11  ? 7   DG D H8     1 
ATOM   1035 H  H1     . DG D 4 6  ? -8.780  4.389   1.979   1.00 62.20  ? 7   DG D H1     1 
ATOM   1036 H  H21    . DG D 4 6  ? -5.764  3.241   2.510   1.00 46.38  ? 7   DG D H21    1 
ATOM   1037 H  H22    . DG D 4 6  ? -7.012  3.066   1.714   1.00 46.38  ? 7   DG D H22    1 
ATOM   1038 P  P      . DT D 4 7  ? -1.394  8.217   6.318   1.00 84.49  ? 8   DT D P      1 
ATOM   1039 O  OP1    . DT D 4 7  ? -0.209  8.312   7.202   1.00 80.78  ? 8   DT D OP1    1 
ATOM   1040 O  OP2    . DT D 4 7  ? -1.841  9.415   5.570   1.00 71.02  ? 8   DT D OP2    1 
ATOM   1041 O  "O5'"  . DT D 4 7  ? -1.164  7.041   5.257   1.00 66.00  ? 8   DT D "O5'"  1 
ATOM   1042 C  "C5'"  . DT D 4 7  ? -2.129  6.814   4.245   1.00 51.95  ? 8   DT D "C5'"  1 
ATOM   1043 C  "C4'"  . DT D 4 7  ? -1.796  5.591   3.426   1.00 44.92  ? 8   DT D "C4'"  1 
ATOM   1044 O  "O4'"  . DT D 4 7  ? -3.014  5.069   2.840   1.00 52.79  ? 8   DT D "O4'"  1 
ATOM   1045 C  "C3'"  . DT D 4 7  ? -0.866  5.841   2.257   1.00 49.07  ? 8   DT D "C3'"  1 
ATOM   1046 O  "O3'"  . DT D 4 7  ? -0.099  4.680   1.970   1.00 54.31  ? 8   DT D "O3'"  1 
ATOM   1047 C  "C2'"  . DT D 4 7  ? -1.828  6.206   1.129   1.00 43.45  ? 8   DT D "C2'"  1 
ATOM   1048 C  "C1'"  . DT D 4 7  ? -3.080  5.395   1.459   1.00 45.83  ? 8   DT D "C1'"  1 
ATOM   1049 N  N1     . DT D 4 7  ? -4.380  6.118   1.208   1.00 42.87  ? 8   DT D N1     1 
ATOM   1050 C  C2     . DT D 4 7  ? -5.286  5.591   0.306   1.00 48.68  ? 8   DT D C2     1 
ATOM   1051 O  O2     . DT D 4 7  ? -5.089  4.563   -0.324  1.00 48.06  ? 8   DT D O2     1 
ATOM   1052 N  N3     . DT D 4 7  ? -6.442  6.312   0.165   1.00 44.11  ? 8   DT D N3     1 
ATOM   1053 C  C4     . DT D 4 7  ? -6.782  7.477   0.821   1.00 43.23  ? 8   DT D C4     1 
ATOM   1054 O  O4     . DT D 4 7  ? -7.850  8.054   0.624   1.00 43.00  ? 8   DT D O4     1 
ATOM   1055 C  C5     . DT D 4 7  ? -5.800  7.970   1.755   1.00 33.17  ? 8   DT D C5     1 
ATOM   1056 C  C7     . DT D 4 7  ? -6.064  9.231   2.521   1.00 39.29  ? 8   DT D C7     1 
ATOM   1057 C  C6     . DT D 4 7  ? -4.660  7.274   1.907   1.00 31.63  ? 8   DT D C6     1 
ATOM   1058 H  "H5'"  . DT D 4 7  ? -2.161  7.587   3.660   1.00 62.78  ? 8   DT D "H5'"  1 
ATOM   1059 H  "H5''" . DT D 4 7  ? -2.998  6.692   4.658   1.00 62.78  ? 8   DT D "H5''" 1 
ATOM   1060 H  "H4'"  . DT D 4 7  ? -1.407  4.916   4.005   1.00 54.34  ? 8   DT D "H4'"  1 
ATOM   1061 H  "H3'"  . DT D 4 7  ? -0.281  6.590   2.452   1.00 59.33  ? 8   DT D "H3'"  1 
ATOM   1062 H  "H2'"  . DT D 4 7  ? -2.023  7.156   1.140   1.00 52.58  ? 8   DT D "H2'"  1 
ATOM   1063 H  "H2''" . DT D 4 7  ? -1.465  5.938   0.271   1.00 52.58  ? 8   DT D "H2''" 1 
ATOM   1064 H  "H1'"  . DT D 4 7  ? -3.070  4.575   0.941   1.00 55.43  ? 8   DT D "H1'"  1 
ATOM   1065 H  H3     . DT D 4 7  ? -7.021  6.002   -0.390  1.00 53.37  ? 8   DT D H3     1 
ATOM   1066 H  H71    . DT D 4 7  ? -6.045  9.040   3.472   1.00 47.59  ? 8   DT D H71    1 
ATOM   1067 H  H72    . DT D 4 7  ? -5.383  9.887   2.309   1.00 47.59  ? 8   DT D H72    1 
ATOM   1068 H  H73    . DT D 4 7  ? -6.935  9.580   2.278   1.00 47.59  ? 8   DT D H73    1 
ATOM   1069 H  H6     . DT D 4 7  ? -4.022  7.594   2.503   1.00 38.39  ? 8   DT D H6     1 
ATOM   1070 P  P      . DG D 4 8  ? 1.203   4.779   1.034   1.00 78.90  ? 9   DG D P      1 
ATOM   1071 O  OP1    . DG D 4 8  ? 1.949   3.505   1.170   1.00 53.70  ? 9   DG D OP1    1 
ATOM   1072 O  OP2    . DG D 4 8  ? 1.868   6.076   1.312   1.00 39.10  ? 9   DG D OP2    1 
ATOM   1073 O  "O5'"  . DG D 4 8  ? 0.601   4.831   -0.446  1.00 48.74  ? 9   DG D "O5'"  1 
ATOM   1074 C  "C5'"  . DG D 4 8  ? 0.676   3.686   -1.278  1.00 51.01  ? 9   DG D "C5'"  1 
ATOM   1075 C  "C4'"  . DG D 4 8  ? -0.419  3.708   -2.322  1.00 58.38  ? 9   DG D "C4'"  1 
ATOM   1076 O  "O4'"  . DG D 4 8  ? -1.473  4.581   -1.875  1.00 55.17  ? 9   DG D "O4'"  1 
ATOM   1077 C  "C3'"  . DG D 4 8  ? 0.000   4.241   -3.695  1.00 45.44  ? 9   DG D "C3'"  1 
ATOM   1078 O  "O3'"  . DG D 4 8  ? 0.031   3.189   -4.646  1.00 51.84  ? 9   DG D "O3'"  1 
ATOM   1079 C  "C2'"  . DG D 4 8  ? -1.059  5.295   -4.043  1.00 45.82  ? 9   DG D "C2'"  1 
ATOM   1080 C  "C1'"  . DG D 4 8  ? -2.135  5.082   -3.000  1.00 42.27  ? 9   DG D "C1'"  1 
ATOM   1081 N  N9     . DG D 4 8  ? -2.849  6.284   -2.606  1.00 36.65  ? 9   DG D N9     1 
ATOM   1082 C  C8     . DG D 4 8  ? -2.377  7.304   -1.820  1.00 43.81  ? 9   DG D C8     1 
ATOM   1083 N  N7     . DG D 4 8  ? -3.253  8.244   -1.609  1.00 42.97  ? 9   DG D N7     1 
ATOM   1084 C  C5     . DG D 4 8  ? -4.383  7.811   -2.291  1.00 45.69  ? 9   DG D C5     1 
ATOM   1085 C  C6     . DG D 4 8  ? -5.652  8.416   -2.424  1.00 50.14  ? 9   DG D C6     1 
ATOM   1086 O  O6     . DG D 4 8  ? -6.037  9.497   -1.953  1.00 53.45  ? 9   DG D O6     1 
ATOM   1087 N  N1     . DG D 4 8  ? -6.510  7.651   -3.211  1.00 38.49  ? 9   DG D N1     1 
ATOM   1088 C  C2     . DG D 4 8  ? -6.182  6.444   -3.782  1.00 39.30  ? 9   DG D C2     1 
ATOM   1089 N  N2     . DG D 4 8  ? -7.142  5.846   -4.501  1.00 35.99  ? 9   DG D N2     1 
ATOM   1090 N  N3     . DG D 4 8  ? -4.995  5.866   -3.663  1.00 38.60  ? 9   DG D N3     1 
ATOM   1091 C  C4     . DG D 4 8  ? -4.148  6.606   -2.909  1.00 38.12  ? 9   DG D C4     1 
ATOM   1092 H  "H5'"  . DG D 4 8  ? 0.581   2.888   -0.733  1.00 61.66  ? 9   DG D "H5'"  1 
ATOM   1093 H  "H5''" . DG D 4 8  ? 1.540   3.669   -1.721  1.00 61.66  ? 9   DG D "H5''" 1 
ATOM   1094 H  "H4'"  . DG D 4 8  ? -0.774  2.812   -2.426  1.00 70.50  ? 9   DG D "H4'"  1 
ATOM   1095 H  "H3'"  . DG D 4 8  ? 0.874   4.658   -3.634  1.00 54.97  ? 9   DG D "H3'"  1 
ATOM   1096 H  "H2'"  . DG D 4 8  ? -0.688  6.188   -3.970  1.00 55.43  ? 9   DG D "H2'"  1 
ATOM   1097 H  "H2''" . DG D 4 8  ? -1.412  5.142   -4.933  1.00 55.43  ? 9   DG D "H2''" 1 
ATOM   1098 H  "H1'"  . DG D 4 8  ? -2.769  4.421   -3.321  1.00 51.17  ? 9   DG D "H1'"  1 
ATOM   1099 H  H8     . DG D 4 8  ? -1.515  7.323   -1.473  1.00 53.01  ? 9   DG D H8     1 
ATOM   1100 H  H1     . DG D 4 8  ? -7.305  7.950   -3.340  1.00 46.63  ? 9   DG D H1     1 
ATOM   1101 H  H21    . DG D 4 8  ? -6.989  5.089   -4.879  1.00 43.64  ? 9   DG D H21    1 
ATOM   1102 H  H22    . DG D 4 8  ? -7.913  6.221   -4.585  1.00 43.64  ? 9   DG D H22    1 
ATOM   1103 P  P      . DG D 4 9  ? 1.268   2.164   -4.681  1.00 77.50  ? 10  DG D P      1 
ATOM   1104 O  OP1    . DG D 4 9  ? 1.099   1.322   -5.886  1.00 73.38  ? 10  DG D OP1    1 
ATOM   1105 O  OP2    . DG D 4 9  ? 1.389   1.529   -3.348  1.00 59.83  ? 10  DG D OP2    1 
ATOM   1106 O  "O5'"  . DG D 4 9  ? 2.537   3.106   -4.908  1.00 60.12  ? 10  DG D "O5'"  1 
ATOM   1107 C  "C5'"  . DG D 4 9  ? 2.732   3.734   -6.169  1.00 57.78  ? 10  DG D "C5'"  1 
ATOM   1108 C  "C4'"  . DG D 4 9  ? 4.211   3.862   -6.486  1.00 56.93  ? 10  DG D "C4'"  1 
ATOM   1109 O  "O4'"  . DG D 4 9  ? 4.897   4.506   -5.388  1.00 62.19  ? 10  DG D "O4'"  1 
ATOM   1110 C  "C3'"  . DG D 4 9  ? 4.940   2.550   -6.657  1.00 61.25  ? 10  DG D "C3'"  1 
ATOM   1111 O  "O3'"  . DG D 4 9  ? 4.760   2.040   -7.953  1.00 57.57  ? 10  DG D "O3'"  1 
ATOM   1112 C  "C2'"  . DG D 4 9  ? 6.381   2.941   -6.365  1.00 57.02  ? 10  DG D "C2'"  1 
ATOM   1113 C  "C1'"  . DG D 4 9  ? 6.225   4.017   -5.297  1.00 54.97  ? 10  DG D "C1'"  1 
ATOM   1114 N  N9     . DG D 4 9  ? 6.441   3.524   -3.947  1.00 48.00  ? 10  DG D N9     1 
ATOM   1115 C  C8     . DG D 4 9  ? 5.516   3.435   -2.937  1.00 51.27  ? 10  DG D C8     1 
ATOM   1116 N  N7     . DG D 4 9  ? 6.003   2.946   -1.829  1.00 50.83  ? 10  DG D N7     1 
ATOM   1117 C  C5     . DG D 4 9  ? 7.334   2.692   -2.132  1.00 54.01  ? 10  DG D C5     1 
ATOM   1118 C  C6     . DG D 4 9  ? 8.364   2.157   -1.328  1.00 52.51  ? 10  DG D C6     1 
ATOM   1119 O  O6     . DG D 4 9  ? 8.302   1.788   -0.149  1.00 51.60  ? 10  DG D O6     1 
ATOM   1120 N  N1     . DG D 4 9  ? 9.568   2.069   -2.023  1.00 62.51  ? 10  DG D N1     1 
ATOM   1121 C  C2     . DG D 4 9  ? 9.750   2.451   -3.334  1.00 69.54  ? 10  DG D C2     1 
ATOM   1122 N  N2     . DG D 4 9  ? 10.982  2.290   -3.837  1.00 74.23  ? 10  DG D N2     1 
ATOM   1123 N  N3     . DG D 4 9  ? 8.790   2.951   -4.098  1.00 58.35  ? 10  DG D N3     1 
ATOM   1124 C  C4     . DG D 4 9  ? 7.616   3.042   -3.432  1.00 55.16  ? 10  DG D C4     1 
ATOM   1125 H  "H5'"  . DG D 4 9  ? 2.333   4.617   -6.149  1.00 69.78  ? 10  DG D "H5'"  1 
ATOM   1126 H  "H5''" . DG D 4 9  ? 2.303   3.205   -6.858  1.00 69.78  ? 10  DG D "H5''" 1 
ATOM   1127 H  "H4'"  . DG D 4 9  ? 4.320   4.395   -7.288  1.00 68.76  ? 10  DG D "H4'"  1 
ATOM   1128 H  "H3'"  . DG D 4 9  ? 4.629   1.909   -5.999  1.00 73.94  ? 10  DG D "H3'"  1 
ATOM   1129 H  "H2'"  . DG D 4 9  ? 6.879   2.183   -6.019  1.00 68.86  ? 10  DG D "H2'"  1 
ATOM   1130 H  "H2''" . DG D 4 9  ? 6.806   3.302   -7.158  1.00 68.86  ? 10  DG D "H2''" 1 
ATOM   1131 H  "H1'"  . DG D 4 9  ? 6.845   4.740   -5.478  1.00 66.41  ? 10  DG D "H1'"  1 
ATOM   1132 H  H8     . DG D 4 9  ? 4.629   3.699   -3.031  1.00 61.97  ? 10  DG D H8     1 
ATOM   1133 H  H1     . DG D 4 9  ? 10.248  1.753   -1.602  1.00 75.46  ? 10  DG D H1     1 
ATOM   1134 H  H21    . DG D 4 9  ? 11.148  2.517   -4.650  1.00 89.52  ? 10  DG D H21    1 
ATOM   1135 H  H22    . DG D 4 9  ? 11.607  1.961   -3.346  1.00 89.52  ? 10  DG D H22    1 
ATOM   1136 P  P      . DG D 4 10 ? 4.309   0.516   -8.136  1.00 76.13  ? 11  DG D P      1 
ATOM   1137 O  OP1    . DG D 4 10 ? 3.868   0.342   -9.541  1.00 77.34  ? 11  DG D OP1    1 
ATOM   1138 O  OP2    . DG D 4 10 ? 3.395   0.197   -7.017  1.00 61.13  ? 11  DG D OP2    1 
ATOM   1139 O  "O5'"  . DG D 4 10 ? 5.658   -0.301  -7.885  1.00 72.45  ? 11  DG D "O5'"  1 
ATOM   1140 C  "C5'"  . DG D 4 10 ? 6.795   -0.031  -8.683  1.00 67.41  ? 11  DG D "C5'"  1 
ATOM   1141 C  "C4'"  . DG D 4 10 ? 8.070   -0.205  -7.886  1.00 63.28  ? 11  DG D "C4'"  1 
ATOM   1142 O  "O4'"  . DG D 4 10 ? 7.871   0.251   -6.536  1.00 59.21  ? 11  DG D "O4'"  1 
ATOM   1143 C  "C3'"  . DG D 4 10 ? 8.527   -1.635  -7.703  1.00 80.52  ? 11  DG D "C3'"  1 
ATOM   1144 O  "O3'"  . DG D 4 10 ? 9.249   -2.091  -8.831  1.00 89.83  ? 11  DG D "O3'"  1 
ATOM   1145 C  "C2'"  . DG D 4 10 ? 9.397   -1.553  -6.446  1.00 75.73  ? 11  DG D "C2'"  1 
ATOM   1146 C  "C1'"  . DG D 4 10 ? 8.894   -0.299  -5.731  1.00 62.87  ? 11  DG D "C1'"  1 
ATOM   1147 N  N9     . DG D 4 10 ? 8.371   -0.558  -4.393  1.00 67.22  ? 11  DG D N9     1 
ATOM   1148 C  C8     . DG D 4 10 ? 7.085   -0.366  -3.944  1.00 66.62  ? 11  DG D C8     1 
ATOM   1149 N  N7     . DG D 4 10 ? 6.922   -0.677  -2.684  1.00 48.30  ? 11  DG D N7     1 
ATOM   1150 C  C5     . DG D 4 10 ? 8.181   -1.100  -2.274  1.00 61.33  ? 11  DG D C5     1 
ATOM   1151 C  C6     . DG D 4 10 ? 8.624   -1.561  -1.008  1.00 69.15  ? 11  DG D C6     1 
ATOM   1152 O  O6     . DG D 4 10 ? 7.968   -1.694  0.035   1.00 66.11  ? 11  DG D O6     1 
ATOM   1153 N  N1     . DG D 4 10 ? 9.980   -1.887  -1.025  1.00 74.10  ? 11  DG D N1     1 
ATOM   1154 C  C2     . DG D 4 10 ? 10.801  -1.780  -2.125  1.00 80.21  ? 11  DG D C2     1 
ATOM   1155 N  N2     . DG D 4 10 ? 12.081  -2.139  -1.951  1.00 86.11  ? 11  DG D N2     1 
ATOM   1156 N  N3     . DG D 4 10 ? 10.397  -1.350  -3.314  1.00 67.61  ? 11  DG D N3     1 
ATOM   1157 C  C4     . DG D 4 10 ? 9.082   -1.030  -3.314  1.00 67.54  ? 11  DG D C4     1 
ATOM   1158 H  "H5'"  . DG D 4 10 ? 6.746   0.881   -9.009  1.00 81.33  ? 11  DG D "H5'"  1 
ATOM   1159 H  "H5''" . DG D 4 10 ? 6.806   -0.639  -9.438  1.00 81.33  ? 11  DG D "H5''" 1 
ATOM   1160 H  "H4'"  . DG D 4 10 ? 8.781   0.310   -8.297  1.00 76.38  ? 11  DG D "H4'"  1 
ATOM   1161 H  "H3'"  . DG D 4 10 ? 7.763   -2.209  -7.541  1.00 97.07  ? 11  DG D "H3'"  1 
ATOM   1162 H  "H2'"  . DG D 4 10 ? 9.266   -2.337  -5.891  1.00 91.32  ? 11  DG D "H2'"  1 
ATOM   1163 H  "H2''" . DG D 4 10 ? 10.332  -1.456  -6.686  1.00 91.32  ? 11  DG D "H2''" 1 
ATOM   1164 H  "H1'"  . DG D 4 10 ? 9.621   0.340   -5.667  1.00 75.89  ? 11  DG D "H1'"  1 
ATOM   1165 H  H8     . DG D 4 10 ? 6.398   -0.047  -4.484  1.00 80.39  ? 11  DG D H8     1 
ATOM   1166 H  H1     . DG D 4 10 ? 10.329  -2.176  -0.295  1.00 89.36  ? 11  DG D H1     1 
ATOM   1167 H  H21    . DG D 4 10 ? 12.635  -2.089  -2.608  1.00 103.77 ? 11  DG D H21    1 
ATOM   1168 H  H22    . DG D 4 10 ? 12.349  -2.419  -1.183  1.00 103.77 ? 11  DG D H22    1 
ATOM   1169 P  P      . DT D 4 11 ? 9.265   -3.659  -9.178  1.00 96.61  ? 12  DT D P      1 
ATOM   1170 O  OP1    . DT D 4 11 ? 8.605   -3.819  -10.497 1.00 77.46  ? 12  DT D OP1    1 
ATOM   1171 O  OP2    . DT D 4 11 ? 8.756   -4.374  -7.981  1.00 68.10  ? 12  DT D OP2    1 
ATOM   1172 O  "O5'"  . DT D 4 11 ? 10.821  -4.007  -9.326  1.00 89.50  ? 12  DT D "O5'"  1 
ATOM   1173 C  "C5'"  . DT D 4 11 ? 11.296  -5.308  -8.988  1.00 93.05  ? 12  DT D "C5'"  1 
ATOM   1174 C  "C4'"  . DT D 4 11 ? 12.018  -5.288  -7.654  1.00 85.15  ? 12  DT D "C4'"  1 
ATOM   1175 O  "O4'"  . DT D 4 11 ? 11.177  -4.684  -6.659  1.00 67.25  ? 12  DT D "O4'"  1 
ATOM   1176 C  "C3'"  . DT D 4 11 ? 12.367  -6.655  -7.077  1.00 106.94 ? 12  DT D "C3'"  1 
ATOM   1177 O  "O3'"  . DT D 4 11 ? 13.671  -7.071  -7.505  1.00 124.70 ? 12  DT D "O3'"  1 
ATOM   1178 C  "C2'"  . DT D 4 11 ? 12.289  -6.440  -5.557  1.00 88.41  ? 12  DT D "C2'"  1 
ATOM   1179 C  "C1'"  . DT D 4 11 ? 11.679  -5.051  -5.397  1.00 76.22  ? 12  DT D "C1'"  1 
ATOM   1180 N  N1     . DT D 4 11 ? 10.584  -4.996  -4.411  1.00 73.47  ? 12  DT D N1     1 
ATOM   1181 C  C2     . DT D 4 11 ? 10.841  -5.338  -3.106  1.00 83.58  ? 12  DT D C2     1 
ATOM   1182 O  O2     . DT D 4 11 ? 11.938  -5.697  -2.714  1.00 96.08  ? 12  DT D O2     1 
ATOM   1183 N  N3     . DT D 4 11 ? 9.762   -5.252  -2.271  1.00 81.13  ? 12  DT D N3     1 
ATOM   1184 C  C4     . DT D 4 11 ? 8.477   -4.863  -2.606  1.00 71.57  ? 12  DT D C4     1 
ATOM   1185 O  O4     . DT D 4 11 ? 7.568   -4.817  -1.785  1.00 63.13  ? 12  DT D O4     1 
ATOM   1186 C  C5     . DT D 4 11 ? 8.283   -4.516  -3.994  1.00 75.11  ? 12  DT D C5     1 
ATOM   1187 C  C7     . DT D 4 11 ? 6.937   -4.077  -4.483  1.00 82.10  ? 12  DT D C7     1 
ATOM   1188 C  C6     . DT D 4 11 ? 9.333   -4.603  -4.818  1.00 72.98  ? 12  DT D C6     1 
ATOM   1189 H  "H5'"  . DT D 4 11 ? 11.906  -5.615  -9.677  1.00 112.10 ? 12  DT D "H5'"  1 
ATOM   1190 H  "H5''" . DT D 4 11 ? 10.543  -5.918  -8.933  1.00 112.10 ? 12  DT D "H5''" 1 
ATOM   1191 H  "H4'"  . DT D 4 11 ? 12.831  -4.765  -7.743  1.00 102.62 ? 12  DT D "H4'"  1 
ATOM   1192 H  "H3'"  . DT D 4 11 ? 11.704  -7.308  -7.353  1.00 128.77 ? 12  DT D "H3'"  1 
ATOM   1193 H  "H2'"  . DT D 4 11 ? 11.717  -7.108  -5.150  1.00 106.54 ? 12  DT D "H2'"  1 
ATOM   1194 H  "H2''" . DT D 4 11 ? 13.175  -6.466  -5.165  1.00 106.54 ? 12  DT D "H2''" 1 
ATOM   1195 H  "H1'"  . DT D 4 11 ? 12.373  -4.425  -5.138  1.00 91.90  ? 12  DT D "H1'"  1 
ATOM   1196 H  H3     . DT D 4 11 ? 9.895   -5.464  -1.448  1.00 97.79  ? 12  DT D H3     1 
ATOM   1197 H  H71    . DT D 4 11 ? 7.003   -3.179  -4.848  1.00 98.96  ? 12  DT D H71    1 
ATOM   1198 H  H72    . DT D 4 11 ? 6.630   -4.685  -5.173  1.00 98.96  ? 12  DT D H72    1 
ATOM   1199 H  H73    . DT D 4 11 ? 6.307   -4.080  -3.745  1.00 98.96  ? 12  DT D H73    1 
ATOM   1200 H  H6     . DT D 4 11 ? 9.212   -4.376  -5.712  1.00 88.02  ? 12  DT D H6     1 
ATOM   1201 P  P      . DC D 4 12 ? 13.946  -8.589  -7.968  1.00 129.05 ? 13  DC D P      1 
ATOM   1202 O  OP1    . DC D 4 12 ? 14.903  -8.539  -9.095  1.00 133.19 ? 13  DC D OP1    1 
ATOM   1203 O  OP2    . DC D 4 12 ? 12.645  -9.267  -8.149  1.00 133.67 ? 13  DC D OP2    1 
ATOM   1204 O  "O5'"  . DC D 4 12 ? 14.675  -9.248  -6.705  1.00 112.90 ? 13  DC D "O5'"  1 
ATOM   1205 C  "C5'"  . DC D 4 12 ? 14.403  -8.753  -5.416  1.00 104.02 ? 13  DC D "C5'"  1 
ATOM   1206 C  "C4'"  . DC D 4 12 ? 15.094  -9.565  -4.345  1.00 124.17 ? 13  DC D "C4'"  1 
ATOM   1207 O  "O4'"  . DC D 4 12 ? 14.558  -9.176  -3.052  1.00 127.82 ? 13  DC D "O4'"  1 
ATOM   1208 C  "C3'"  . DC D 4 12 ? 14.869  -11.063 -4.420  1.00 142.56 ? 13  DC D "C3'"  1 
ATOM   1209 O  "O3'"  . DC D 4 12 ? 15.923  -11.768 -3.752  1.00 161.53 ? 13  DC D "O3'"  1 
ATOM   1210 C  "C2'"  . DC D 4 12 ? 13.528  -11.201 -3.718  1.00 144.55 ? 13  DC D "C2'"  1 
ATOM   1211 C  "C1'"  . DC D 4 12 ? 13.647  -10.166 -2.593  1.00 134.15 ? 13  DC D "C1'"  1 
ATOM   1212 N  N1     . DC D 4 12 ? 12.353  -9.499  -2.213  1.00 126.34 ? 13  DC D N1     1 
ATOM   1213 C  C2     . DC D 4 12 ? 12.054  -9.290  -0.860  1.00 122.63 ? 13  DC D C2     1 
ATOM   1214 O  O2     . DC D 4 12 ? 12.860  -9.657  0.003   1.00 116.83 ? 13  DC D O2     1 
ATOM   1215 N  N3     . DC D 4 12 ? 10.884  -8.687  -0.531  1.00 118.04 ? 13  DC D N3     1 
ATOM   1216 C  C4     . DC D 4 12 ? 10.039  -8.304  -1.488  1.00 121.12 ? 13  DC D C4     1 
ATOM   1217 N  N4     . DC D 4 12 ? 8.899   -7.715  -1.112  1.00 120.81 ? 13  DC D N4     1 
ATOM   1218 C  C5     . DC D 4 12 ? 10.323  -8.508  -2.871  1.00 110.58 ? 13  DC D C5     1 
ATOM   1219 C  C6     . DC D 4 12 ? 11.480  -9.099  -3.186  1.00 114.72 ? 13  DC D C6     1 
ATOM   1220 H  "H5'"  . DC D 4 12 ? 13.445  -8.779  -5.263  1.00 125.27 ? 13  DC D "H5'"  1 
ATOM   1221 H  "H5''" . DC D 4 12 ? 14.707  -7.834  -5.360  1.00 125.27 ? 13  DC D "H5''" 1 
ATOM   1222 H  "H4'"  . DC D 4 12 ? 16.046  -9.381  -4.365  1.00 149.45 ? 13  DC D "H4'"  1 
ATOM   1223 H  "H3'"  . DC D 4 12 ? 14.799  -11.348 -5.343  1.00 171.51 ? 13  DC D "H3'"  1 
ATOM   1224 H  "H2'"  . DC D 4 12 ? 12.800  -10.977 -4.318  1.00 173.91 ? 13  DC D "H2'"  1 
ATOM   1225 H  "H2''" . DC D 4 12 ? 13.419  -12.095 -3.355  1.00 173.91 ? 13  DC D "H2''" 1 
ATOM   1226 H  "H1'"  . DC D 4 12 ? 14.021  -10.596 -1.809  1.00 161.42 ? 13  DC D "H1'"  1 
ATOM   1227 H  H41    . DC D 4 12 ? 8.337   -7.449  -1.706  1.00 145.41 ? 13  DC D H41    1 
ATOM   1228 H  H42    . DC D 4 12 ? 8.727   -7.604  -0.278  1.00 145.41 ? 13  DC D H42    1 
ATOM   1229 H  H5     . DC D 4 12 ? 9.726   -8.237  -3.531  1.00 133.14 ? 13  DC D H5     1 
ATOM   1230 H  H6     . DC D 4 12 ? 11.689  -9.249  -4.080  1.00 138.10 ? 13  DC D H6     1 
ATOM   1231 P  P      . DT D 4 13 ? 16.072  -13.364 -3.890  1.00 173.26 ? 14  DT D P      1 
ATOM   1232 O  OP1    . DT D 4 13 ? 17.450  -13.649 -4.348  1.00 166.98 ? 14  DT D OP1    1 
ATOM   1233 O  OP2    . DT D 4 13 ? 14.919  -13.858 -4.675  1.00 169.80 ? 14  DT D OP2    1 
ATOM   1234 O  "O5'"  . DT D 4 13 ? 15.907  -13.895 -2.389  1.00 162.59 ? 14  DT D "O5'"  1 
ATOM   1235 C  "C5'"  . DT D 4 13 ? 14.780  -13.491 -1.630  1.00 154.55 ? 14  DT D "C5'"  1 
ATOM   1236 C  "C4'"  . DT D 4 13 ? 14.923  -13.863 -0.170  1.00 158.70 ? 14  DT D "C4'"  1 
ATOM   1237 O  "O4'"  . DT D 4 13 ? 13.946  -13.121 0.604   1.00 152.39 ? 14  DT D "O4'"  1 
ATOM   1238 C  "C3'"  . DT D 4 13 ? 14.644  -15.316 0.154   1.00 171.32 ? 14  DT D "C3'"  1 
ATOM   1239 O  "O3'"  . DT D 4 13 ? 15.304  -15.698 1.358   1.00 181.17 ? 14  DT D "O3'"  1 
ATOM   1240 C  "C2'"  . DT D 4 13 ? 13.128  -15.328 0.287   1.00 165.07 ? 14  DT D "C2'"  1 
ATOM   1241 C  "C1'"  . DT D 4 13 ? 12.834  -13.954 0.901   1.00 158.63 ? 14  DT D "C1'"  1 
ATOM   1242 N  N1     . DT D 4 13 ? 11.588  -13.298 0.381   1.00 149.38 ? 14  DT D N1     1 
ATOM   1243 C  C2     . DT D 4 13 ? 10.716  -12.712 1.271   1.00 145.18 ? 14  DT D C2     1 
ATOM   1244 O  O2     . DT D 4 13 ? 10.899  -12.700 2.477   1.00 142.01 ? 14  DT D O2     1 
ATOM   1245 N  N3     . DT D 4 13 ? 9.613   -12.136 0.698   1.00 138.36 ? 14  DT D N3     1 
ATOM   1246 C  C4     . DT D 4 13 ? 9.300   -12.087 -0.648  1.00 131.66 ? 14  DT D C4     1 
ATOM   1247 O  O4     . DT D 4 13 ? 8.282   -11.544 -1.065  1.00 125.66 ? 14  DT D O4     1 
ATOM   1248 C  C5     . DT D 4 13 ? 10.256  -12.719 -1.528  1.00 134.24 ? 14  DT D C5     1 
ATOM   1249 C  C7     . DT D 4 13 ? 10.024  -12.731 -3.010  1.00 132.64 ? 14  DT D C7     1 
ATOM   1250 C  C6     . DT D 4 13 ? 11.342  -13.285 -0.979  1.00 138.66 ? 14  DT D C6     1 
ATOM   1251 H  "H5'"  . DT D 4 13 ? 13.988  -13.919 -1.989  1.00 185.90 ? 14  DT D "H5'"  1 
ATOM   1252 H  "H5''" . DT D 4 13 ? 14.679  -12.529 -1.702  1.00 185.90 ? 14  DT D "H5''" 1 
ATOM   1253 H  "H4'"  . DT D 4 13 ? 15.815  -13.630 0.134   1.00 190.88 ? 14  DT D "H4'"  1 
ATOM   1254 H  "H3'"  . DT D 4 13 ? 14.924  -15.884 -0.581  1.00 206.03 ? 14  DT D "H3'"  1 
ATOM   1255 H  "H2'"  . DT D 4 13 ? 12.708  -15.412 -0.584  1.00 198.53 ? 14  DT D "H2'"  1 
ATOM   1256 H  "H2''" . DT D 4 13 ? 12.840  -16.039 0.880   1.00 198.53 ? 14  DT D "H2''" 1 
ATOM   1257 H  "H1'"  . DT D 4 13 ? 12.761  -14.050 1.864   1.00 190.80 ? 14  DT D "H1'"  1 
ATOM   1258 H  H3     . DT D 4 13 ? 9.054   -11.764 1.235   1.00 166.48 ? 14  DT D H3     1 
ATOM   1259 H  H71    . DT D 4 13 ? 10.756  -12.275 -3.455  1.00 159.61 ? 14  DT D H71    1 
ATOM   1260 H  H72    . DT D 4 13 ? 9.976   -13.647 -3.322  1.00 159.61 ? 14  DT D H72    1 
ATOM   1261 H  H73    . DT D 4 13 ? 9.192   -12.275 -3.210  1.00 159.61 ? 14  DT D H73    1 
ATOM   1262 H  H6     . DT D 4 13 ? 11.958  -13.694 -1.543  1.00 166.83 ? 14  DT D H6     1 
ATOM   1263 P  P      . DG D 4 14 ? 15.241  -17.217 1.876   1.00 195.04 ? 15  DG D P      1 
ATOM   1264 O  OP1    . DG D 4 14 ? 16.262  -17.377 2.935   1.00 193.36 ? 15  DG D OP1    1 
ATOM   1265 O  OP2    . DG D 4 14 ? 15.267  -18.095 0.685   1.00 183.36 ? 15  DG D OP2    1 
ATOM   1266 O  "O5'"  . DG D 4 14 ? 13.806  -17.324 2.571   1.00 174.06 ? 15  DG D "O5'"  1 
ATOM   1267 C  "C5'"  . DG D 4 14 ? 13.448  -16.417 3.609   1.00 161.92 ? 15  DG D "C5'"  1 
ATOM   1268 C  "C4'"  . DG D 4 14 ? 12.015  -16.643 4.052   1.00 156.98 ? 15  DG D "C4'"  1 
ATOM   1269 O  "O4'"  . DG D 4 14 ? 11.104  -15.985 3.121   1.00 157.30 ? 15  DG D "O4'"  1 
ATOM   1270 C  "C3'"  . DG D 4 14 ? 11.582  -18.119 4.094   1.00 153.69 ? 15  DG D "C3'"  1 
ATOM   1271 O  "O3'"  . DG D 4 14 ? 10.971  -18.438 5.337   1.00 154.31 ? 15  DG D "O3'"  1 
ATOM   1272 C  "C2'"  . DG D 4 14 ? 10.609  -18.234 2.932   1.00 146.13 ? 15  DG D "C2'"  1 
ATOM   1273 C  "C1'"  . DG D 4 14 ? 10.014  -16.843 2.895   1.00 148.99 ? 15  DG D "C1'"  1 
ATOM   1274 N  N9     . DG D 4 14 ? 9.352   -16.516 1.634   1.00 145.89 ? 15  DG D N9     1 
ATOM   1275 C  C8     . DG D 4 14 ? 9.739   -16.889 0.366   1.00 137.82 ? 15  DG D C8     1 
ATOM   1276 N  N7     . DG D 4 14 ? 8.929   -16.470 -0.567  1.00 128.78 ? 15  DG D N7     1 
ATOM   1277 C  C5     . DG D 4 14 ? 7.937   -15.787 0.126   1.00 131.41 ? 15  DG D C5     1 
ATOM   1278 C  C6     . DG D 4 14 ? 6.787   -15.115 -0.352  1.00 121.54 ? 15  DG D C6     1 
ATOM   1279 O  O6     . DG D 4 14 ? 6.406   -14.985 -1.524  1.00 119.79 ? 15  DG D O6     1 
ATOM   1280 N  N1     . DG D 4 14 ? 6.046   -14.556 0.688   1.00 119.41 ? 15  DG D N1     1 
ATOM   1281 C  C2     . DG D 4 14 ? 6.376   -14.638 2.021   1.00 126.96 ? 15  DG D C2     1 
ATOM   1282 N  N2     . DG D 4 14 ? 5.540   -14.039 2.880   1.00 123.63 ? 15  DG D N2     1 
ATOM   1283 N  N3     . DG D 4 14 ? 7.451   -15.264 2.481   1.00 134.37 ? 15  DG D N3     1 
ATOM   1284 C  C4     . DG D 4 14 ? 8.181   -15.814 1.481   1.00 139.81 ? 15  DG D C4     1 
ATOM   1285 H  "H5'"  . DG D 4 14 ? 13.542  -15.508 3.285   1.00 194.75 ? 15  DG D "H5'"  1 
ATOM   1286 H  "H5''" . DG D 4 14 ? 14.040  -16.549 4.366   1.00 194.75 ? 15  DG D "H5''" 1 
ATOM   1287 H  "H4'"  . DG D 4 14 ? 11.895  -16.256 4.934   1.00 188.82 ? 15  DG D "H4'"  1 
ATOM   1288 H  "H3'"  . DG D 4 14 ? 12.350  -18.693 3.943   1.00 184.87 ? 15  DG D "H3'"  1 
ATOM   1289 H  "H2'"  . DG D 4 14 ? 11.076  -18.433 2.106   1.00 175.79 ? 15  DG D "H2'"  1 
ATOM   1290 H  "H2''" . DG D 4 14 ? 9.926   -18.898 3.117   1.00 175.79 ? 15  DG D "H2''" 1 
ATOM   1291 H  "H1'"  . DG D 4 14 ? 9.378   -16.749 3.622   1.00 179.23 ? 15  DG D "H1'"  1 
ATOM   1292 H  H8     . DG D 4 14 ? 10.506  -17.385 0.192   1.00 165.82 ? 15  DG D H8     1 
ATOM   1293 H  H1     . DG D 4 14 ? 5.330   -14.128 0.481   1.00 143.73 ? 15  DG D H1     1 
ATOM   1294 H  H21    . DG D 4 14 ? 5.700   -14.065 3.725   1.00 148.80 ? 15  DG D H21    1 
ATOM   1295 H  H22    . DG D 4 14 ? 4.843   -13.628 2.587   1.00 148.80 ? 15  DG D H22    1 
ATOM   1296 P  P      . DC D 4 15 ? 10.654  -19.969 5.709   1.00 156.49 ? 16  DC D P      1 
ATOM   1297 O  OP1    . DC D 4 15 ? 11.951  -20.655 5.899   1.00 173.52 ? 16  DC D OP1    1 
ATOM   1298 O  OP2    . DC D 4 15 ? 9.694   -20.497 4.716   1.00 145.08 ? 16  DC D OP2    1 
ATOM   1299 O  "O5'"  . DC D 4 15 ? 9.904   -19.877 7.119   1.00 141.22 ? 16  DC D "O5'"  1 
ATOM   1300 C  "C5'"  . DC D 4 15 ? 8.571   -20.363 7.256   1.00 134.84 ? 16  DC D "C5'"  1 
ATOM   1301 C  "C4'"  . DC D 4 15 ? 7.558   -19.241 7.109   1.00 128.31 ? 16  DC D "C4'"  1 
ATOM   1302 O  "O4'"  . DC D 4 15 ? 7.744   -18.573 5.841   1.00 125.83 ? 16  DC D "O4'"  1 
ATOM   1303 C  "C3'"  . DC D 4 15 ? 6.108   -19.685 7.096   1.00 121.31 ? 16  DC D "C3'"  1 
ATOM   1304 O  "O3'"  . DC D 4 15 ? 5.601   -19.801 8.421   1.00 125.62 ? 16  DC D "O3'"  1 
ATOM   1305 C  "C2'"  . DC D 4 15 ? 5.409   -18.581 6.304   1.00 111.50 ? 16  DC D "C2'"  1 
ATOM   1306 C  "C1'"  . DC D 4 15 ? 6.521   -17.982 5.436   1.00 124.90 ? 16  DC D "C1'"  1 
ATOM   1307 N  N1     . DC D 4 15 ? 6.333   -18.231 3.982   1.00 129.48 ? 16  DC D N1     1 
ATOM   1308 C  C2     . DC D 4 15 ? 5.209   -17.713 3.329   1.00 124.26 ? 16  DC D C2     1 
ATOM   1309 O  O2     . DC D 4 15 ? 4.386   -17.052 3.976   1.00 121.63 ? 16  DC D O2     1 
ATOM   1310 N  N3     . DC D 4 15 ? 5.053   -17.952 2.003   1.00 121.73 ? 16  DC D N3     1 
ATOM   1311 C  C4     . DC D 4 15 ? 5.964   -18.669 1.343   1.00 124.81 ? 16  DC D C4     1 
ATOM   1312 N  N4     . DC D 4 15 ? 5.767   -18.882 0.038   1.00 116.08 ? 16  DC D N4     1 
ATOM   1313 C  C5     . DC D 4 15 ? 7.114   -19.205 1.993   1.00 129.48 ? 16  DC D C5     1 
ATOM   1314 C  C6     . DC D 4 15 ? 7.256   -18.964 3.300   1.00 132.52 ? 16  DC D C6     1 
ATOM   1315 H  "H5'"  . DC D 4 15 ? 8.470   -20.771 8.131   1.00 162.25 ? 16  DC D "H5'"  1 
ATOM   1316 H  "H5''" . DC D 4 15 ? 8.406   -21.032 6.573   1.00 162.25 ? 16  DC D "H5''" 1 
ATOM   1317 H  "H4'"  . DC D 4 15 ? 7.687   -18.600 7.826   1.00 154.42 ? 16  DC D "H4'"  1 
ATOM   1318 H  "H3'"  . DC D 4 15 ? 6.024   -20.532 6.632   1.00 146.01 ? 16  DC D "H3'"  1 
ATOM   1319 H  "HO3'" . DC D 4 15 ? 4.942   -19.338 8.660   1.00 151.19 ? 16  DC D "HO3'" 1 
ATOM   1320 H  "H2'"  . DC D 4 15 ? 4.708   -18.954 5.748   1.00 134.24 ? 16  DC D "H2'"  1 
ATOM   1321 H  "H2''" . DC D 4 15 ? 5.048   -17.910 6.904   1.00 134.24 ? 16  DC D "H2''" 1 
ATOM   1322 H  "H1'"  . DC D 4 15 ? 6.564   -17.025 5.590   1.00 150.32 ? 16  DC D "H1'"  1 
ATOM   1323 H  H41    . DC D 4 15 ? 6.332   -19.351 -0.411  1.00 139.73 ? 16  DC D H41    1 
ATOM   1324 H  H42    . DC D 4 15 ? 5.076   -18.551 -0.352  1.00 139.73 ? 16  DC D H42    1 
ATOM   1325 H  H5     . DC D 4 15 ? 7.742   -19.705 1.525   1.00 155.82 ? 16  DC D H5     1 
ATOM   1326 H  H6     . DC D 4 15 ? 7.997   -19.300 3.749   1.00 159.47 ? 16  DC D H6     1 
HETATM 1327 MG MG     . MG E 5 .  ? -5.276  15.115  -2.001  1.00 72.50  ? 101 MG B MG     1 
HETATM 1328 MG MG     . MG F 5 .  ? 3.949   -0.348  -0.643  1.00 42.88  ? 101 MG D MG     1 
# 
loop_
_pdbx_poly_seq_scheme.asym_id 
_pdbx_poly_seq_scheme.entity_id 
_pdbx_poly_seq_scheme.seq_id 
_pdbx_poly_seq_scheme.mon_id 
_pdbx_poly_seq_scheme.ndb_seq_num 
_pdbx_poly_seq_scheme.pdb_seq_num 
_pdbx_poly_seq_scheme.auth_seq_num 
_pdbx_poly_seq_scheme.pdb_mon_id 
_pdbx_poly_seq_scheme.auth_mon_id 
_pdbx_poly_seq_scheme.pdb_strand_id 
_pdbx_poly_seq_scheme.pdb_ins_code 
_pdbx_poly_seq_scheme.hetero 
A 1 1  DG 1  1  1  DG DG A . n 
A 1 2  DA 2  2  2  DA DA A . n 
A 1 3  DG 3  3  3  DG DG A . n 
A 1 4  DC 4  4  4  DC DC A . n 
A 1 5  DA 5  5  5  DA DA A . n 
A 1 6  DG 6  6  6  DG DG A . n 
A 1 7  DA 7  7  7  DA DA A . n 
A 1 8  DC 8  8  8  DC DC A . n 
A 1 9  DC 9  9  9  DC DC A . n 
A 1 10 DT 10 10 10 DT DT A . n 
A 1 11 DG 11 11 11 DG DG A . n 
A 1 12 DA 12 12 12 DA DA A . n 
B 2 1  DC 1  12 12 DC DC B . n 
B 2 2  DG 2  13 13 DG DG B . n 
B 2 3  DG 3  14 14 DG DG B . n 
B 2 4  DC 4  15 15 DC DC B . n 
B 2 5  DA 5  16 16 DA DA B . n 
B 2 6  DC 6  17 17 DC DC B . n 
B 2 7  DT 7  18 18 DT DT B . n 
B 2 8  DC 8  19 19 DC DC B . n 
B 2 9  DA 9  20 20 DA DA B . n 
C 3 1  DT 1  0  0  DT DT C . n 
C 3 2  DC 2  1  1  DC DC C . n 
C 3 3  DA 3  2  2  DA DA C . n 
C 3 4  DC 4  3  3  DC DC C . n 
C 3 5  DC 5  4  4  DC DC C . n 
C 3 6  DG 6  5  5  DG DG C . n 
D 4 1  DT 1  2  2  DT DT D . n 
D 4 2  DC 2  3  3  DC DC D . n 
D 4 3  DT 3  4  4  DT DT D . n 
D 4 4  DG 4  5  5  DG DG D . n 
D 4 5  DA 5  6  6  DA DA D . n 
D 4 6  DG 6  7  7  DG DG D . n 
D 4 7  DT 7  8  8  DT DT D . n 
D 4 8  DG 8  9  9  DG DG D . n 
D 4 9  DG 9  10 10 DG DG D . n 
D 4 10 DG 10 11 11 DG DG D . n 
D 4 11 DT 11 12 12 DT DT D . n 
D 4 12 DC 12 13 13 DC DC D . n 
D 4 13 DT 13 14 14 DT DT D . n 
D 4 14 DG 14 15 15 DG DG D . n 
D 4 15 DC 15 16 16 DC DC D . n 
# 
loop_
_pdbx_nonpoly_scheme.asym_id 
_pdbx_nonpoly_scheme.entity_id 
_pdbx_nonpoly_scheme.mon_id 
_pdbx_nonpoly_scheme.ndb_seq_num 
_pdbx_nonpoly_scheme.pdb_seq_num 
_pdbx_nonpoly_scheme.auth_seq_num 
_pdbx_nonpoly_scheme.pdb_mon_id 
_pdbx_nonpoly_scheme.auth_mon_id 
_pdbx_nonpoly_scheme.pdb_strand_id 
_pdbx_nonpoly_scheme.pdb_ins_code 
E 5 MG 1 101 2 MG MG B . 
F 5 MG 1 101 1 MG MG D . 
# 
_pdbx_struct_assembly.id                   1 
_pdbx_struct_assembly.details              author_defined_assembly 
_pdbx_struct_assembly.method_details       ? 
_pdbx_struct_assembly.oligomeric_details   tetrameric 
_pdbx_struct_assembly.oligomeric_count     4 
# 
_pdbx_struct_assembly_gen.assembly_id       1 
_pdbx_struct_assembly_gen.oper_expression   1 
_pdbx_struct_assembly_gen.asym_id_list      A,B,C,D,E,F 
# 
_pdbx_struct_oper_list.id                   1 
_pdbx_struct_oper_list.type                 'identity operation' 
_pdbx_struct_oper_list.name                 1_555 
_pdbx_struct_oper_list.symmetry_operation   x,y,z 
_pdbx_struct_oper_list.matrix[1][1]         1.0000000000 
_pdbx_struct_oper_list.matrix[1][2]         0.0000000000 
_pdbx_struct_oper_list.matrix[1][3]         0.0000000000 
_pdbx_struct_oper_list.vector[1]            0.0000000000 
_pdbx_struct_oper_list.matrix[2][1]         0.0000000000 
_pdbx_struct_oper_list.matrix[2][2]         1.0000000000 
_pdbx_struct_oper_list.matrix[2][3]         0.0000000000 
_pdbx_struct_oper_list.vector[2]            0.0000000000 
_pdbx_struct_oper_list.matrix[3][1]         0.0000000000 
_pdbx_struct_oper_list.matrix[3][2]         0.0000000000 
_pdbx_struct_oper_list.matrix[3][3]         1.0000000000 
_pdbx_struct_oper_list.vector[3]            0.0000000000 
# 
loop_
_pdbx_audit_revision_history.ordinal 
_pdbx_audit_revision_history.data_content_type 
_pdbx_audit_revision_history.major_revision 
_pdbx_audit_revision_history.minor_revision 
_pdbx_audit_revision_history.revision_date 
1 'Structure model' 1 0 2021-07-14 
2 'Structure model' 1 1 2022-07-06 
3 'Structure model' 1 2 2023-10-18 
# 
_pdbx_audit_revision_details.ordinal             1 
_pdbx_audit_revision_details.revision_ordinal    1 
_pdbx_audit_revision_details.data_content_type   'Structure model' 
_pdbx_audit_revision_details.provider            repository 
_pdbx_audit_revision_details.type                'Initial release' 
_pdbx_audit_revision_details.description         ? 
_pdbx_audit_revision_details.details             ? 
# 
loop_
_pdbx_audit_revision_group.ordinal 
_pdbx_audit_revision_group.revision_ordinal 
_pdbx_audit_revision_group.data_content_type 
_pdbx_audit_revision_group.group 
1 2 'Structure model' 'Database references'    
2 3 'Structure model' 'Data collection'        
3 3 'Structure model' 'Refinement description' 
# 
loop_
_pdbx_audit_revision_category.ordinal 
_pdbx_audit_revision_category.revision_ordinal 
_pdbx_audit_revision_category.data_content_type 
_pdbx_audit_revision_category.category 
1 2 'Structure model' citation                      
2 2 'Structure model' citation_author               
3 2 'Structure model' database_2                    
4 3 'Structure model' chem_comp_atom                
5 3 'Structure model' chem_comp_bond                
6 3 'Structure model' pdbx_initial_refinement_model 
# 
loop_
_pdbx_audit_revision_item.ordinal 
_pdbx_audit_revision_item.revision_ordinal 
_pdbx_audit_revision_item.data_content_type 
_pdbx_audit_revision_item.item 
1  2 'Structure model' '_citation.country'                   
2  2 'Structure model' '_citation.journal_abbrev'            
3  2 'Structure model' '_citation.journal_id_CSD'            
4  2 'Structure model' '_citation.journal_id_ISSN'           
5  2 'Structure model' '_citation.journal_volume'            
6  2 'Structure model' '_citation.page_first'                
7  2 'Structure model' '_citation.page_last'                 
8  2 'Structure model' '_citation.pdbx_database_id_DOI'      
9  2 'Structure model' '_citation.pdbx_database_id_PubMed'   
10 2 'Structure model' '_citation.title'                     
11 2 'Structure model' '_citation.year'                      
12 2 'Structure model' '_database_2.pdbx_DOI'                
13 2 'Structure model' '_database_2.pdbx_database_accession' 
# 
loop_
_software.citation_id 
_software.classification 
_software.compiler_name 
_software.compiler_version 
_software.contact_author 
_software.contact_author_email 
_software.date 
_software.description 
_software.dependencies 
_software.hardware 
_software.language 
_software.location 
_software.mods 
_software.name 
_software.os 
_software.os_version 
_software.type 
_software.version 
_software.pdbx_ordinal 
? 'data reduction'  ? ? ? ? ? ? ? ? ? ? ? HKL-2000    ? ? ? .           1 
? 'data scaling'    ? ? ? ? ? ? ? ? ? ? ? HKL-2000    ? ? ? .           2 
? refinement        ? ? ? ? ? ? ? ? ? ? ? PHENIX      ? ? ? 1.11.1_2575 3 
? 'data extraction' ? ? ? ? ? ? ? ? ? ? ? PDB_EXTRACT ? ? ? 3.25        4 
? phasing           ? ? ? ? ? ? ? ? ? ? ? PHASER      ? ? ? .           5 
# 
_pdbx_entry_details.entry_id                 7JH9 
_pdbx_entry_details.has_ligand_of_interest   N 
_pdbx_entry_details.compound_details         ? 
_pdbx_entry_details.source_details           ? 
_pdbx_entry_details.nonpolymer_details       ? 
_pdbx_entry_details.sequence_details         ? 
# 
_pdbx_validate_rmsd_angle.id                         1 
_pdbx_validate_rmsd_angle.PDB_model_num              1 
_pdbx_validate_rmsd_angle.auth_atom_id_1             "O4'" 
_pdbx_validate_rmsd_angle.auth_asym_id_1             D 
_pdbx_validate_rmsd_angle.auth_comp_id_1             DG 
_pdbx_validate_rmsd_angle.auth_seq_id_1              15 
_pdbx_validate_rmsd_angle.PDB_ins_code_1             ? 
_pdbx_validate_rmsd_angle.label_alt_id_1             ? 
_pdbx_validate_rmsd_angle.auth_atom_id_2             "C1'" 
_pdbx_validate_rmsd_angle.auth_asym_id_2             D 
_pdbx_validate_rmsd_angle.auth_comp_id_2             DG 
_pdbx_validate_rmsd_angle.auth_seq_id_2              15 
_pdbx_validate_rmsd_angle.PDB_ins_code_2             ? 
_pdbx_validate_rmsd_angle.label_alt_id_2             ? 
_pdbx_validate_rmsd_angle.auth_atom_id_3             N9 
_pdbx_validate_rmsd_angle.auth_asym_id_3             D 
_pdbx_validate_rmsd_angle.auth_comp_id_3             DG 
_pdbx_validate_rmsd_angle.auth_seq_id_3              15 
_pdbx_validate_rmsd_angle.PDB_ins_code_3             ? 
_pdbx_validate_rmsd_angle.label_alt_id_3             ? 
_pdbx_validate_rmsd_angle.angle_value                110.69 
_pdbx_validate_rmsd_angle.angle_target_value         108.30 
_pdbx_validate_rmsd_angle.angle_deviation            2.39 
_pdbx_validate_rmsd_angle.angle_standard_deviation   0.30 
_pdbx_validate_rmsd_angle.linker_flag                N 
# 
loop_
_chem_comp_atom.comp_id 
_chem_comp_atom.atom_id 
_chem_comp_atom.type_symbol 
_chem_comp_atom.pdbx_aromatic_flag 
_chem_comp_atom.pdbx_stereo_config 
_chem_comp_atom.pdbx_ordinal 
DA OP3    O  N N 1   
DA P      P  N N 2   
DA OP1    O  N N 3   
DA OP2    O  N N 4   
DA "O5'"  O  N N 5   
DA "C5'"  C  N N 6   
DA "C4'"  C  N R 7   
DA "O4'"  O  N N 8   
DA "C3'"  C  N S 9   
DA "O3'"  O  N N 10  
DA "C2'"  C  N N 11  
DA "C1'"  C  N R 12  
DA N9     N  Y N 13  
DA C8     C  Y N 14  
DA N7     N  Y N 15  
DA C5     C  Y N 16  
DA C6     C  Y N 17  
DA N6     N  N N 18  
DA N1     N  Y N 19  
DA C2     C  Y N 20  
DA N3     N  Y N 21  
DA C4     C  Y N 22  
DA HOP3   H  N N 23  
DA HOP2   H  N N 24  
DA "H5'"  H  N N 25  
DA "H5''" H  N N 26  
DA "H4'"  H  N N 27  
DA "H3'"  H  N N 28  
DA "HO3'" H  N N 29  
DA "H2'"  H  N N 30  
DA "H2''" H  N N 31  
DA "H1'"  H  N N 32  
DA H8     H  N N 33  
DA H61    H  N N 34  
DA H62    H  N N 35  
DA H2     H  N N 36  
DC OP3    O  N N 37  
DC P      P  N N 38  
DC OP1    O  N N 39  
DC OP2    O  N N 40  
DC "O5'"  O  N N 41  
DC "C5'"  C  N N 42  
DC "C4'"  C  N R 43  
DC "O4'"  O  N N 44  
DC "C3'"  C  N S 45  
DC "O3'"  O  N N 46  
DC "C2'"  C  N N 47  
DC "C1'"  C  N R 48  
DC N1     N  N N 49  
DC C2     C  N N 50  
DC O2     O  N N 51  
DC N3     N  N N 52  
DC C4     C  N N 53  
DC N4     N  N N 54  
DC C5     C  N N 55  
DC C6     C  N N 56  
DC HOP3   H  N N 57  
DC HOP2   H  N N 58  
DC "H5'"  H  N N 59  
DC "H5''" H  N N 60  
DC "H4'"  H  N N 61  
DC "H3'"  H  N N 62  
DC "HO3'" H  N N 63  
DC "H2'"  H  N N 64  
DC "H2''" H  N N 65  
DC "H1'"  H  N N 66  
DC H41    H  N N 67  
DC H42    H  N N 68  
DC H5     H  N N 69  
DC H6     H  N N 70  
DG OP3    O  N N 71  
DG P      P  N N 72  
DG OP1    O  N N 73  
DG OP2    O  N N 74  
DG "O5'"  O  N N 75  
DG "C5'"  C  N N 76  
DG "C4'"  C  N R 77  
DG "O4'"  O  N N 78  
DG "C3'"  C  N S 79  
DG "O3'"  O  N N 80  
DG "C2'"  C  N N 81  
DG "C1'"  C  N R 82  
DG N9     N  Y N 83  
DG C8     C  Y N 84  
DG N7     N  Y N 85  
DG C5     C  Y N 86  
DG C6     C  N N 87  
DG O6     O  N N 88  
DG N1     N  N N 89  
DG C2     C  N N 90  
DG N2     N  N N 91  
DG N3     N  N N 92  
DG C4     C  Y N 93  
DG HOP3   H  N N 94  
DG HOP2   H  N N 95  
DG "H5'"  H  N N 96  
DG "H5''" H  N N 97  
DG "H4'"  H  N N 98  
DG "H3'"  H  N N 99  
DG "HO3'" H  N N 100 
DG "H2'"  H  N N 101 
DG "H2''" H  N N 102 
DG "H1'"  H  N N 103 
DG H8     H  N N 104 
DG H1     H  N N 105 
DG H21    H  N N 106 
DG H22    H  N N 107 
DT OP3    O  N N 108 
DT P      P  N N 109 
DT OP1    O  N N 110 
DT OP2    O  N N 111 
DT "O5'"  O  N N 112 
DT "C5'"  C  N N 113 
DT "C4'"  C  N R 114 
DT "O4'"  O  N N 115 
DT "C3'"  C  N S 116 
DT "O3'"  O  N N 117 
DT "C2'"  C  N N 118 
DT "C1'"  C  N R 119 
DT N1     N  N N 120 
DT C2     C  N N 121 
DT O2     O  N N 122 
DT N3     N  N N 123 
DT C4     C  N N 124 
DT O4     O  N N 125 
DT C5     C  N N 126 
DT C7     C  N N 127 
DT C6     C  N N 128 
DT HOP3   H  N N 129 
DT HOP2   H  N N 130 
DT "H5'"  H  N N 131 
DT "H5''" H  N N 132 
DT "H4'"  H  N N 133 
DT "H3'"  H  N N 134 
DT "HO3'" H  N N 135 
DT "H2'"  H  N N 136 
DT "H2''" H  N N 137 
DT "H1'"  H  N N 138 
DT H3     H  N N 139 
DT H71    H  N N 140 
DT H72    H  N N 141 
DT H73    H  N N 142 
DT H6     H  N N 143 
MG MG     MG N N 144 
# 
loop_
_chem_comp_bond.comp_id 
_chem_comp_bond.atom_id_1 
_chem_comp_bond.atom_id_2 
_chem_comp_bond.value_order 
_chem_comp_bond.pdbx_aromatic_flag 
_chem_comp_bond.pdbx_stereo_config 
_chem_comp_bond.pdbx_ordinal 
DA OP3   P      sing N N 1   
DA OP3   HOP3   sing N N 2   
DA P     OP1    doub N N 3   
DA P     OP2    sing N N 4   
DA P     "O5'"  sing N N 5   
DA OP2   HOP2   sing N N 6   
DA "O5'" "C5'"  sing N N 7   
DA "C5'" "C4'"  sing N N 8   
DA "C5'" "H5'"  sing N N 9   
DA "C5'" "H5''" sing N N 10  
DA "C4'" "O4'"  sing N N 11  
DA "C4'" "C3'"  sing N N 12  
DA "C4'" "H4'"  sing N N 13  
DA "O4'" "C1'"  sing N N 14  
DA "C3'" "O3'"  sing N N 15  
DA "C3'" "C2'"  sing N N 16  
DA "C3'" "H3'"  sing N N 17  
DA "O3'" "HO3'" sing N N 18  
DA "C2'" "C1'"  sing N N 19  
DA "C2'" "H2'"  sing N N 20  
DA "C2'" "H2''" sing N N 21  
DA "C1'" N9     sing N N 22  
DA "C1'" "H1'"  sing N N 23  
DA N9    C8     sing Y N 24  
DA N9    C4     sing Y N 25  
DA C8    N7     doub Y N 26  
DA C8    H8     sing N N 27  
DA N7    C5     sing Y N 28  
DA C5    C6     sing Y N 29  
DA C5    C4     doub Y N 30  
DA C6    N6     sing N N 31  
DA C6    N1     doub Y N 32  
DA N6    H61    sing N N 33  
DA N6    H62    sing N N 34  
DA N1    C2     sing Y N 35  
DA C2    N3     doub Y N 36  
DA C2    H2     sing N N 37  
DA N3    C4     sing Y N 38  
DC OP3   P      sing N N 39  
DC OP3   HOP3   sing N N 40  
DC P     OP1    doub N N 41  
DC P     OP2    sing N N 42  
DC P     "O5'"  sing N N 43  
DC OP2   HOP2   sing N N 44  
DC "O5'" "C5'"  sing N N 45  
DC "C5'" "C4'"  sing N N 46  
DC "C5'" "H5'"  sing N N 47  
DC "C5'" "H5''" sing N N 48  
DC "C4'" "O4'"  sing N N 49  
DC "C4'" "C3'"  sing N N 50  
DC "C4'" "H4'"  sing N N 51  
DC "O4'" "C1'"  sing N N 52  
DC "C3'" "O3'"  sing N N 53  
DC "C3'" "C2'"  sing N N 54  
DC "C3'" "H3'"  sing N N 55  
DC "O3'" "HO3'" sing N N 56  
DC "C2'" "C1'"  sing N N 57  
DC "C2'" "H2'"  sing N N 58  
DC "C2'" "H2''" sing N N 59  
DC "C1'" N1     sing N N 60  
DC "C1'" "H1'"  sing N N 61  
DC N1    C2     sing N N 62  
DC N1    C6     sing N N 63  
DC C2    O2     doub N N 64  
DC C2    N3     sing N N 65  
DC N3    C4     doub N N 66  
DC C4    N4     sing N N 67  
DC C4    C5     sing N N 68  
DC N4    H41    sing N N 69  
DC N4    H42    sing N N 70  
DC C5    C6     doub N N 71  
DC C5    H5     sing N N 72  
DC C6    H6     sing N N 73  
DG OP3   P      sing N N 74  
DG OP3   HOP3   sing N N 75  
DG P     OP1    doub N N 76  
DG P     OP2    sing N N 77  
DG P     "O5'"  sing N N 78  
DG OP2   HOP2   sing N N 79  
DG "O5'" "C5'"  sing N N 80  
DG "C5'" "C4'"  sing N N 81  
DG "C5'" "H5'"  sing N N 82  
DG "C5'" "H5''" sing N N 83  
DG "C4'" "O4'"  sing N N 84  
DG "C4'" "C3'"  sing N N 85  
DG "C4'" "H4'"  sing N N 86  
DG "O4'" "C1'"  sing N N 87  
DG "C3'" "O3'"  sing N N 88  
DG "C3'" "C2'"  sing N N 89  
DG "C3'" "H3'"  sing N N 90  
DG "O3'" "HO3'" sing N N 91  
DG "C2'" "C1'"  sing N N 92  
DG "C2'" "H2'"  sing N N 93  
DG "C2'" "H2''" sing N N 94  
DG "C1'" N9     sing N N 95  
DG "C1'" "H1'"  sing N N 96  
DG N9    C8     sing Y N 97  
DG N9    C4     sing Y N 98  
DG C8    N7     doub Y N 99  
DG C8    H8     sing N N 100 
DG N7    C5     sing Y N 101 
DG C5    C6     sing N N 102 
DG C5    C4     doub Y N 103 
DG C6    O6     doub N N 104 
DG C6    N1     sing N N 105 
DG N1    C2     sing N N 106 
DG N1    H1     sing N N 107 
DG C2    N2     sing N N 108 
DG C2    N3     doub N N 109 
DG N2    H21    sing N N 110 
DG N2    H22    sing N N 111 
DG N3    C4     sing N N 112 
DT OP3   P      sing N N 113 
DT OP3   HOP3   sing N N 114 
DT P     OP1    doub N N 115 
DT P     OP2    sing N N 116 
DT P     "O5'"  sing N N 117 
DT OP2   HOP2   sing N N 118 
DT "O5'" "C5'"  sing N N 119 
DT "C5'" "C4'"  sing N N 120 
DT "C5'" "H5'"  sing N N 121 
DT "C5'" "H5''" sing N N 122 
DT "C4'" "O4'"  sing N N 123 
DT "C4'" "C3'"  sing N N 124 
DT "C4'" "H4'"  sing N N 125 
DT "O4'" "C1'"  sing N N 126 
DT "C3'" "O3'"  sing N N 127 
DT "C3'" "C2'"  sing N N 128 
DT "C3'" "H3'"  sing N N 129 
DT "O3'" "HO3'" sing N N 130 
DT "C2'" "C1'"  sing N N 131 
DT "C2'" "H2'"  sing N N 132 
DT "C2'" "H2''" sing N N 133 
DT "C1'" N1     sing N N 134 
DT "C1'" "H1'"  sing N N 135 
DT N1    C2     sing N N 136 
DT N1    C6     sing N N 137 
DT C2    O2     doub N N 138 
DT C2    N3     sing N N 139 
DT N3    C4     sing N N 140 
DT N3    H3     sing N N 141 
DT C4    O4     doub N N 142 
DT C4    C5     sing N N 143 
DT C5    C7     sing N N 144 
DT C5    C6     doub N N 145 
DT C7    H71    sing N N 146 
DT C7    H72    sing N N 147 
DT C7    H73    sing N N 148 
DT C6    H6     sing N N 149 
# 
loop_
_ndb_struct_conf_na.entry_id 
_ndb_struct_conf_na.feature 
7JH9 'double helix'        
7JH9 'a-form double helix' 
7JH9 'b-form double helix' 
# 
loop_
_ndb_struct_na_base_pair.model_number 
_ndb_struct_na_base_pair.i_label_asym_id 
_ndb_struct_na_base_pair.i_label_comp_id 
_ndb_struct_na_base_pair.i_label_seq_id 
_ndb_struct_na_base_pair.i_symmetry 
_ndb_struct_na_base_pair.j_label_asym_id 
_ndb_struct_na_base_pair.j_label_comp_id 
_ndb_struct_na_base_pair.j_label_seq_id 
_ndb_struct_na_base_pair.j_symmetry 
_ndb_struct_na_base_pair.shear 
_ndb_struct_na_base_pair.stretch 
_ndb_struct_na_base_pair.stagger 
_ndb_struct_na_base_pair.buckle 
_ndb_struct_na_base_pair.propeller 
_ndb_struct_na_base_pair.opening 
_ndb_struct_na_base_pair.pair_number 
_ndb_struct_na_base_pair.pair_name 
_ndb_struct_na_base_pair.i_auth_asym_id 
_ndb_struct_na_base_pair.i_auth_seq_id 
_ndb_struct_na_base_pair.i_PDB_ins_code 
_ndb_struct_na_base_pair.j_auth_asym_id 
_ndb_struct_na_base_pair.j_auth_seq_id 
_ndb_struct_na_base_pair.j_PDB_ins_code 
_ndb_struct_na_base_pair.hbond_type_28 
_ndb_struct_na_base_pair.hbond_type_12 
1 A DG 3  1_555 D DC 15 1_555 1.686  0.498  0.700  0.678   -32.665 -6.427  1  A_DG3:DC16_D A 3  ? D 16 ? ?  1 
1 A DC 4  1_555 D DG 14 1_555 0.770  -0.219 0.656  -19.149 -19.485 0.592   2  A_DC4:DG15_D A 4  ? D 15 ? 19 1 
1 A DA 5  1_555 D DT 13 1_555 1.064  0.125  -0.356 -18.085 -7.396  -14.856 3  A_DA5:DT14_D A 5  ? D 14 ? 20 1 
1 A DG 6  1_555 D DC 12 1_555 0.657  0.164  -0.666 -12.805 4.390   -20.618 4  A_DG6:DC13_D A 6  ? D 13 ? ?  1 
1 A DA 7  1_555 D DT 11 1_555 0.211  0.363  0.393  9.256   -0.171  -9.073  5  A_DA7:DT12_D A 7  ? D 12 ? 20 1 
1 A DC 8  1_555 D DG 10 1_555 0.452  -0.329 -0.205 14.679  -7.701  -4.603  6  A_DC8:DG11_D A 8  ? D 11 ? 19 1 
1 A DC 9  1_555 D DG 9  1_555 0.073  -0.415 0.236  -0.440  -3.612  -3.490  7  A_DC9:DG10_D A 9  ? D 10 ? 19 1 
1 A DT 10 1_555 C DA 3  1_555 -1.967 0.074  0.743  -0.563  -8.409  3.089   8  A_DT10:DA2_C A 10 ? C 2  ? 20 1 
1 A DG 11 1_555 C DC 2  1_555 0.259  0.272  0.777  6.213   -7.116  1.917   9  A_DG11:DC1_C A 11 ? C 1  ? 19 1 
1 A DA 12 1_555 C DT 1  1_555 1.805  -0.029 0.859  6.259   -13.677 -7.663  10 A_DA12:DT0_C A 12 ? C 0  ? 20 1 
1 B DC 1  1_555 C DG 6  1_555 -1.222 0.555  0.489  -0.878  -1.336  -16.327 11 B_DC12:DG5_C B 12 ? C 5  ? ?  1 
1 B DG 2  1_555 C DC 5  1_555 0.526  -0.259 -0.006 3.342   1.808   -10.082 12 B_DG13:DC4_C B 13 ? C 4  ? 19 1 
1 B DG 3  1_555 C DC 4  1_555 0.620  0.158  -0.004 8.706   -0.110  7.236   13 B_DG14:DC3_C B 14 ? C 3  ? 19 1 
1 B DC 4  1_555 D DG 8  1_555 -0.289 0.282  -0.060 12.750  -6.978  3.533   14 B_DC15:DG9_D B 15 ? D 9  ? 19 1 
1 B DA 5  1_555 D DT 7  1_555 0.861  -0.113 0.244  16.843  -12.756 3.123   15 B_DA16:DT8_D B 16 ? D 8  ? 20 1 
1 B DC 6  1_555 D DG 6  1_555 -0.267 -0.345 -0.139 9.468   -10.722 -2.319  16 B_DC17:DG7_D B 17 ? D 7  ? 19 1 
1 B DT 7  1_555 D DA 5  1_555 -0.286 -0.211 -0.501 10.208  -14.392 -6.283  17 B_DT18:DA6_D B 18 ? D 6  ? 20 1 
1 B DC 8  1_555 D DG 4  1_555 -0.818 0.326  -1.008 18.367  -9.305  10.397  18 B_DC19:DG5_D B 19 ? D 5  ? 19 1 
# 
loop_
_ndb_struct_na_base_pair_step.model_number 
_ndb_struct_na_base_pair_step.i_label_asym_id_1 
_ndb_struct_na_base_pair_step.i_label_comp_id_1 
_ndb_struct_na_base_pair_step.i_label_seq_id_1 
_ndb_struct_na_base_pair_step.i_symmetry_1 
_ndb_struct_na_base_pair_step.j_label_asym_id_1 
_ndb_struct_na_base_pair_step.j_label_comp_id_1 
_ndb_struct_na_base_pair_step.j_label_seq_id_1 
_ndb_struct_na_base_pair_step.j_symmetry_1 
_ndb_struct_na_base_pair_step.i_label_asym_id_2 
_ndb_struct_na_base_pair_step.i_label_comp_id_2 
_ndb_struct_na_base_pair_step.i_label_seq_id_2 
_ndb_struct_na_base_pair_step.i_symmetry_2 
_ndb_struct_na_base_pair_step.j_label_asym_id_2 
_ndb_struct_na_base_pair_step.j_label_comp_id_2 
_ndb_struct_na_base_pair_step.j_label_seq_id_2 
_ndb_struct_na_base_pair_step.j_symmetry_2 
_ndb_struct_na_base_pair_step.shift 
_ndb_struct_na_base_pair_step.slide 
_ndb_struct_na_base_pair_step.rise 
_ndb_struct_na_base_pair_step.tilt 
_ndb_struct_na_base_pair_step.roll 
_ndb_struct_na_base_pair_step.twist 
_ndb_struct_na_base_pair_step.x_displacement 
_ndb_struct_na_base_pair_step.y_displacement 
_ndb_struct_na_base_pair_step.helical_rise 
_ndb_struct_na_base_pair_step.inclination 
_ndb_struct_na_base_pair_step.tip 
_ndb_struct_na_base_pair_step.helical_twist 
_ndb_struct_na_base_pair_step.step_number 
_ndb_struct_na_base_pair_step.step_name 
_ndb_struct_na_base_pair_step.i_auth_asym_id_1 
_ndb_struct_na_base_pair_step.i_auth_seq_id_1 
_ndb_struct_na_base_pair_step.i_PDB_ins_code_1 
_ndb_struct_na_base_pair_step.j_auth_asym_id_1 
_ndb_struct_na_base_pair_step.j_auth_seq_id_1 
_ndb_struct_na_base_pair_step.j_PDB_ins_code_1 
_ndb_struct_na_base_pair_step.i_auth_asym_id_2 
_ndb_struct_na_base_pair_step.i_auth_seq_id_2 
_ndb_struct_na_base_pair_step.i_PDB_ins_code_2 
_ndb_struct_na_base_pair_step.j_auth_asym_id_2 
_ndb_struct_na_base_pair_step.j_auth_seq_id_2 
_ndb_struct_na_base_pair_step.j_PDB_ins_code_2 
1 A DG 3  1_555 D DC 15 1_555 A DC 4  1_555 D DG 14 1_555 0.322  -0.535 3.627 1.611  -3.130 33.741 -0.354 -0.262 3.672 -5.375 
-2.767  33.919 1  AA_DG3DC4:DG15DC16_DD A 3  ? D 16 ? A 4  ? D 15 ? 
1 A DC 4  1_555 D DG 14 1_555 A DA 5  1_555 D DT 13 1_555 -1.551 -0.095 3.515 2.031  1.460  30.693 -0.481 3.341  3.400 2.753  
-3.829  30.792 2  AA_DC4DA5:DT14DG15_DD A 4  ? D 15 ? A 5  ? D 14 ? 
1 A DA 5  1_555 D DT 13 1_555 A DG 6  1_555 D DC 12 1_555 -0.432 -0.602 3.294 -1.078 1.651  31.152 -1.433 0.596  3.271 3.070  
2.006   31.213 3  AA_DA5DG6:DC13DT14_DD A 5  ? D 14 ? A 6  ? D 13 ? 
1 A DG 6  1_555 D DC 12 1_555 A DA 7  1_555 D DT 11 1_555 0.947  -1.032 2.549 -6.946 5.872  35.579 -2.226 -2.197 2.141 9.420  
11.144  36.687 4  AA_DG6DA7:DT12DC13_DD A 6  ? D 13 ? A 7  ? D 12 ? 
1 A DA 7  1_555 D DT 11 1_555 A DC 8  1_555 D DG 10 1_555 0.571  -1.093 3.219 0.499  0.986  32.649 -2.110 -0.931 3.194 1.754  
-0.887  32.667 5  AA_DA7DC8:DG11DT12_DD A 7  ? D 12 ? A 8  ? D 11 ? 
1 A DC 8  1_555 D DG 10 1_555 A DC 9  1_555 D DG 9  1_555 -0.887 -1.761 3.660 -8.083 5.099  31.394 -4.096 0.025  3.455 9.161  
14.522  32.782 6  AA_DC8DC9:DG10DG11_DD A 8  ? D 11 ? A 9  ? D 10 ? 
1 A DC 9  1_555 D DG 9  1_555 A DT 10 1_555 C DA 3  1_555 -1.096 -2.150 3.225 -2.842 -1.866 14.752 -6.549 1.706  3.612 -7.143 
10.882  15.137 7  AA_DC9DT10:DA2DG10_CD A 9  ? D 10 ? A 10 ? C 2  ? 
1 A DT 10 1_555 C DA 3  1_555 A DG 11 1_555 C DC 2  1_555 -0.059 0.743  3.415 -1.808 -2.026 37.436 1.430  -0.153 3.371 -3.151 
2.813   37.530 8  AA_DT10DG11:DC1DA2_CC A 10 ? C 2  ? A 11 ? C 1  ? 
1 A DG 11 1_555 C DC 2  1_555 A DA 12 1_555 C DT 1  1_555 -0.497 -0.011 3.227 0.560  4.621  48.826 -0.357 0.641  3.208 5.575  
-0.675  49.034 9  AA_DG11DA12:DT0DC1_CC A 11 ? C 1  ? A 12 ? C 0  ? 
1 B DC 1  1_555 C DG 6  1_555 B DG 2  1_555 C DC 5  1_555 -0.041 -0.508 3.344 -0.937 1.357  38.917 -0.930 -0.055 3.325 2.035  
1.406   38.950 10 BB_DC12DG13:DC4DG5_CC B 12 ? C 5  ? B 13 ? C 4  ? 
1 B DG 2  1_555 C DC 5  1_555 B DG 3  1_555 C DC 4  1_555 0.401  -0.862 3.138 -3.707 4.245  35.087 -1.995 -1.165 2.961 6.986  
6.100   35.523 11 BB_DG13DG14:DC3DC4_CC B 13 ? C 4  ? B 14 ? C 3  ? 
1 B DG 3  1_555 C DC 4  1_555 B DC 4  1_555 D DG 8  1_555 -1.470 -1.091 3.020 -0.706 4.280  22.887 -4.024 3.423  2.815 10.664 
1.759   23.289 12 BB_DG14DC15:DG9DC3_DC B 14 ? C 3  ? B 15 ? D 9  ? 
1 B DC 4  1_555 D DG 8  1_555 B DA 5  1_555 D DT 7  1_555 -0.306 0.807  3.222 -2.862 -1.054 39.175 1.324  0.119  3.213 -1.570 
4.260   39.289 13 BB_DC15DA16:DT8DG9_DD B 15 ? D 9  ? B 16 ? D 8  ? 
1 B DA 5  1_555 D DT 7  1_555 B DC 6  1_555 D DG 6  1_555 0.222  -0.970 3.264 -1.462 -1.326 29.892 -1.601 -0.731 3.288 -2.566 
2.830   29.955 14 BB_DA16DC17:DG7DT8_DD B 16 ? D 8  ? B 17 ? D 7  ? 
1 B DC 6  1_555 D DG 6  1_555 B DT 7  1_555 D DA 5  1_555 -0.370 -0.709 3.270 3.728  2.258  38.502 -1.343 1.010  3.177 3.411  
-5.631  38.738 15 BB_DC17DT18:DA6DG7_DD B 17 ? D 7  ? B 18 ? D 6  ? 
1 B DT 7  1_555 D DA 5  1_555 B DC 8  1_555 D DG 4  1_555 1.372  2.210  3.085 10.655 -0.338 33.184 3.747  -0.662 3.332 -0.574 
-18.084 34.809 16 BB_DT18DC19:DG5DA6_DD B 18 ? D 6  ? B 19 ? D 5  ? 
# 
loop_
_pdbx_audit_support.funding_organization 
_pdbx_audit_support.country 
_pdbx_audit_support.grant_number 
_pdbx_audit_support.ordinal 
'National Science Foundation (NSF, United States)'                                         'United States' 1360635     1 
'National Institutes of Health/National Institute of General Medical Sciences (NIH/NIGMS)' 'United States' R01GM104960 2 
'National Science Foundation (NSF, United States)'                                         'United States' NSF2004250  3 
# 
_pdbx_entity_nonpoly.entity_id   5 
_pdbx_entity_nonpoly.name        'MAGNESIUM ION' 
_pdbx_entity_nonpoly.comp_id     MG 
# 
_pdbx_initial_refinement_model.id               1 
_pdbx_initial_refinement_model.entity_id_list   ? 
_pdbx_initial_refinement_model.type             'experimental model' 
_pdbx_initial_refinement_model.source_name      PDB 
_pdbx_initial_refinement_model.accession_code   6XNA 
_pdbx_initial_refinement_model.details          ? 
# 
_pdbx_struct_assembly_auth_evidence.id                     1 
_pdbx_struct_assembly_auth_evidence.assembly_id            1 
_pdbx_struct_assembly_auth_evidence.experimental_support   none 
_pdbx_struct_assembly_auth_evidence.details                ? 
# 
